data_3AO0
#
_entry.id   3AO0
#
_cell.length_a   243.850
_cell.length_b   243.850
_cell.length_c   76.806
_cell.angle_alpha   90.00
_cell.angle_beta   90.00
_cell.angle_gamma   120.00
#
_symmetry.space_group_name_H-M   'P 63'
#
loop_
_entity.id
_entity.type
_entity.pdbx_description
1 polymer 'Ethanolamine ammonia-lyase heavy chain'
2 polymer 'Ethanolamine ammonia-lyase light chain'
3 non-polymer (2S)-2-aminopropan-1-ol
4 non-polymer COBALAMIN
5 non-polymer 'SODIUM ION'
6 water water
#
loop_
_entity_poly.entity_id
_entity_poly.type
_entity_poly.pdbx_seq_one_letter_code
_entity_poly.pdbx_strand_id
1 'polypeptide(L)'
;MKLKTTLFGNVYQFKDVKEVLAKANELRSGDVLAGVAAASSQERVAAKQVLSEMTVADIRNNPVIAYEDDCVTRLIQDDV
NETAYNQIKNWSISELREYVLSDETSVDDIAFTRKGLTSEVVAAVAKICSNADLIYGAKKMPVIKKANTTIGIPGTFSAR
LQPNDTRDDVQSIAAQIYEGLSFGVGDAVIGVNPVTDDVENLSRVLDTIYGVIDKFNIPTQGCVLAHVTTQIEAIRRGAP
GGLIFQSICGSEKGLKEFGVELAMLDEARAVGAEFNRIAGENCLYFETGQGSALSAGANFGADQVTMEARNYGLARHYDP
FIVNTVVGFIGPEYLYNDRQIIRAGLEDHFMGKLSGISMGCDCCYTNHADADQNLNENLMILLATAGCNYIMGMPLGDDI
MLNYQTTAFHDTATVRQLLNLRPSPEFERWLESMGIMANGRLTKRAGDPSLFF
;
A,C
2 'polypeptide(L)'
;MDQSSHHHHHHALDLGSAEAKAWIGVENPHRADVLTELRRSTVARVCTGRAGPRPRTQALLRFLADHSRSKDTVLKEVPE
EWVKAQGLLEVRSEISDKNLYLTRPDMGRRLCAEAVEALKAQCVANPDVQVVISDGLSTDAITVNYEEILPPLMAGLKQA
GLKVGTPFFVRYGRVKIEDQIGEILGAKVVILLVGERPGLGQSESLSCYAVYSPRMATTVEADRTCISNIHQGGTPPVEA
AAVIVDLAKRMLEQKASGINMTR
;
B,D
#
loop_
_chem_comp.id
_chem_comp.type
_chem_comp.name
_chem_comp.formula
2A1 non-polymer (2S)-2-aminopropan-1-ol 'C3 H9 N O'
B12 non-polymer COBALAMIN 'C62 H89 Co N13 O14 P 2'
NA non-polymer 'SODIUM ION' 'Na 1'
#
# COMPACT_ATOMS: atom_id res chain seq x y z
N MET A 1 -6.25 -26.87 25.46
CA MET A 1 -5.99 -25.50 24.91
C MET A 1 -7.00 -24.49 25.45
N LYS A 2 -6.62 -23.22 25.43
CA LYS A 2 -7.53 -22.12 25.74
C LYS A 2 -8.18 -21.58 24.47
N LEU A 3 -9.51 -21.50 24.47
CA LEU A 3 -10.26 -20.87 23.39
C LEU A 3 -10.71 -19.45 23.78
N LYS A 4 -9.98 -18.85 24.71
CA LYS A 4 -10.51 -17.77 25.53
C LYS A 4 -9.39 -16.84 25.99
N THR A 5 -9.61 -15.54 25.85
CA THR A 5 -8.77 -14.55 26.52
C THR A 5 -9.58 -13.35 27.03
N THR A 6 -9.02 -12.61 27.97
CA THR A 6 -9.58 -11.34 28.40
C THR A 6 -8.75 -10.17 27.86
N LEU A 7 -9.42 -9.23 27.18
CA LEU A 7 -8.75 -8.03 26.67
C LEU A 7 -9.50 -6.75 27.06
N PHE A 8 -8.78 -5.82 27.72
CA PHE A 8 -9.39 -4.60 28.33
C PHE A 8 -10.64 -4.91 29.18
N GLY A 9 -10.53 -5.93 30.03
CA GLY A 9 -11.60 -6.24 31.00
C GLY A 9 -12.69 -7.13 30.42
N ASN A 10 -12.67 -7.31 29.10
CA ASN A 10 -13.72 -8.07 28.41
C ASN A 10 -13.25 -9.45 28.00
N VAL A 11 -14.06 -10.46 28.29
CA VAL A 11 -13.75 -11.83 27.92
C VAL A 11 -14.11 -12.08 26.45
N TYR A 12 -13.15 -12.60 25.68
CA TYR A 12 -13.38 -12.96 24.29
C TYR A 12 -13.32 -14.47 24.08
N GLN A 13 -14.49 -15.08 23.87
CA GLN A 13 -14.60 -16.53 23.76
C GLN A 13 -14.70 -16.94 22.29
N PHE A 14 -14.07 -18.06 21.95
CA PHE A 14 -14.15 -18.60 20.60
C PHE A 14 -14.56 -20.09 20.63
N LYS A 15 -15.17 -20.54 19.53
CA LYS A 15 -15.79 -21.87 19.48
C LYS A 15 -14.75 -22.95 19.30
N ASP A 16 -13.86 -22.75 18.32
CA ASP A 16 -12.88 -23.74 17.95
C ASP A 16 -11.65 -23.09 17.34
N VAL A 17 -10.64 -23.91 17.06
CA VAL A 17 -9.42 -23.47 16.36
C VAL A 17 -9.75 -22.74 15.04
N LYS A 18 -10.70 -23.31 14.27
CA LYS A 18 -11.10 -22.75 12.96
C LYS A 18 -11.56 -21.27 13.06
N GLU A 19 -12.33 -20.97 14.12
CA GLU A 19 -12.81 -19.60 14.36
C GLU A 19 -11.66 -18.67 14.77
N VAL A 20 -10.80 -19.15 15.67
CA VAL A 20 -9.59 -18.41 16.06
C VAL A 20 -8.71 -18.07 14.85
N LEU A 21 -8.48 -19.07 13.98
CA LEU A 21 -7.71 -18.88 12.73
C LEU A 21 -8.34 -17.82 11.82
N ALA A 22 -9.68 -17.85 11.73
CA ALA A 22 -10.42 -16.99 10.81
C ALA A 22 -10.35 -15.52 11.25
N LYS A 23 -10.58 -15.29 12.54
CA LYS A 23 -10.79 -13.93 13.05
C LYS A 23 -9.47 -13.23 13.35
N ALA A 24 -8.39 -14.01 13.39
CA ALA A 24 -7.04 -13.46 13.59
C ALA A 24 -6.48 -12.82 12.30
N ASN A 25 -7.03 -13.23 11.15
CA ASN A 25 -6.73 -12.55 9.85
C ASN A 25 -6.93 -11.06 9.93
N GLU A 26 -5.98 -10.31 9.35
CA GLU A 26 -6.25 -8.93 8.90
C GLU A 26 -7.55 -8.84 8.09
N LEU A 27 -8.28 -7.73 8.28
CA LEU A 27 -9.56 -7.48 7.58
C LEU A 27 -9.42 -7.67 6.08
N ARG A 28 -10.24 -8.56 5.52
CA ARG A 28 -10.45 -8.62 4.07
C ARG A 28 -11.90 -8.88 3.72
N SER A 29 -12.28 -8.53 2.49
CA SER A 29 -13.68 -8.56 2.08
C SER A 29 -14.21 -9.99 1.95
N GLY A 30 -13.30 -10.93 1.67
CA GLY A 30 -13.66 -12.33 1.52
C GLY A 30 -14.01 -13.01 2.83
N ASP A 31 -13.28 -12.67 3.89
CA ASP A 31 -13.55 -13.21 5.24
C ASP A 31 -14.90 -12.71 5.78
N VAL A 32 -15.21 -11.44 5.51
CA VAL A 32 -16.55 -10.88 5.79
C VAL A 32 -17.63 -11.60 4.97
N LEU A 33 -17.33 -11.84 3.69
CA LEU A 33 -18.27 -12.55 2.79
C LEU A 33 -18.49 -14.01 3.23
N ALA A 34 -17.42 -14.66 3.68
CA ALA A 34 -17.51 -16.05 4.19
C ALA A 34 -18.25 -16.12 5.53
N GLY A 35 -18.35 -14.98 6.20
CA GLY A 35 -19.06 -14.91 7.48
C GLY A 35 -18.16 -15.17 8.66
N VAL A 36 -16.86 -15.25 8.41
CA VAL A 36 -15.92 -15.82 9.37
C VAL A 36 -15.04 -14.75 10.03
N ALA A 37 -15.10 -13.53 9.50
CA ALA A 37 -14.22 -12.42 9.96
C ALA A 37 -14.56 -11.99 11.39
N ALA A 38 -13.62 -11.29 12.02
CA ALA A 38 -13.85 -10.71 13.35
C ALA A 38 -14.90 -9.59 13.29
N ALA A 39 -15.63 -9.41 14.40
CA ALA A 39 -16.65 -8.37 14.49
C ALA A 39 -16.03 -6.99 14.65
N SER A 40 -14.86 -6.95 15.30
CA SER A 40 -14.17 -5.70 15.59
C SER A 40 -12.66 -5.89 15.61
N SER A 41 -11.93 -4.78 15.69
CA SER A 41 -10.48 -4.80 15.86
C SER A 41 -10.05 -5.47 17.16
N GLN A 42 -10.84 -5.27 18.23
CA GLN A 42 -10.53 -5.83 19.55
C GLN A 42 -10.62 -7.37 19.55
N GLU A 43 -11.64 -7.90 18.86
CA GLU A 43 -11.81 -9.36 18.74
C GLU A 43 -10.77 -9.97 17.80
N ARG A 44 -10.34 -9.18 16.82
CA ARG A 44 -9.23 -9.58 15.94
C ARG A 44 -7.92 -9.77 16.72
N VAL A 45 -7.60 -8.82 17.59
CA VAL A 45 -6.40 -8.90 18.43
C VAL A 45 -6.52 -10.00 19.48
N ALA A 46 -7.73 -10.16 20.03
CA ALA A 46 -8.01 -11.24 20.99
C ALA A 46 -7.82 -12.62 20.35
N ALA A 47 -8.31 -12.77 19.11
CA ALA A 47 -8.09 -14.01 18.32
C ALA A 47 -6.61 -14.24 18.02
N LYS A 48 -5.88 -13.16 17.73
CA LYS A 48 -4.43 -13.23 17.52
C LYS A 48 -3.71 -13.74 18.77
N GLN A 49 -4.15 -13.27 19.93
CA GLN A 49 -3.54 -13.63 21.20
C GLN A 49 -3.84 -15.07 21.57
N VAL A 50 -5.11 -15.46 21.48
CA VAL A 50 -5.53 -16.87 21.66
C VAL A 50 -4.74 -17.80 20.73
N LEU A 51 -4.65 -17.43 19.43
CA LEU A 51 -3.86 -18.19 18.44
C LEU A 51 -2.40 -18.34 18.84
N SER A 52 -1.80 -17.24 19.30
CA SER A 52 -0.38 -17.21 19.63
C SER A 52 -0.05 -18.09 20.85
N GLU A 53 -1.05 -18.31 21.72
CA GLU A 53 -0.87 -19.14 22.91
C GLU A 53 -1.08 -20.62 22.62
N MET A 54 -1.81 -20.93 21.53
CA MET A 54 -2.02 -22.32 21.11
C MET A 54 -0.72 -22.97 20.64
N THR A 55 -0.62 -24.28 20.82
CA THR A 55 0.59 -25.00 20.45
C THR A 55 0.54 -25.46 18.99
N VAL A 56 1.70 -25.91 18.48
CA VAL A 56 1.76 -26.57 17.18
C VAL A 56 0.91 -27.85 17.15
N ALA A 57 0.94 -28.61 18.26
CA ALA A 57 0.03 -29.76 18.45
C ALA A 57 -1.46 -29.37 18.32
N ASP A 58 -1.83 -28.24 18.94
CA ASP A 58 -3.25 -27.80 18.97
C ASP A 58 -3.81 -27.60 17.58
N ILE A 59 -2.98 -27.07 16.68
CA ILE A 59 -3.44 -26.67 15.38
C ILE A 59 -3.18 -27.77 14.31
N ARG A 60 -2.10 -28.55 14.52
CA ARG A 60 -1.88 -29.79 13.74
C ARG A 60 -3.03 -30.80 13.91
N ASN A 61 -3.52 -30.95 15.14
CA ASN A 61 -4.55 -31.95 15.44
C ASN A 61 -5.97 -31.43 15.19
N ASN A 62 -6.07 -30.21 14.68
CA ASN A 62 -7.35 -29.64 14.27
C ASN A 62 -7.31 -29.00 12.88
N PRO A 63 -7.17 -29.84 11.81
CA PRO A 63 -7.27 -29.32 10.45
C PRO A 63 -8.70 -28.93 10.11
N VAL A 64 -8.85 -27.98 9.18
CA VAL A 64 -10.13 -27.30 8.99
C VAL A 64 -11.14 -28.19 8.26
N ILE A 65 -10.64 -29.16 7.50
CA ILE A 65 -11.43 -30.31 7.08
C ILE A 65 -10.78 -31.61 7.55
N ALA A 66 -11.61 -32.54 8.04
CA ALA A 66 -11.10 -33.68 8.84
C ALA A 66 -10.34 -34.68 7.97
N TYR A 67 -9.50 -35.50 8.63
CA TYR A 67 -8.60 -36.42 7.92
C TYR A 67 -9.38 -37.37 7.00
N GLU A 68 -10.46 -37.95 7.51
CA GLU A 68 -11.17 -39.03 6.82
C GLU A 68 -12.05 -38.51 5.67
N ASP A 69 -12.31 -37.20 5.65
CA ASP A 69 -13.28 -36.61 4.71
C ASP A 69 -12.58 -35.98 3.49
N ASP A 70 -11.28 -35.77 3.61
CA ASP A 70 -10.56 -34.87 2.70
C ASP A 70 -9.20 -35.44 2.33
N CYS A 71 -8.98 -35.65 1.03
CA CYS A 71 -7.74 -36.26 0.54
C CYS A 71 -6.54 -35.30 0.62
N VAL A 72 -6.83 -33.99 0.61
CA VAL A 72 -5.77 -32.98 0.76
C VAL A 72 -5.26 -32.90 2.21
N THR A 73 -6.18 -32.98 3.17
CA THR A 73 -5.82 -33.11 4.58
C THR A 73 -4.95 -34.36 4.82
N ARG A 74 -5.36 -35.49 4.23
CA ARG A 74 -4.57 -36.73 4.32
C ARG A 74 -3.20 -36.58 3.71
N LEU A 75 -3.15 -35.98 2.52
CA LEU A 75 -1.90 -35.63 1.85
C LEU A 75 -0.95 -34.84 2.79
N ILE A 76 -1.49 -33.80 3.42
CA ILE A 76 -0.69 -32.89 4.26
C ILE A 76 -0.24 -33.58 5.57
N GLN A 77 -1.16 -34.34 6.18
CA GLN A 77 -0.86 -35.03 7.45
C GLN A 77 0.15 -36.18 7.28
N ASP A 78 0.00 -36.94 6.18
CA ASP A 78 0.89 -38.10 5.90
C ASP A 78 2.33 -37.65 5.60
N ASP A 79 2.47 -36.42 5.09
CA ASP A 79 3.77 -35.92 4.62
C ASP A 79 4.65 -35.42 5.77
N VAL A 80 4.05 -35.26 6.95
CA VAL A 80 4.76 -34.77 8.14
C VAL A 80 5.90 -35.71 8.54
N ASN A 81 7.10 -35.15 8.67
CA ASN A 81 8.16 -35.77 9.46
C ASN A 81 7.85 -35.74 10.96
N GLU A 82 7.66 -36.92 11.55
CA GLU A 82 7.04 -37.02 12.86
C GLU A 82 8.03 -36.70 13.99
N THR A 83 9.33 -36.95 13.76
CA THR A 83 10.35 -36.58 14.74
C THR A 83 10.72 -35.10 14.67
N ALA A 84 10.58 -34.51 13.49
CA ALA A 84 10.55 -33.03 13.36
C ALA A 84 9.36 -32.44 14.09
N TYR A 85 8.19 -33.09 13.95
CA TYR A 85 6.97 -32.64 14.62
C TYR A 85 7.09 -32.74 16.15
N ASN A 86 7.69 -33.83 16.63
CA ASN A 86 7.78 -34.10 18.07
C ASN A 86 8.70 -33.13 18.79
N GLN A 87 9.63 -32.54 18.04
CA GLN A 87 10.53 -31.50 18.59
C GLN A 87 9.78 -30.18 18.88
N ILE A 88 8.75 -29.91 18.08
CA ILE A 88 8.15 -28.57 18.03
C ILE A 88 6.69 -28.56 18.49
N LYS A 89 6.13 -29.75 18.79
CA LYS A 89 4.67 -29.90 18.99
C LYS A 89 4.16 -29.09 20.20
N ASN A 90 5.04 -28.84 21.16
CA ASN A 90 4.68 -28.10 22.37
C ASN A 90 5.12 -26.62 22.34
N TRP A 91 5.74 -26.21 21.23
CA TRP A 91 5.92 -24.77 20.92
C TRP A 91 4.58 -24.11 20.77
N SER A 92 4.40 -22.97 21.45
CA SER A 92 3.37 -22.00 21.07
C SER A 92 3.63 -21.41 19.66
N ILE A 93 2.56 -20.96 19.00
CA ILE A 93 2.68 -20.28 17.69
C ILE A 93 3.46 -18.96 17.82
N SER A 94 3.31 -18.30 18.97
CA SER A 94 4.16 -17.16 19.34
C SER A 94 5.65 -17.52 19.29
N GLU A 95 6.00 -18.70 19.82
CA GLU A 95 7.41 -19.15 19.85
C GLU A 95 7.89 -19.55 18.45
N LEU A 96 6.99 -20.13 17.66
CA LEU A 96 7.31 -20.52 16.29
C LEU A 96 7.56 -19.29 15.40
N ARG A 97 6.77 -18.24 15.60
CA ARG A 97 6.97 -16.96 14.92
C ARG A 97 8.37 -16.39 15.19
N GLU A 98 8.72 -16.31 16.48
CA GLU A 98 9.99 -15.73 16.90
C GLU A 98 11.17 -16.58 16.46
N TYR A 99 10.96 -17.90 16.41
CA TYR A 99 11.94 -18.84 15.87
C TYR A 99 12.22 -18.57 14.38
N VAL A 100 11.16 -18.41 13.59
CA VAL A 100 11.28 -18.11 12.15
C VAL A 100 12.03 -16.79 11.91
N LEU A 101 11.71 -15.77 12.71
CA LEU A 101 12.24 -14.41 12.50
C LEU A 101 13.67 -14.25 13.07
N SER A 102 14.09 -15.20 13.91
CA SER A 102 15.37 -15.09 14.63
C SER A 102 16.56 -15.17 13.68
N ASP A 103 17.51 -14.25 13.86
CA ASP A 103 18.78 -14.27 13.09
C ASP A 103 19.68 -15.47 13.47
N GLU A 104 19.36 -16.12 14.59
CA GLU A 104 20.09 -17.29 15.04
C GLU A 104 19.48 -18.58 14.50
N THR A 105 18.36 -18.45 13.81
CA THR A 105 17.79 -19.55 13.05
C THR A 105 18.26 -19.52 11.61
N SER A 106 18.97 -20.57 11.21
CA SER A 106 19.55 -20.63 9.88
C SER A 106 18.57 -21.24 8.86
N VAL A 107 18.95 -21.17 7.58
CA VAL A 107 18.23 -21.89 6.52
C VAL A 107 18.15 -23.41 6.78
N ASP A 108 19.27 -23.99 7.25
CA ASP A 108 19.34 -25.43 7.54
C ASP A 108 18.48 -25.83 8.75
N ASP A 109 18.37 -24.93 9.74
CA ASP A 109 17.47 -25.12 10.88
C ASP A 109 16.02 -25.20 10.44
N ILE A 110 15.59 -24.21 9.63
CA ILE A 110 14.22 -24.15 9.14
C ILE A 110 13.91 -25.29 8.16
N ALA A 111 14.95 -25.76 7.45
CA ALA A 111 14.82 -26.88 6.51
C ALA A 111 14.25 -28.13 7.19
N PHE A 112 14.70 -28.41 8.41
CA PHE A 112 14.19 -29.55 9.16
C PHE A 112 12.90 -29.22 9.93
N THR A 113 12.85 -28.03 10.53
CA THR A 113 11.70 -27.60 11.33
C THR A 113 10.40 -27.63 10.51
N ARG A 114 10.45 -27.08 9.29
CA ARG A 114 9.24 -26.95 8.43
C ARG A 114 8.60 -28.31 8.09
N LYS A 115 9.40 -29.39 8.20
CA LYS A 115 8.92 -30.74 7.91
C LYS A 115 7.98 -31.27 9.02
N GLY A 116 8.02 -30.62 10.17
CA GLY A 116 7.12 -30.95 11.27
C GLY A 116 5.86 -30.09 11.29
N LEU A 117 5.72 -29.22 10.27
CA LEU A 117 4.55 -28.35 10.17
C LEU A 117 3.45 -28.98 9.32
N THR A 118 2.21 -28.60 9.60
CA THR A 118 1.14 -28.68 8.61
C THR A 118 0.74 -27.29 8.13
N SER A 119 -0.09 -27.25 7.08
CA SER A 119 -0.49 -26.00 6.44
C SER A 119 -1.20 -25.05 7.42
N GLU A 120 -2.02 -25.63 8.30
CA GLU A 120 -2.78 -24.85 9.27
C GLU A 120 -1.85 -24.16 10.28
N VAL A 121 -0.75 -24.83 10.62
CA VAL A 121 0.30 -24.23 11.50
C VAL A 121 1.07 -23.13 10.76
N VAL A 122 1.39 -23.38 9.50
CA VAL A 122 1.97 -22.36 8.61
C VAL A 122 1.08 -21.10 8.56
N ALA A 123 -0.23 -21.30 8.31
CA ALA A 123 -1.21 -20.20 8.32
C ALA A 123 -1.24 -19.46 9.66
N ALA A 124 -1.23 -20.22 10.75
CA ALA A 124 -1.28 -19.65 12.11
C ALA A 124 -0.13 -18.65 12.37
N VAL A 125 1.07 -19.00 11.92
CA VAL A 125 2.25 -18.11 12.06
C VAL A 125 2.09 -16.83 11.22
N ALA A 126 1.59 -16.98 9.99
CA ALA A 126 1.34 -15.83 9.11
C ALA A 126 0.32 -14.85 9.71
N LYS A 127 -0.61 -15.37 10.50
CA LYS A 127 -1.72 -14.59 11.03
C LYS A 127 -1.28 -13.62 12.13
N ILE A 128 -0.16 -13.93 12.78
CA ILE A 128 0.38 -13.09 13.86
C ILE A 128 1.67 -12.38 13.44
N CYS A 129 1.88 -12.27 12.13
CA CYS A 129 2.98 -11.50 11.59
C CYS A 129 2.51 -10.18 11.03
N SER A 130 3.24 -9.11 11.34
CA SER A 130 3.11 -7.85 10.62
C SER A 130 3.64 -7.96 9.19
N ASN A 131 3.46 -6.90 8.41
CA ASN A 131 3.88 -6.89 7.01
C ASN A 131 5.39 -7.04 6.85
N ALA A 132 6.15 -6.38 7.73
CA ALA A 132 7.60 -6.49 7.72
C ALA A 132 8.09 -7.84 8.25
N ASP A 133 7.31 -8.44 9.16
CA ASP A 133 7.57 -9.83 9.61
C ASP A 133 7.47 -10.82 8.46
N LEU A 134 6.42 -10.67 7.65
CA LEU A 134 6.20 -11.54 6.49
C LEU A 134 7.33 -11.38 5.47
N ILE A 135 7.76 -10.15 5.25
CA ILE A 135 8.78 -9.85 4.26
C ILE A 135 10.17 -10.36 4.72
N TYR A 136 10.55 -10.04 5.95
CA TYR A 136 11.84 -10.47 6.50
C TYR A 136 11.88 -11.98 6.71
N GLY A 137 10.79 -12.54 7.23
CA GLY A 137 10.68 -13.98 7.45
C GLY A 137 10.80 -14.79 6.16
N ALA A 138 10.14 -14.32 5.11
CA ALA A 138 10.21 -14.98 3.80
C ALA A 138 11.61 -14.87 3.20
N LYS A 139 12.27 -13.73 3.43
CA LYS A 139 13.60 -13.46 2.85
C LYS A 139 14.65 -14.44 3.37
N LYS A 140 14.56 -14.79 4.66
CA LYS A 140 15.52 -15.71 5.27
C LYS A 140 15.10 -17.19 5.11
N MET A 141 14.07 -17.43 4.28
CA MET A 141 13.69 -18.79 3.90
C MET A 141 13.74 -19.00 2.35
N PRO A 142 14.98 -18.98 1.75
CA PRO A 142 15.10 -19.23 0.32
C PRO A 142 14.66 -20.64 -0.06
N VAL A 143 13.98 -20.76 -1.20
CA VAL A 143 13.71 -22.06 -1.80
C VAL A 143 14.21 -22.11 -3.24
N ILE A 144 15.13 -23.03 -3.49
CA ILE A 144 15.82 -23.09 -4.78
C ILE A 144 15.40 -24.35 -5.54
N LYS A 145 14.94 -24.15 -6.78
CA LYS A 145 14.61 -25.28 -7.68
C LYS A 145 15.28 -25.12 -9.05
N LYS A 146 15.37 -26.21 -9.80
CA LYS A 146 16.02 -26.20 -11.10
C LYS A 146 15.19 -26.92 -12.17
N ALA A 147 14.99 -26.23 -13.29
CA ALA A 147 14.56 -26.89 -14.52
C ALA A 147 15.68 -26.87 -15.58
N ASN A 148 15.55 -26.01 -16.57
CA ASN A 148 16.70 -25.58 -17.39
C ASN A 148 17.32 -24.29 -16.87
N THR A 149 16.56 -23.58 -16.03
CA THR A 149 17.13 -22.50 -15.22
C THR A 149 17.03 -22.83 -13.74
N THR A 150 17.95 -22.26 -12.95
CA THR A 150 17.86 -22.30 -11.52
C THR A 150 17.13 -21.07 -10.98
N ILE A 151 16.08 -21.30 -10.20
CA ILE A 151 15.29 -20.22 -9.62
C ILE A 151 15.45 -20.16 -8.09
N GLY A 152 15.50 -18.94 -7.56
CA GLY A 152 15.26 -18.70 -6.13
C GLY A 152 16.54 -18.64 -5.31
N ILE A 153 17.68 -18.61 -5.98
CA ILE A 153 18.95 -18.19 -5.35
C ILE A 153 18.87 -16.73 -4.88
N PRO A 154 19.21 -16.48 -3.59
CA PRO A 154 19.30 -15.12 -3.06
C PRO A 154 20.21 -14.24 -3.91
N GLY A 155 19.72 -13.06 -4.25
CA GLY A 155 20.43 -12.19 -5.18
C GLY A 155 19.95 -12.33 -6.61
N THR A 156 18.99 -13.24 -6.83
CA THR A 156 18.38 -13.41 -8.16
C THR A 156 16.90 -13.07 -8.16
N PHE A 157 16.35 -12.84 -9.36
CA PHE A 157 14.95 -12.52 -9.52
C PHE A 157 14.50 -12.91 -10.92
N SER A 158 13.49 -13.77 -10.99
CA SER A 158 13.05 -14.33 -12.26
C SER A 158 11.69 -13.78 -12.68
N ALA A 159 11.24 -14.17 -13.87
CA ALA A 159 9.97 -13.69 -14.40
C ALA A 159 9.38 -14.67 -15.40
N ARG A 160 8.08 -14.95 -15.26
CA ARG A 160 7.32 -15.62 -16.31
C ARG A 160 7.01 -14.66 -17.47
N LEU A 161 7.46 -15.04 -18.65
CA LEU A 161 6.91 -14.51 -19.90
C LEU A 161 5.51 -15.06 -20.15
N GLN A 162 4.52 -14.17 -20.17
CA GLN A 162 3.12 -14.56 -20.35
C GLN A 162 2.54 -13.95 -21.66
N PRO A 163 2.76 -14.62 -22.80
CA PRO A 163 2.40 -14.08 -24.09
C PRO A 163 1.01 -14.53 -24.54
N ASN A 164 -0.02 -13.98 -23.91
CA ASN A 164 -1.39 -14.42 -24.17
C ASN A 164 -2.03 -13.66 -25.33
N ASP A 165 -2.90 -14.35 -26.07
CA ASP A 165 -3.62 -13.74 -27.18
C ASP A 165 -5.07 -14.21 -27.25
N THR A 166 -5.95 -13.35 -27.79
CA THR A 166 -7.41 -13.60 -27.78
C THR A 166 -7.81 -14.75 -28.72
N ARG A 167 -6.96 -15.03 -29.71
CA ARG A 167 -7.27 -16.04 -30.73
C ARG A 167 -6.28 -17.21 -30.68
N ASP A 168 -5.36 -17.17 -29.70
CA ASP A 168 -4.07 -17.93 -29.76
C ASP A 168 -3.33 -17.73 -31.10
N ASP A 169 -3.38 -16.50 -31.62
CA ASP A 169 -2.64 -16.16 -32.84
C ASP A 169 -1.14 -16.23 -32.60
N VAL A 170 -0.45 -16.98 -33.45
CA VAL A 170 0.91 -17.41 -33.15
C VAL A 170 1.94 -16.32 -33.47
N GLN A 171 1.54 -15.35 -34.31
CA GLN A 171 2.34 -14.14 -34.55
C GLN A 171 2.25 -13.19 -33.38
N SER A 172 1.06 -13.06 -32.80
CA SER A 172 0.84 -12.23 -31.62
C SER A 172 1.54 -12.80 -30.39
N ILE A 173 1.51 -14.13 -30.27
CA ILE A 173 2.23 -14.83 -29.21
C ILE A 173 3.75 -14.63 -29.35
N ALA A 174 4.25 -14.74 -30.59
CA ALA A 174 5.69 -14.58 -30.87
C ALA A 174 6.16 -13.15 -30.62
N ALA A 175 5.34 -12.18 -31.02
CA ALA A 175 5.68 -10.75 -30.86
C ALA A 175 5.86 -10.38 -29.38
N GLN A 176 5.02 -10.94 -28.53
CA GLN A 176 5.09 -10.70 -27.09
C GLN A 176 6.28 -11.42 -26.47
N ILE A 177 6.64 -12.58 -27.03
CA ILE A 177 7.82 -13.33 -26.57
C ILE A 177 9.12 -12.54 -26.85
N TYR A 178 9.28 -12.06 -28.09
CA TYR A 178 10.45 -11.26 -28.48
C TYR A 178 10.56 -9.97 -27.67
N GLU A 179 9.40 -9.37 -27.37
CA GLU A 179 9.35 -8.20 -26.50
C GLU A 179 9.81 -8.55 -25.06
N GLY A 180 9.33 -9.67 -24.55
CA GLY A 180 9.65 -10.10 -23.17
C GLY A 180 11.11 -10.41 -22.98
N LEU A 181 11.69 -11.15 -23.93
CA LEU A 181 13.10 -11.54 -23.87
C LEU A 181 14.04 -10.33 -23.98
N SER A 182 13.57 -9.30 -24.70
CA SER A 182 14.35 -8.07 -24.88
C SER A 182 14.44 -7.25 -23.57
N PHE A 183 13.56 -7.57 -22.61
CA PHE A 183 13.61 -6.96 -21.29
C PHE A 183 14.22 -7.92 -20.25
N GLY A 184 14.58 -9.12 -20.69
CA GLY A 184 15.17 -10.12 -19.80
C GLY A 184 14.14 -10.92 -19.04
N VAL A 185 12.92 -10.95 -19.56
CA VAL A 185 11.85 -11.76 -18.97
C VAL A 185 11.77 -13.13 -19.64
N GLY A 186 11.67 -14.18 -18.84
CA GLY A 186 11.28 -15.50 -19.32
C GLY A 186 12.08 -16.64 -18.71
N ASP A 187 12.88 -16.33 -17.69
CA ASP A 187 13.76 -17.33 -17.07
C ASP A 187 13.02 -18.31 -16.16
N ALA A 188 11.89 -17.86 -15.60
CA ALA A 188 10.97 -18.76 -14.91
C ALA A 188 10.30 -19.71 -15.89
N VAL A 189 9.63 -19.14 -16.89
CA VAL A 189 8.98 -19.93 -17.96
C VAL A 189 8.40 -18.98 -19.03
N ILE A 190 8.29 -19.49 -20.26
CA ILE A 190 7.39 -18.90 -21.25
C ILE A 190 6.05 -19.65 -21.29
N GLY A 191 5.01 -19.02 -20.75
CA GLY A 191 3.79 -19.73 -20.37
C GLY A 191 2.54 -19.07 -20.92
N VAL A 192 1.85 -19.79 -21.81
CA VAL A 192 0.60 -19.28 -22.42
C VAL A 192 -0.60 -19.96 -21.79
N ASN A 193 -1.55 -19.16 -21.29
CA ASN A 193 -2.94 -19.59 -21.19
C ASN A 193 -3.64 -19.58 -22.56
N PRO A 194 -4.06 -20.77 -23.03
CA PRO A 194 -4.66 -20.90 -24.35
C PRO A 194 -6.19 -20.68 -24.32
N VAL A 195 -6.74 -20.23 -25.44
CA VAL A 195 -8.20 -20.07 -25.58
C VAL A 195 -8.90 -21.44 -25.70
N THR A 196 -8.29 -22.35 -26.46
CA THR A 196 -8.90 -23.66 -26.72
C THR A 196 -8.14 -24.81 -26.01
N ASP A 197 -8.87 -25.57 -25.20
CA ASP A 197 -8.33 -26.77 -24.54
C ASP A 197 -8.32 -27.96 -25.49
N ASP A 198 -7.31 -28.02 -26.37
CA ASP A 198 -7.40 -28.85 -27.59
C ASP A 198 -6.00 -29.19 -28.13
N VAL A 199 -5.78 -30.48 -28.41
CA VAL A 199 -4.42 -31.05 -28.52
C VAL A 199 -3.66 -30.44 -29.69
N GLU A 200 -4.36 -30.25 -30.80
CA GLU A 200 -3.81 -29.64 -31.99
C GLU A 200 -3.42 -28.15 -31.74
N ASN A 201 -4.28 -27.44 -31.02
CA ASN A 201 -4.00 -26.04 -30.62
C ASN A 201 -2.84 -25.92 -29.63
N LEU A 202 -2.82 -26.83 -28.64
CA LEU A 202 -1.75 -26.84 -27.62
C LEU A 202 -0.39 -27.10 -28.24
N SER A 203 -0.35 -28.07 -29.16
CA SER A 203 0.88 -28.40 -29.91
C SER A 203 1.38 -27.21 -30.73
N ARG A 204 0.44 -26.46 -31.33
CA ARG A 204 0.78 -25.30 -32.15
C ARG A 204 1.35 -24.15 -31.31
N VAL A 205 0.71 -23.88 -30.17
CA VAL A 205 1.22 -22.89 -29.21
C VAL A 205 2.61 -23.28 -28.70
N LEU A 206 2.78 -24.55 -28.33
CA LEU A 206 4.06 -25.07 -27.83
C LEU A 206 5.15 -25.05 -28.92
N ASP A 207 4.77 -25.41 -30.15
CA ASP A 207 5.67 -25.29 -31.32
C ASP A 207 6.14 -23.87 -31.55
N THR A 208 5.24 -22.90 -31.31
CA THR A 208 5.58 -21.49 -31.44
C THR A 208 6.55 -21.03 -30.35
N ILE A 209 6.25 -21.38 -29.10
CA ILE A 209 7.14 -21.08 -27.96
C ILE A 209 8.54 -21.67 -28.19
N TYR A 210 8.59 -22.94 -28.56
CA TYR A 210 9.85 -23.67 -28.66
C TYR A 210 10.56 -23.41 -29.98
N GLY A 211 9.82 -22.88 -30.96
CA GLY A 211 10.44 -22.25 -32.13
C GLY A 211 11.45 -21.18 -31.77
N VAL A 212 11.05 -20.28 -30.87
CA VAL A 212 11.94 -19.19 -30.40
C VAL A 212 13.05 -19.73 -29.48
N ILE A 213 12.69 -20.66 -28.59
CA ILE A 213 13.67 -21.30 -27.69
C ILE A 213 14.78 -22.01 -28.47
N ASP A 214 14.40 -22.79 -29.49
CA ASP A 214 15.38 -23.60 -30.26
C ASP A 214 16.23 -22.75 -31.19
N LYS A 215 15.64 -21.67 -31.74
CA LYS A 215 16.34 -20.78 -32.68
C LYS A 215 17.52 -20.08 -31.99
N PHE A 216 17.28 -19.60 -30.77
CA PHE A 216 18.25 -18.75 -30.08
C PHE A 216 18.91 -19.48 -28.91
N ASN A 217 18.61 -20.78 -28.79
CA ASN A 217 19.22 -21.63 -27.74
C ASN A 217 19.01 -21.08 -26.33
N ILE A 218 17.77 -20.70 -26.02
CA ILE A 218 17.44 -20.11 -24.75
C ILE A 218 17.33 -21.18 -23.67
N PRO A 219 18.14 -21.04 -22.59
CA PRO A 219 17.91 -21.80 -21.38
C PRO A 219 16.63 -21.36 -20.69
N THR A 220 15.54 -22.05 -20.98
CA THR A 220 14.26 -21.80 -20.31
C THR A 220 13.25 -22.93 -20.58
N GLN A 221 11.99 -22.70 -20.19
CA GLN A 221 10.94 -23.71 -20.27
C GLN A 221 9.78 -23.14 -21.05
N GLY A 222 9.07 -24.01 -21.78
CA GLY A 222 7.73 -23.67 -22.29
C GLY A 222 6.63 -24.25 -21.44
N CYS A 223 5.48 -23.58 -21.44
CA CYS A 223 4.28 -24.11 -20.81
C CYS A 223 3.03 -23.66 -21.52
N VAL A 224 2.06 -24.54 -21.64
CA VAL A 224 0.73 -24.15 -22.01
C VAL A 224 -0.31 -24.50 -20.94
N LEU A 225 -1.00 -23.48 -20.44
CA LEU A 225 -1.65 -23.56 -19.15
C LEU A 225 -3.12 -23.94 -19.31
N ALA A 226 -3.38 -24.88 -20.21
CA ALA A 226 -4.65 -25.61 -20.25
C ALA A 226 -4.78 -26.54 -19.04
N HIS A 227 -5.91 -27.26 -18.97
CA HIS A 227 -6.09 -28.33 -17.98
C HIS A 227 -5.00 -29.38 -18.11
N VAL A 228 -4.53 -29.88 -16.96
CA VAL A 228 -3.40 -30.83 -16.92
C VAL A 228 -3.66 -32.09 -17.77
N THR A 229 -4.96 -32.44 -17.92
CA THR A 229 -5.39 -33.58 -18.71
C THR A 229 -4.98 -33.44 -20.19
N THR A 230 -5.19 -32.25 -20.75
CA THR A 230 -4.95 -32.02 -22.18
C THR A 230 -3.48 -31.75 -22.48
N GLN A 231 -2.79 -31.14 -21.50
CA GLN A 231 -1.31 -31.04 -21.53
C GLN A 231 -0.67 -32.40 -21.68
N ILE A 232 -1.06 -33.34 -20.81
CA ILE A 232 -0.49 -34.67 -20.80
C ILE A 232 -0.71 -35.37 -22.14
N GLU A 233 -1.94 -35.29 -22.67
CA GLU A 233 -2.26 -35.85 -23.98
C GLU A 233 -1.42 -35.24 -25.10
N ALA A 234 -1.31 -33.90 -25.12
CA ALA A 234 -0.49 -33.20 -26.12
C ALA A 234 0.98 -33.66 -26.08
N ILE A 235 1.53 -33.75 -24.87
CA ILE A 235 2.93 -34.17 -24.68
C ILE A 235 3.13 -35.66 -25.07
N ARG A 236 2.17 -36.51 -24.69
CA ARG A 236 2.20 -37.95 -25.04
C ARG A 236 2.17 -38.16 -26.55
N ARG A 237 1.46 -37.28 -27.25
CA ARG A 237 1.32 -37.39 -28.70
C ARG A 237 2.36 -36.53 -29.43
N GLY A 238 3.19 -35.83 -28.65
CA GLY A 238 4.57 -35.56 -29.05
C GLY A 238 4.86 -34.07 -29.20
N ALA A 239 4.00 -33.24 -28.61
CA ALA A 239 4.33 -31.83 -28.37
C ALA A 239 5.46 -31.70 -27.34
N PRO A 240 6.32 -30.64 -27.50
CA PRO A 240 7.44 -30.40 -26.58
C PRO A 240 7.00 -30.15 -25.14
N GLY A 241 7.54 -30.93 -24.21
CA GLY A 241 7.19 -30.78 -22.79
C GLY A 241 8.21 -29.96 -22.04
N GLY A 242 7.73 -28.91 -21.37
CA GLY A 242 8.55 -28.13 -20.48
C GLY A 242 8.10 -28.24 -19.05
N LEU A 243 7.34 -27.25 -18.60
CA LEU A 243 6.60 -27.36 -17.36
C LEU A 243 5.19 -27.86 -17.62
N ILE A 244 4.70 -28.69 -16.71
CA ILE A 244 3.30 -29.09 -16.72
C ILE A 244 2.51 -28.38 -15.61
N PHE A 245 1.40 -27.76 -16.01
CA PHE A 245 0.69 -26.83 -15.13
C PHE A 245 -0.61 -27.45 -14.60
N GLN A 246 -0.97 -27.08 -13.36
CA GLN A 246 -2.36 -27.20 -12.90
C GLN A 246 -2.69 -26.13 -11.83
N SER A 247 -3.81 -25.44 -12.03
CA SER A 247 -4.49 -24.72 -10.92
C SER A 247 -4.95 -25.69 -9.84
N ILE A 248 -4.62 -25.38 -8.58
CA ILE A 248 -4.95 -26.29 -7.47
C ILE A 248 -5.82 -25.60 -6.40
N CYS A 249 -6.45 -26.43 -5.56
CA CYS A 249 -7.27 -25.94 -4.47
C CYS A 249 -7.05 -26.79 -3.21
N GLY A 250 -7.29 -26.19 -2.04
CA GLY A 250 -6.79 -26.73 -0.77
C GLY A 250 -7.76 -27.72 -0.10
N SER A 251 -8.78 -28.14 -0.84
CA SER A 251 -9.70 -29.19 -0.38
C SER A 251 -10.02 -30.16 -1.49
N GLU A 252 -10.51 -31.35 -1.13
CA GLU A 252 -10.94 -32.34 -2.10
C GLU A 252 -12.11 -31.83 -2.95
N LYS A 253 -13.08 -31.19 -2.29
CA LYS A 253 -14.21 -30.56 -2.99
C LYS A 253 -13.74 -29.47 -3.95
N GLY A 254 -12.74 -28.70 -3.54
CA GLY A 254 -12.14 -27.66 -4.39
C GLY A 254 -11.44 -28.21 -5.61
N LEU A 255 -10.75 -29.34 -5.45
CA LEU A 255 -10.14 -30.05 -6.58
C LEU A 255 -11.20 -30.60 -7.55
N LYS A 256 -12.35 -31.02 -7.00
CA LYS A 256 -13.45 -31.53 -7.80
C LYS A 256 -14.11 -30.42 -8.64
N GLU A 257 -14.13 -29.20 -8.09
CA GLU A 257 -14.54 -28.00 -8.86
C GLU A 257 -13.67 -27.79 -10.09
N PHE A 258 -12.38 -28.06 -9.93
CA PHE A 258 -11.40 -27.78 -10.98
C PHE A 258 -11.29 -28.98 -11.95
N GLY A 259 -11.91 -30.10 -11.57
CA GLY A 259 -11.83 -31.32 -12.36
C GLY A 259 -10.52 -32.06 -12.17
N VAL A 260 -9.95 -31.95 -10.97
CA VAL A 260 -8.61 -32.46 -10.69
C VAL A 260 -8.66 -33.60 -9.68
N GLU A 261 -8.12 -34.75 -10.08
CA GLU A 261 -7.75 -35.79 -9.13
C GLU A 261 -6.28 -35.70 -8.77
N LEU A 262 -5.94 -36.16 -7.56
CA LEU A 262 -4.54 -36.26 -7.13
C LEU A 262 -3.70 -37.13 -8.08
N ALA A 263 -4.34 -38.14 -8.67
CA ALA A 263 -3.64 -39.11 -9.53
C ALA A 263 -3.22 -38.51 -10.87
N MET A 264 -3.89 -37.43 -11.28
CA MET A 264 -3.48 -36.65 -12.46
C MET A 264 -2.13 -35.96 -12.25
N LEU A 265 -1.87 -35.57 -11.01
CA LEU A 265 -0.63 -34.87 -10.67
C LEU A 265 0.54 -35.86 -10.51
N ASP A 266 0.23 -37.06 -9.99
CA ASP A 266 1.16 -38.21 -10.09
C ASP A 266 1.51 -38.54 -11.53
N GLU A 267 0.51 -38.45 -12.42
CA GLU A 267 0.69 -38.77 -13.84
C GLU A 267 1.53 -37.71 -14.54
N ALA A 268 1.29 -36.44 -14.17
CA ALA A 268 2.07 -35.32 -14.73
C ALA A 268 3.56 -35.42 -14.37
N ARG A 269 3.84 -35.82 -13.13
CA ARG A 269 5.21 -36.09 -12.70
C ARG A 269 5.84 -37.24 -13.51
N ALA A 270 5.05 -38.29 -13.76
CA ALA A 270 5.54 -39.46 -14.51
C ALA A 270 5.73 -39.15 -15.99
N VAL A 271 4.79 -38.39 -16.56
CA VAL A 271 4.89 -37.94 -17.96
C VAL A 271 6.09 -37.02 -18.15
N GLY A 272 6.29 -36.10 -17.20
CA GLY A 272 7.44 -35.18 -17.22
C GLY A 272 8.77 -35.90 -17.22
N ALA A 273 8.88 -36.95 -16.41
CA ALA A 273 10.12 -37.73 -16.30
C ALA A 273 10.40 -38.54 -17.57
N GLU A 274 9.34 -38.88 -18.30
CA GLU A 274 9.47 -39.66 -19.54
C GLU A 274 9.78 -38.75 -20.76
N PHE A 275 9.18 -37.56 -20.78
CA PHE A 275 8.95 -36.84 -22.04
C PHE A 275 9.62 -35.46 -22.07
N ASN A 276 9.72 -34.82 -20.91
CA ASN A 276 9.90 -33.37 -20.87
C ASN A 276 11.35 -32.94 -21.05
N ARG A 277 11.54 -31.80 -21.73
CA ARG A 277 12.87 -31.33 -22.08
C ARG A 277 13.46 -30.49 -20.97
N ILE A 278 13.75 -31.14 -19.85
CA ILE A 278 14.15 -30.46 -18.63
C ILE A 278 15.46 -31.07 -18.12
N ALA A 279 16.47 -30.23 -17.93
CA ALA A 279 17.78 -30.69 -17.48
C ALA A 279 17.77 -31.06 -16.00
N GLY A 280 17.19 -30.20 -15.17
CA GLY A 280 17.09 -30.45 -13.73
C GLY A 280 15.93 -31.36 -13.38
N GLU A 281 15.53 -31.32 -12.11
CA GLU A 281 14.73 -32.40 -11.53
C GLU A 281 13.30 -31.92 -11.22
N ASN A 282 13.05 -30.63 -11.44
CA ASN A 282 11.73 -30.04 -11.19
C ASN A 282 11.06 -29.56 -12.47
N CYS A 283 9.79 -29.96 -12.67
CA CYS A 283 9.12 -29.73 -13.96
C CYS A 283 7.61 -29.40 -13.82
N LEU A 284 7.13 -29.33 -12.59
CA LEU A 284 5.71 -29.00 -12.34
C LEU A 284 5.50 -27.53 -11.99
N TYR A 285 4.28 -27.05 -12.22
CA TYR A 285 3.97 -25.63 -12.09
C TYR A 285 2.52 -25.48 -11.60
N PHE A 286 2.36 -24.95 -10.40
CA PHE A 286 1.02 -24.72 -9.84
C PHE A 286 0.70 -23.24 -9.71
N GLU A 287 -0.58 -22.91 -9.81
CA GLU A 287 -1.04 -21.59 -9.44
C GLU A 287 -2.16 -21.64 -8.43
N THR A 288 -2.21 -20.63 -7.57
CA THR A 288 -3.08 -20.63 -6.41
C THR A 288 -3.71 -19.24 -6.27
N GLY A 289 -4.42 -19.02 -5.17
CA GLY A 289 -4.87 -17.66 -4.82
C GLY A 289 -6.06 -17.65 -3.90
N GLN A 290 -6.14 -16.60 -3.06
CA GLN A 290 -7.14 -16.53 -2.00
C GLN A 290 -8.52 -16.29 -2.57
N GLY A 291 -9.49 -17.10 -2.13
CA GLY A 291 -10.89 -16.91 -2.51
C GLY A 291 -11.42 -18.06 -3.35
N SER A 292 -10.52 -18.88 -3.89
CA SER A 292 -10.89 -19.93 -4.84
C SER A 292 -11.71 -21.04 -4.16
N ALA A 293 -11.35 -21.36 -2.93
CA ALA A 293 -12.08 -22.35 -2.14
C ALA A 293 -13.45 -21.83 -1.69
N LEU A 294 -13.49 -20.55 -1.30
CA LEU A 294 -14.77 -19.85 -1.03
C LEU A 294 -15.70 -19.90 -2.24
N SER A 295 -15.15 -19.58 -3.41
CA SER A 295 -15.91 -19.58 -4.67
C SER A 295 -16.47 -20.96 -4.98
N ALA A 296 -15.80 -22.00 -4.49
CA ALA A 296 -16.13 -23.36 -4.81
C ALA A 296 -17.17 -23.93 -3.83
N GLY A 297 -17.46 -23.18 -2.77
CA GLY A 297 -18.20 -23.71 -1.61
C GLY A 297 -17.43 -24.79 -0.88
N ALA A 298 -16.10 -24.67 -0.88
CA ALA A 298 -15.22 -25.78 -0.53
C ALA A 298 -14.25 -25.37 0.57
N ASN A 299 -14.58 -24.29 1.26
CA ASN A 299 -13.76 -23.79 2.36
C ASN A 299 -14.21 -24.35 3.71
N PHE A 300 -15.46 -24.83 3.76
CA PHE A 300 -16.00 -25.53 4.96
C PHE A 300 -15.94 -24.66 6.23
N GLY A 301 -16.20 -23.36 6.07
CA GLY A 301 -16.24 -22.43 7.20
C GLY A 301 -14.86 -21.91 7.59
N ALA A 302 -13.84 -22.28 6.82
CA ALA A 302 -12.49 -21.77 7.04
C ALA A 302 -12.22 -20.52 6.23
N ASP A 303 -11.37 -19.66 6.77
CA ASP A 303 -10.95 -18.43 6.08
C ASP A 303 -10.05 -18.75 4.87
N GLN A 304 -9.88 -17.76 4.00
CA GLN A 304 -9.25 -17.97 2.71
C GLN A 304 -7.71 -18.08 2.82
N VAL A 305 -7.16 -17.53 3.91
CA VAL A 305 -5.70 -17.59 4.15
C VAL A 305 -5.28 -19.01 4.58
N THR A 306 -6.04 -19.61 5.50
CA THR A 306 -5.83 -21.02 5.90
C THR A 306 -6.01 -21.99 4.71
N MET A 307 -7.04 -21.75 3.90
CA MET A 307 -7.27 -22.55 2.68
C MET A 307 -6.13 -22.40 1.67
N GLU A 308 -5.59 -21.20 1.57
CA GLU A 308 -4.50 -20.92 0.64
C GLU A 308 -3.18 -21.56 1.10
N ALA A 309 -2.99 -21.64 2.41
CA ALA A 309 -1.87 -22.37 2.99
C ALA A 309 -1.93 -23.86 2.66
N ARG A 310 -3.14 -24.40 2.59
CA ARG A 310 -3.35 -25.83 2.30
C ARG A 310 -3.04 -26.18 0.84
N ASN A 311 -3.18 -25.18 -0.04
CA ASN A 311 -2.62 -25.26 -1.40
C ASN A 311 -1.12 -25.57 -1.40
N TYR A 312 -0.38 -24.91 -0.52
CA TYR A 312 1.06 -25.02 -0.50
C TYR A 312 1.49 -26.33 0.13
N GLY A 313 0.70 -26.82 1.08
CA GLY A 313 0.87 -28.17 1.61
C GLY A 313 0.62 -29.25 0.57
N LEU A 314 -0.38 -29.02 -0.29
CA LEU A 314 -0.63 -29.89 -1.43
C LEU A 314 0.52 -29.83 -2.45
N ALA A 315 0.93 -28.59 -2.79
CA ALA A 315 1.96 -28.37 -3.81
C ALA A 315 3.29 -28.99 -3.42
N ARG A 316 3.66 -28.84 -2.14
CA ARG A 316 4.97 -29.32 -1.61
C ARG A 316 5.19 -30.80 -1.89
N HIS A 317 4.11 -31.58 -1.84
CA HIS A 317 4.17 -33.02 -2.06
C HIS A 317 4.76 -33.39 -3.43
N TYR A 318 4.60 -32.51 -4.40
CA TYR A 318 4.95 -32.81 -5.77
C TYR A 318 6.24 -32.10 -6.20
N ASP A 319 6.86 -31.36 -5.25
CA ASP A 319 8.17 -30.69 -5.48
C ASP A 319 8.24 -29.97 -6.85
N PRO A 320 7.34 -28.96 -7.07
CA PRO A 320 7.25 -28.29 -8.36
C PRO A 320 8.43 -27.35 -8.60
N PHE A 321 8.68 -27.00 -9.86
CA PHE A 321 9.70 -26.02 -10.19
C PHE A 321 9.32 -24.64 -9.69
N ILE A 322 8.06 -24.25 -9.93
CA ILE A 322 7.55 -22.96 -9.49
C ILE A 322 6.10 -23.06 -9.02
N VAL A 323 5.77 -22.30 -7.97
CA VAL A 323 4.37 -21.97 -7.65
C VAL A 323 4.23 -20.46 -7.52
N ASN A 324 3.14 -19.91 -8.05
CA ASN A 324 2.70 -18.56 -7.66
C ASN A 324 1.23 -18.46 -7.31
N THR A 325 0.94 -17.67 -6.29
CA THR A 325 -0.37 -17.08 -6.12
C THR A 325 -0.68 -16.10 -7.24
N VAL A 326 -1.94 -16.01 -7.59
CA VAL A 326 -2.42 -14.96 -8.45
C VAL A 326 -3.30 -14.00 -7.66
N VAL A 327 -2.70 -12.95 -7.11
CA VAL A 327 -3.11 -12.44 -5.80
C VAL A 327 -4.48 -11.71 -5.85
N GLY A 328 -4.63 -10.82 -6.84
CA GLY A 328 -5.91 -10.14 -7.06
C GLY A 328 -6.54 -10.50 -8.40
N PHE A 329 -6.60 -11.80 -8.70
CA PHE A 329 -6.99 -12.27 -10.02
C PHE A 329 -8.50 -12.30 -10.20
N ILE A 330 -9.24 -12.43 -9.09
CA ILE A 330 -10.66 -12.73 -9.15
C ILE A 330 -11.53 -11.47 -9.01
N GLY A 331 -11.40 -10.79 -7.87
CA GLY A 331 -11.86 -9.40 -7.74
C GLY A 331 -12.22 -9.02 -6.32
N PRO A 332 -12.99 -7.90 -6.17
CA PRO A 332 -13.12 -7.19 -4.88
C PRO A 332 -13.93 -7.99 -3.86
N GLU A 333 -14.53 -9.07 -4.33
CA GLU A 333 -15.34 -9.94 -3.50
C GLU A 333 -14.50 -10.66 -2.44
N TYR A 334 -13.24 -10.95 -2.77
CA TYR A 334 -12.35 -11.68 -1.87
C TYR A 334 -11.22 -10.81 -1.35
N LEU A 335 -10.70 -9.94 -2.23
CA LEU A 335 -9.78 -8.89 -1.81
C LEU A 335 -10.10 -7.56 -2.50
N TYR A 336 -10.41 -6.54 -1.70
CA TYR A 336 -11.19 -5.39 -2.17
C TYR A 336 -10.28 -4.30 -2.76
N ASN A 337 -9.18 -4.00 -2.06
CA ASN A 337 -8.38 -2.80 -2.35
C ASN A 337 -6.87 -3.04 -2.29
N ASP A 338 -6.09 -1.95 -2.43
CA ASP A 338 -4.61 -2.02 -2.34
C ASP A 338 -4.15 -2.70 -1.07
N ARG A 339 -4.66 -2.21 0.07
CA ARG A 339 -4.22 -2.68 1.39
C ARG A 339 -4.40 -4.20 1.54
N GLN A 340 -5.54 -4.70 1.08
CA GLN A 340 -5.88 -6.12 1.22
C GLN A 340 -5.10 -6.99 0.24
N ILE A 341 -4.90 -6.47 -0.98
CA ILE A 341 -4.15 -7.21 -2.00
C ILE A 341 -2.65 -7.31 -1.66
N ILE A 342 -2.06 -6.19 -1.20
CA ILE A 342 -0.67 -6.18 -0.67
C ILE A 342 -0.52 -7.19 0.49
N ARG A 343 -1.42 -7.11 1.48
CA ARG A 343 -1.34 -7.98 2.67
C ARG A 343 -1.43 -9.46 2.29
N ALA A 344 -2.37 -9.78 1.39
CA ALA A 344 -2.52 -11.17 0.89
C ALA A 344 -1.27 -11.65 0.17
N GLY A 345 -0.70 -10.79 -0.68
CA GLY A 345 0.52 -11.14 -1.43
C GLY A 345 1.70 -11.46 -0.53
N LEU A 346 1.87 -10.68 0.52
CA LEU A 346 2.93 -10.92 1.50
C LEU A 346 2.66 -12.17 2.34
N GLU A 347 1.39 -12.38 2.70
CA GLU A 347 0.94 -13.63 3.40
C GLU A 347 1.22 -14.86 2.55
N ASP A 348 0.74 -14.82 1.30
CA ASP A 348 0.82 -15.97 0.41
C ASP A 348 2.28 -16.37 0.15
N HIS A 349 3.13 -15.38 -0.08
CA HIS A 349 4.53 -15.63 -0.35
C HIS A 349 5.26 -16.19 0.87
N PHE A 350 4.99 -15.60 2.05
CA PHE A 350 5.58 -16.09 3.30
C PHE A 350 5.18 -17.53 3.57
N MET A 351 3.90 -17.84 3.36
CA MET A 351 3.39 -19.18 3.62
C MET A 351 3.93 -20.18 2.63
N GLY A 352 4.06 -19.76 1.37
CA GLY A 352 4.71 -20.58 0.34
C GLY A 352 6.15 -20.92 0.71
N LYS A 353 6.93 -19.91 1.11
CA LYS A 353 8.33 -20.12 1.47
C LYS A 353 8.48 -20.96 2.74
N LEU A 354 7.60 -20.74 3.72
CA LEU A 354 7.59 -21.55 4.97
C LEU A 354 7.22 -23.02 4.70
N SER A 355 6.30 -23.23 3.75
CA SER A 355 5.92 -24.60 3.33
C SER A 355 7.02 -25.27 2.49
N GLY A 356 7.98 -24.47 2.02
CA GLY A 356 9.17 -25.00 1.35
C GLY A 356 8.96 -25.23 -0.13
N ILE A 357 8.12 -24.39 -0.74
CA ILE A 357 7.94 -24.41 -2.19
C ILE A 357 8.50 -23.17 -2.85
N SER A 358 8.68 -23.25 -4.17
CA SER A 358 9.38 -22.22 -4.92
C SER A 358 8.43 -21.08 -5.27
N MET A 359 8.24 -20.17 -4.32
CA MET A 359 7.06 -19.34 -4.30
C MET A 359 7.30 -18.01 -5.00
N GLY A 360 6.54 -17.77 -6.06
CA GLY A 360 6.45 -16.45 -6.65
C GLY A 360 5.09 -15.82 -6.48
N CYS A 361 4.85 -14.73 -7.21
CA CYS A 361 3.57 -14.04 -7.14
C CYS A 361 3.28 -13.31 -8.44
N ASP A 362 2.12 -13.62 -9.03
CA ASP A 362 1.46 -12.71 -9.94
C ASP A 362 0.86 -11.52 -9.18
N CYS A 363 1.64 -10.43 -9.07
CA CYS A 363 1.15 -9.17 -8.52
C CYS A 363 0.19 -8.50 -9.47
N CYS A 364 -1.10 -8.55 -9.15
CA CYS A 364 -2.14 -8.26 -10.11
C CYS A 364 -3.43 -7.73 -9.47
N TYR A 365 -4.29 -7.15 -10.31
CA TYR A 365 -5.59 -6.68 -9.87
C TYR A 365 -6.57 -6.76 -11.03
N THR A 366 -7.85 -6.57 -10.72
CA THR A 366 -8.88 -6.51 -11.75
C THR A 366 -9.52 -5.14 -11.80
N ASN A 367 -10.25 -4.87 -12.88
CA ASN A 367 -10.76 -3.54 -13.16
C ASN A 367 -12.02 -3.20 -12.38
N HIS A 368 -12.61 -4.22 -11.73
CA HIS A 368 -13.74 -3.99 -10.82
C HIS A 368 -13.34 -3.99 -9.34
N ALA A 369 -12.05 -4.21 -9.07
CA ALA A 369 -11.48 -3.99 -7.73
C ALA A 369 -10.97 -2.56 -7.57
N ASP A 370 -10.97 -2.08 -6.31
CA ASP A 370 -10.51 -0.72 -6.01
C ASP A 370 -8.97 -0.65 -5.97
N ALA A 371 -8.36 -0.51 -7.14
CA ALA A 371 -6.95 -0.83 -7.33
C ALA A 371 -6.48 -0.29 -8.67
N ASP A 372 -5.20 0.10 -8.73
CA ASP A 372 -4.58 0.48 -10.01
C ASP A 372 -3.15 -0.06 -10.16
N GLN A 373 -2.44 0.43 -11.17
CA GLN A 373 -1.14 -0.13 -11.55
C GLN A 373 -0.05 0.23 -10.55
N ASN A 374 -0.27 1.34 -9.84
CA ASN A 374 0.62 1.74 -8.74
C ASN A 374 0.65 0.72 -7.58
N LEU A 375 -0.47 0.01 -7.40
CA LEU A 375 -0.52 -1.10 -6.43
C LEU A 375 0.37 -2.28 -6.84
N ASN A 376 0.29 -2.65 -8.13
CA ASN A 376 1.18 -3.67 -8.69
C ASN A 376 2.65 -3.35 -8.45
N GLU A 377 2.97 -2.05 -8.51
CA GLU A 377 4.35 -1.60 -8.41
C GLU A 377 4.82 -1.50 -6.95
N ASN A 378 3.92 -1.07 -6.05
CA ASN A 378 4.13 -1.23 -4.61
C ASN A 378 4.42 -2.68 -4.23
N LEU A 379 3.56 -3.60 -4.68
CA LEU A 379 3.57 -4.98 -4.21
C LEU A 379 4.78 -5.75 -4.77
N MET A 380 5.07 -5.55 -6.06
CA MET A 380 6.17 -6.25 -6.73
C MET A 380 7.52 -5.96 -6.06
N ILE A 381 7.67 -4.73 -5.57
CA ILE A 381 8.93 -4.30 -4.99
C ILE A 381 9.07 -4.80 -3.56
N LEU A 382 7.97 -4.72 -2.80
CA LEU A 382 7.90 -5.30 -1.45
C LEU A 382 8.20 -6.81 -1.47
N LEU A 383 7.61 -7.51 -2.43
CA LEU A 383 7.82 -8.95 -2.55
C LEU A 383 9.22 -9.27 -3.05
N ALA A 384 9.78 -8.41 -3.90
CA ALA A 384 11.17 -8.56 -4.36
C ALA A 384 12.17 -8.49 -3.20
N THR A 385 11.95 -7.54 -2.29
CA THR A 385 12.75 -7.46 -1.04
C THR A 385 12.56 -8.70 -0.15
N ALA A 386 11.38 -9.33 -0.26
CA ALA A 386 11.09 -10.57 0.47
C ALA A 386 11.74 -11.80 -0.20
N GLY A 387 12.39 -11.58 -1.34
CA GLY A 387 13.05 -12.68 -2.08
C GLY A 387 12.05 -13.55 -2.84
N CYS A 388 10.89 -12.96 -3.16
CA CYS A 388 9.95 -13.55 -4.16
C CYS A 388 10.67 -14.10 -5.36
N ASN A 389 10.38 -15.35 -5.70
CA ASN A 389 11.15 -16.08 -6.70
C ASN A 389 10.93 -15.55 -8.10
N TYR A 390 9.71 -15.12 -8.40
CA TYR A 390 9.37 -14.57 -9.72
C TYR A 390 8.03 -13.83 -9.75
N ILE A 391 7.90 -12.89 -10.69
CA ILE A 391 6.62 -12.31 -11.05
C ILE A 391 6.26 -12.66 -12.52
N MET A 392 5.13 -12.14 -12.99
CA MET A 392 4.77 -12.24 -14.42
C MET A 392 5.40 -11.11 -15.23
N GLY A 393 5.47 -11.30 -16.54
CA GLY A 393 5.69 -10.20 -17.46
C GLY A 393 4.71 -10.20 -18.60
N MET A 394 4.07 -9.05 -18.81
CA MET A 394 3.33 -8.78 -20.05
C MET A 394 3.57 -7.34 -20.51
N PRO A 395 3.31 -7.05 -21.83
CA PRO A 395 3.53 -5.70 -22.35
C PRO A 395 2.72 -4.64 -21.60
N LEU A 396 3.42 -3.82 -20.80
CA LEU A 396 2.76 -2.88 -19.82
C LEU A 396 1.76 -3.55 -18.84
N GLY A 397 1.78 -4.89 -18.81
CA GLY A 397 0.96 -5.64 -17.86
C GLY A 397 -0.48 -5.85 -18.32
N ASP A 398 -0.77 -5.46 -19.56
CA ASP A 398 -2.12 -5.59 -20.12
C ASP A 398 -2.32 -6.99 -20.72
N ASP A 399 -3.13 -7.82 -20.05
CA ASP A 399 -3.64 -9.07 -20.65
C ASP A 399 -4.84 -8.80 -21.50
N ILE A 400 -4.71 -9.05 -22.79
CA ILE A 400 -5.73 -8.68 -23.75
C ILE A 400 -6.92 -9.67 -23.75
N MET A 401 -6.87 -10.63 -22.83
CA MET A 401 -7.43 -11.95 -23.06
C MET A 401 -7.91 -12.60 -21.75
N LEU A 402 -7.10 -12.45 -20.70
CA LEU A 402 -7.54 -12.82 -19.33
C LEU A 402 -8.20 -11.65 -18.61
N ASN A 403 -8.16 -10.47 -19.25
CA ASN A 403 -8.92 -9.28 -18.78
C ASN A 403 -8.53 -8.84 -17.36
N TYR A 404 -7.24 -8.60 -17.17
CA TYR A 404 -6.73 -8.07 -15.91
C TYR A 404 -5.36 -7.42 -16.16
N GLN A 405 -4.81 -6.80 -15.12
CA GLN A 405 -3.50 -6.16 -15.23
C GLN A 405 -2.48 -6.76 -14.27
N THR A 406 -1.43 -7.37 -14.84
CA THR A 406 -0.27 -7.81 -14.05
C THR A 406 0.90 -6.80 -14.18
N THR A 407 2.11 -7.29 -13.90
CA THR A 407 3.31 -6.44 -13.99
C THR A 407 3.85 -6.37 -15.43
N ALA A 408 4.50 -5.26 -15.75
CA ALA A 408 5.14 -5.07 -17.06
C ALA A 408 6.43 -5.87 -17.17
N PHE A 409 6.88 -6.09 -18.42
CA PHE A 409 8.31 -6.42 -18.70
C PHE A 409 9.24 -5.39 -18.07
N HIS A 410 8.86 -4.11 -18.20
CA HIS A 410 9.56 -3.00 -17.56
C HIS A 410 9.84 -3.26 -16.08
N ASP A 411 8.87 -3.87 -15.41
CA ASP A 411 8.86 -3.94 -13.96
C ASP A 411 9.91 -4.92 -13.43
N THR A 412 10.17 -6.00 -14.19
CA THR A 412 11.22 -6.97 -13.84
C THR A 412 12.62 -6.34 -13.98
N ALA A 413 12.85 -5.66 -15.10
CA ALA A 413 14.09 -4.89 -15.30
C ALA A 413 14.28 -3.82 -14.21
N THR A 414 13.18 -3.15 -13.84
CA THR A 414 13.21 -2.12 -12.79
C THR A 414 13.60 -2.72 -11.44
N VAL A 415 12.92 -3.80 -11.05
CA VAL A 415 13.21 -4.51 -9.79
C VAL A 415 14.69 -4.96 -9.72
N ARG A 416 15.17 -5.54 -10.83
CA ARG A 416 16.52 -6.09 -10.88
C ARG A 416 17.57 -4.99 -10.71
N GLN A 417 17.34 -3.85 -11.37
CA GLN A 417 18.32 -2.78 -11.39
C GLN A 417 18.18 -1.87 -10.16
N LEU A 418 16.97 -1.79 -9.62
CA LEU A 418 16.75 -1.13 -8.31
C LEU A 418 17.49 -1.85 -7.19
N LEU A 419 17.40 -3.18 -7.18
CA LEU A 419 17.72 -3.95 -5.98
C LEU A 419 19.01 -4.75 -6.17
N ASN A 420 19.68 -4.54 -7.32
CA ASN A 420 20.93 -5.27 -7.65
C ASN A 420 20.72 -6.79 -7.70
N LEU A 421 19.64 -7.21 -8.35
CA LEU A 421 19.36 -8.62 -8.54
C LEU A 421 19.63 -9.05 -9.97
N ARG A 422 20.09 -10.29 -10.13
CA ARG A 422 20.32 -10.86 -11.45
C ARG A 422 19.17 -11.79 -11.84
N PRO A 423 19.09 -12.18 -13.15
CA PRO A 423 18.23 -13.30 -13.54
C PRO A 423 18.79 -14.64 -13.02
N SER A 424 18.03 -15.72 -13.25
CA SER A 424 18.62 -17.06 -13.29
C SER A 424 19.97 -17.06 -14.03
N PRO A 425 21.03 -17.62 -13.38
CA PRO A 425 22.42 -17.53 -13.88
C PRO A 425 22.56 -18.08 -15.31
N GLU A 426 21.81 -19.14 -15.62
CA GLU A 426 21.78 -19.71 -16.97
C GLU A 426 21.20 -18.71 -17.98
N PHE A 427 20.09 -18.09 -17.60
CA PHE A 427 19.38 -17.15 -18.48
C PHE A 427 20.15 -15.84 -18.61
N GLU A 428 20.76 -15.39 -17.51
CA GLU A 428 21.63 -14.22 -17.52
C GLU A 428 22.79 -14.39 -18.52
N ARG A 429 23.43 -15.57 -18.49
CA ARG A 429 24.47 -15.93 -19.48
C ARG A 429 23.96 -15.75 -20.91
N TRP A 430 22.74 -16.21 -21.18
CA TRP A 430 22.13 -16.08 -22.50
C TRP A 430 21.87 -14.61 -22.87
N LEU A 431 21.36 -13.84 -21.91
CA LEU A 431 21.09 -12.40 -22.12
C LEU A 431 22.37 -11.62 -22.43
N GLU A 432 23.48 -12.03 -21.79
CA GLU A 432 24.78 -11.43 -22.04
C GLU A 432 25.31 -11.81 -23.42
N SER A 433 25.05 -13.05 -23.83
CA SER A 433 25.42 -13.52 -25.18
C SER A 433 24.69 -12.75 -26.28
N MET A 434 23.45 -12.34 -26.00
CA MET A 434 22.60 -11.67 -26.98
C MET A 434 22.84 -10.16 -27.01
N GLY A 435 23.63 -9.67 -26.04
CA GLY A 435 23.89 -8.24 -25.92
C GLY A 435 22.72 -7.47 -25.32
N ILE A 436 21.85 -8.20 -24.60
CA ILE A 436 20.68 -7.59 -23.96
C ILE A 436 21.01 -7.10 -22.55
N MET A 437 21.93 -7.81 -21.87
CA MET A 437 22.30 -7.48 -20.50
C MET A 437 23.82 -7.37 -20.33
N ALA A 438 24.26 -6.35 -19.62
CA ALA A 438 25.61 -6.32 -19.05
C ALA A 438 25.59 -5.95 -17.57
N ASN A 439 26.27 -6.75 -16.74
CA ASN A 439 26.33 -6.54 -15.27
C ASN A 439 24.95 -6.31 -14.62
N GLY A 440 23.95 -7.09 -15.05
CA GLY A 440 22.62 -7.04 -14.45
C GLY A 440 21.72 -5.97 -15.05
N ARG A 441 22.29 -5.15 -15.94
CA ARG A 441 21.58 -3.99 -16.46
C ARG A 441 21.24 -4.19 -17.90
N LEU A 442 20.04 -3.74 -18.29
CA LEU A 442 19.70 -3.59 -19.70
C LEU A 442 20.71 -2.70 -20.43
N THR A 443 21.27 -3.21 -21.52
CA THR A 443 22.14 -2.42 -22.38
C THR A 443 21.32 -1.45 -23.22
N LYS A 444 22.01 -0.64 -24.04
CA LYS A 444 21.36 0.39 -24.86
C LYS A 444 20.37 -0.21 -25.86
N ARG A 445 20.73 -1.34 -26.46
CA ARG A 445 19.91 -1.95 -27.50
C ARG A 445 18.89 -2.97 -26.95
N ALA A 446 18.76 -3.02 -25.62
CA ALA A 446 17.71 -3.81 -24.96
C ALA A 446 16.35 -3.12 -25.01
N GLY A 447 15.28 -3.87 -24.74
CA GLY A 447 13.91 -3.34 -24.80
C GLY A 447 13.40 -3.20 -26.21
N ASP A 448 14.05 -3.91 -27.15
CA ASP A 448 13.75 -3.75 -28.56
C ASP A 448 13.68 -5.12 -29.24
N PRO A 449 12.46 -5.58 -29.57
CA PRO A 449 12.24 -6.92 -30.10
C PRO A 449 12.73 -7.08 -31.55
N SER A 450 13.07 -5.95 -32.20
CA SER A 450 13.76 -5.96 -33.52
C SER A 450 15.15 -6.62 -33.45
N LEU A 451 15.71 -6.72 -32.24
CA LEU A 451 17.06 -7.25 -32.03
C LEU A 451 17.18 -8.72 -32.50
N PHE A 452 16.06 -9.44 -32.48
CA PHE A 452 16.05 -10.87 -32.78
C PHE A 452 15.92 -11.16 -34.29
N PHE A 453 16.03 -10.10 -35.09
CA PHE A 453 15.65 -10.16 -36.50
C PHE A 453 16.77 -9.64 -37.41
N ALA B 12 -0.51 17.61 -31.02
CA ALA B 12 -1.67 17.19 -30.19
C ALA B 12 -2.07 15.75 -30.50
N LEU B 13 -2.57 15.04 -29.49
CA LEU B 13 -2.92 13.63 -29.63
C LEU B 13 -4.05 13.23 -28.67
N ASP B 14 -5.11 12.64 -29.22
CA ASP B 14 -6.07 11.85 -28.44
C ASP B 14 -5.48 10.50 -28.08
N LEU B 15 -5.45 10.18 -26.79
CA LEU B 15 -4.92 8.90 -26.31
C LEU B 15 -5.84 7.72 -26.70
N GLY B 16 -7.09 8.04 -27.04
CA GLY B 16 -8.06 7.03 -27.47
C GLY B 16 -8.00 6.72 -28.96
N SER B 17 -7.22 7.52 -29.70
CA SER B 17 -7.20 7.43 -31.17
C SER B 17 -6.43 6.20 -31.66
N ALA B 18 -6.61 5.85 -32.93
CA ALA B 18 -5.91 4.72 -33.55
C ALA B 18 -4.43 5.03 -33.76
N GLU B 19 -4.11 6.32 -33.97
CA GLU B 19 -2.72 6.78 -34.12
C GLU B 19 -1.92 6.62 -32.82
N ALA B 20 -2.58 6.90 -31.68
CA ALA B 20 -1.97 6.71 -30.36
C ALA B 20 -1.76 5.23 -30.05
N LYS B 21 -2.69 4.39 -30.53
CA LYS B 21 -2.60 2.93 -30.31
C LYS B 21 -1.50 2.30 -31.17
N ALA B 22 -1.22 2.93 -32.32
CA ALA B 22 -0.26 2.37 -33.28
C ALA B 22 1.18 2.77 -32.95
N TRP B 23 1.34 3.62 -31.93
CA TRP B 23 2.58 4.38 -31.72
C TRP B 23 3.75 3.46 -31.37
N ILE B 24 4.85 3.59 -32.11
CA ILE B 24 6.08 2.85 -31.81
C ILE B 24 7.10 3.75 -31.10
N GLY B 25 7.56 3.31 -29.92
CA GLY B 25 8.27 4.19 -29.00
C GLY B 25 9.74 3.81 -28.84
N VAL B 26 10.13 2.68 -29.42
CA VAL B 26 11.54 2.26 -29.44
C VAL B 26 12.40 3.24 -30.26
N GLU B 27 13.50 3.70 -29.67
CA GLU B 27 14.05 5.02 -29.99
C GLU B 27 15.23 4.94 -30.96
N ASN B 28 16.06 3.90 -30.82
CA ASN B 28 16.98 3.51 -31.87
C ASN B 28 16.83 2.05 -32.28
N PRO B 29 15.83 1.77 -33.16
CA PRO B 29 15.46 0.40 -33.53
C PRO B 29 16.59 -0.29 -34.26
N HIS B 30 16.78 -1.58 -33.99
CA HIS B 30 17.59 -2.42 -34.85
C HIS B 30 16.99 -2.50 -36.25
N ARG B 31 15.70 -2.82 -36.32
CA ARG B 31 14.99 -2.95 -37.60
C ARG B 31 13.55 -2.46 -37.46
N ALA B 32 13.30 -1.22 -37.89
CA ALA B 32 12.04 -0.55 -37.60
C ALA B 32 10.90 -1.02 -38.52
N ASP B 33 11.27 -1.76 -39.57
CA ASP B 33 10.30 -2.43 -40.44
C ASP B 33 9.73 -3.69 -39.80
N VAL B 34 10.58 -4.42 -39.06
CA VAL B 34 10.12 -5.49 -38.18
C VAL B 34 9.25 -4.94 -37.05
N LEU B 35 9.68 -3.82 -36.46
CA LEU B 35 8.93 -3.15 -35.38
C LEU B 35 7.49 -2.83 -35.80
N THR B 36 7.32 -2.41 -37.05
CA THR B 36 6.01 -2.07 -37.59
C THR B 36 5.15 -3.33 -37.85
N GLU B 37 5.81 -4.42 -38.28
CA GLU B 37 5.12 -5.70 -38.51
C GLU B 37 4.73 -6.37 -37.19
N LEU B 38 5.48 -6.08 -36.14
CA LEU B 38 5.23 -6.65 -34.82
C LEU B 38 4.09 -5.94 -34.10
N ARG B 39 4.04 -4.60 -34.25
CA ARG B 39 2.93 -3.79 -33.69
C ARG B 39 1.60 -4.11 -34.37
N ARG B 40 1.66 -4.47 -35.65
CA ARG B 40 0.46 -4.77 -36.44
C ARG B 40 -0.11 -6.16 -36.10
N SER B 41 0.74 -7.05 -35.58
CA SER B 41 0.40 -8.47 -35.48
C SER B 41 -0.31 -8.80 -34.15
N THR B 42 -0.39 -7.80 -33.26
CA THR B 42 -0.98 -8.00 -31.93
C THR B 42 -1.64 -6.71 -31.41
N VAL B 43 -2.63 -6.86 -30.54
CA VAL B 43 -3.24 -5.70 -29.85
C VAL B 43 -2.72 -5.56 -28.41
N ALA B 44 -1.80 -6.44 -28.03
CA ALA B 44 -0.96 -6.24 -26.84
C ALA B 44 -0.02 -5.06 -27.02
N ARG B 45 0.32 -4.41 -25.90
CA ARG B 45 0.89 -3.07 -25.95
C ARG B 45 2.41 -3.11 -26.16
N VAL B 46 2.82 -3.69 -27.28
CA VAL B 46 4.24 -3.93 -27.55
C VAL B 46 4.89 -2.70 -28.21
N CYS B 47 6.24 -2.71 -28.26
CA CYS B 47 7.02 -1.77 -29.12
C CYS B 47 6.93 -0.30 -28.64
N THR B 48 6.60 -0.12 -27.35
CA THR B 48 6.43 1.23 -26.79
C THR B 48 7.76 1.81 -26.28
N GLY B 49 8.80 0.99 -26.28
CA GLY B 49 10.13 1.42 -25.86
C GLY B 49 10.24 1.58 -24.35
N ARG B 50 11.18 2.41 -23.91
CA ARG B 50 11.46 2.56 -22.48
C ARG B 50 12.18 3.89 -22.18
N ALA B 51 11.97 4.40 -20.98
CA ALA B 51 12.92 5.32 -20.37
C ALA B 51 13.62 4.68 -19.18
N GLY B 52 14.89 4.35 -19.35
CA GLY B 52 15.56 3.39 -18.49
C GLY B 52 14.91 2.02 -18.53
N PRO B 53 14.56 1.47 -17.36
CA PRO B 53 13.73 0.28 -17.27
C PRO B 53 12.24 0.63 -17.04
N ARG B 54 11.91 1.92 -17.13
CA ARG B 54 10.53 2.37 -16.93
C ARG B 54 9.82 2.58 -18.29
N PRO B 55 8.47 2.49 -18.31
CA PRO B 55 7.67 2.81 -19.51
C PRO B 55 7.88 4.24 -19.97
N ARG B 56 7.76 4.46 -21.28
CA ARG B 56 7.74 5.81 -21.84
C ARG B 56 6.45 6.55 -21.46
N THR B 57 6.51 7.89 -21.49
CA THR B 57 5.46 8.73 -20.90
C THR B 57 4.12 8.54 -21.60
N GLN B 58 4.15 8.53 -22.94
CA GLN B 58 2.94 8.35 -23.75
C GLN B 58 2.30 6.97 -23.52
N ALA B 59 3.14 5.95 -23.35
CA ALA B 59 2.68 4.59 -23.05
C ALA B 59 1.99 4.51 -21.70
N LEU B 60 2.53 5.22 -20.71
CA LEU B 60 1.91 5.33 -19.39
C LEU B 60 0.60 6.13 -19.44
N LEU B 61 0.60 7.21 -20.22
CA LEU B 61 -0.56 8.10 -20.34
C LEU B 61 -1.74 7.38 -20.98
N ARG B 62 -1.46 6.57 -22.01
CA ARG B 62 -2.49 5.83 -22.72
C ARG B 62 -2.97 4.62 -21.92
N PHE B 63 -2.06 4.02 -21.14
CA PHE B 63 -2.43 3.06 -20.10
C PHE B 63 -3.44 3.67 -19.12
N LEU B 64 -3.12 4.87 -18.63
CA LEU B 64 -3.90 5.52 -17.58
C LEU B 64 -5.27 5.96 -18.12
N ALA B 65 -5.29 6.42 -19.37
CA ALA B 65 -6.55 6.81 -20.04
C ALA B 65 -7.48 5.62 -20.23
N ASP B 66 -6.91 4.48 -20.65
CA ASP B 66 -7.68 3.26 -20.87
C ASP B 66 -8.25 2.71 -19.56
N HIS B 67 -7.53 2.95 -18.46
CA HIS B 67 -7.96 2.48 -17.15
C HIS B 67 -9.12 3.31 -16.60
N SER B 68 -9.07 4.62 -16.84
CA SER B 68 -10.16 5.53 -16.46
C SER B 68 -11.49 5.15 -17.13
N ARG B 69 -11.40 4.65 -18.35
CA ARG B 69 -12.57 4.31 -19.14
C ARG B 69 -13.03 2.86 -18.90
N SER B 70 -12.04 1.96 -18.72
CA SER B 70 -12.31 0.56 -18.28
C SER B 70 -13.03 0.53 -16.92
N LYS B 71 -12.68 1.48 -16.04
CA LYS B 71 -13.33 1.60 -14.73
C LYS B 71 -14.81 2.02 -14.85
N ASP B 72 -15.14 2.73 -15.93
CA ASP B 72 -16.52 3.14 -16.17
C ASP B 72 -17.37 1.99 -16.71
N THR B 73 -16.73 1.06 -17.43
CA THR B 73 -17.47 0.01 -18.17
C THR B 73 -18.00 -1.07 -17.25
N VAL B 74 -17.35 -1.26 -16.09
CA VAL B 74 -17.77 -2.27 -15.11
C VAL B 74 -19.10 -1.90 -14.42
N LEU B 75 -19.23 -0.62 -14.05
CA LEU B 75 -20.35 -0.19 -13.18
C LEU B 75 -21.58 0.26 -14.00
N LYS B 76 -21.43 0.29 -15.33
CA LYS B 76 -22.51 0.76 -16.19
C LYS B 76 -23.53 -0.34 -16.50
N GLU B 77 -24.79 0.05 -16.62
CA GLU B 77 -25.90 -0.90 -16.72
C GLU B 77 -26.70 -0.64 -17.98
N VAL B 78 -27.07 -1.72 -18.67
CA VAL B 78 -27.99 -1.62 -19.79
C VAL B 78 -29.43 -1.28 -19.31
N PRO B 79 -30.06 -0.26 -19.95
CA PRO B 79 -31.42 0.14 -19.57
C PRO B 79 -32.41 -1.01 -19.65
N GLU B 80 -33.36 -1.03 -18.71
CA GLU B 80 -34.52 -1.94 -18.78
C GLU B 80 -35.29 -1.79 -20.09
N GLU B 81 -35.21 -0.58 -20.67
CA GLU B 81 -35.84 -0.29 -21.96
C GLU B 81 -35.23 -1.10 -23.10
N TRP B 82 -33.90 -1.24 -23.08
CA TRP B 82 -33.19 -2.01 -24.12
C TRP B 82 -33.56 -3.49 -24.08
N VAL B 83 -33.70 -4.03 -22.86
CA VAL B 83 -34.06 -5.45 -22.67
C VAL B 83 -35.50 -5.73 -23.13
N LYS B 84 -36.41 -4.82 -22.77
CA LYS B 84 -37.80 -4.86 -23.26
C LYS B 84 -37.88 -4.71 -24.79
N ALA B 85 -36.96 -3.93 -25.36
CA ALA B 85 -36.93 -3.68 -26.82
C ALA B 85 -36.38 -4.88 -27.59
N GLN B 86 -35.60 -5.73 -26.90
CA GLN B 86 -35.13 -6.99 -27.49
C GLN B 86 -36.25 -8.04 -27.58
N GLY B 87 -37.36 -7.78 -26.88
CA GLY B 87 -38.43 -8.77 -26.75
C GLY B 87 -38.18 -9.77 -25.64
N LEU B 88 -37.22 -9.45 -24.77
CA LEU B 88 -36.83 -10.35 -23.67
C LEU B 88 -37.67 -10.10 -22.43
N LEU B 89 -38.11 -11.19 -21.79
CA LEU B 89 -38.23 -11.23 -20.33
C LEU B 89 -36.95 -10.73 -19.66
N GLU B 90 -37.09 -9.69 -18.83
CA GLU B 90 -36.10 -9.42 -17.80
C GLU B 90 -36.45 -10.09 -16.49
N VAL B 91 -35.47 -10.76 -15.91
CA VAL B 91 -35.60 -11.31 -14.59
C VAL B 91 -34.34 -10.98 -13.74
N ARG B 92 -34.49 -11.05 -12.41
CA ARG B 92 -33.43 -10.62 -11.48
C ARG B 92 -32.85 -11.80 -10.71
N SER B 93 -31.59 -11.68 -10.30
CA SER B 93 -31.07 -12.45 -9.16
C SER B 93 -31.48 -11.83 -7.82
N GLU B 94 -30.86 -12.30 -6.73
CA GLU B 94 -31.18 -11.81 -5.39
C GLU B 94 -30.59 -10.42 -5.13
N ILE B 95 -29.61 -10.02 -5.95
CA ILE B 95 -28.96 -8.72 -5.81
C ILE B 95 -29.87 -7.58 -6.30
N SER B 96 -29.90 -6.48 -5.54
CA SER B 96 -30.71 -5.31 -5.90
C SER B 96 -30.00 -4.41 -6.92
N ASP B 97 -28.69 -4.20 -6.71
CA ASP B 97 -27.96 -3.11 -7.41
C ASP B 97 -26.52 -3.52 -7.77
N LYS B 98 -25.78 -2.61 -8.40
CA LYS B 98 -24.45 -2.92 -8.94
C LYS B 98 -23.39 -3.01 -7.83
N ASN B 99 -23.57 -2.20 -6.78
CA ASN B 99 -22.65 -2.19 -5.63
C ASN B 99 -22.64 -3.52 -4.87
N LEU B 100 -23.83 -4.09 -4.68
CA LEU B 100 -23.97 -5.37 -3.98
C LEU B 100 -23.49 -6.52 -4.84
N TYR B 101 -23.67 -6.39 -6.17
CA TYR B 101 -23.27 -7.44 -7.11
C TYR B 101 -21.77 -7.73 -7.01
N LEU B 102 -20.97 -6.69 -6.79
CA LEU B 102 -19.52 -6.80 -6.85
C LEU B 102 -18.96 -7.52 -5.63
N THR B 103 -19.72 -7.53 -4.52
CA THR B 103 -19.21 -8.03 -3.24
C THR B 103 -19.92 -9.31 -2.79
N ARG B 104 -21.06 -9.61 -3.40
CA ARG B 104 -21.86 -10.78 -3.03
C ARG B 104 -22.12 -11.71 -4.23
N PRO B 105 -21.14 -12.60 -4.55
CA PRO B 105 -21.32 -13.59 -5.62
C PRO B 105 -22.35 -14.67 -5.23
N ASP B 106 -22.55 -14.89 -3.92
CA ASP B 106 -23.48 -15.91 -3.43
C ASP B 106 -24.94 -15.58 -3.75
N MET B 107 -25.26 -14.29 -3.79
CA MET B 107 -26.62 -13.84 -4.10
C MET B 107 -26.83 -13.67 -5.61
N GLY B 108 -25.72 -13.56 -6.35
CA GLY B 108 -25.76 -13.54 -7.81
C GLY B 108 -25.94 -14.92 -8.41
N ARG B 109 -25.72 -15.95 -7.59
CA ARG B 109 -25.89 -17.34 -8.02
C ARG B 109 -27.30 -17.87 -7.66
N ARG B 110 -28.13 -17.00 -7.09
CA ARG B 110 -29.51 -17.37 -6.73
C ARG B 110 -30.51 -16.42 -7.38
N LEU B 111 -31.53 -17.01 -8.03
CA LEU B 111 -32.73 -16.26 -8.42
C LEU B 111 -33.48 -15.73 -7.19
N CYS B 112 -34.06 -14.54 -7.33
CA CYS B 112 -34.94 -13.98 -6.29
C CYS B 112 -36.31 -14.69 -6.27
N ALA B 113 -37.16 -14.30 -5.31
CA ALA B 113 -38.41 -15.03 -5.04
C ALA B 113 -39.41 -14.88 -6.19
N GLU B 114 -39.48 -13.66 -6.75
CA GLU B 114 -40.37 -13.40 -7.90
C GLU B 114 -39.79 -13.97 -9.20
N ALA B 115 -38.49 -14.30 -9.18
CA ALA B 115 -37.80 -14.77 -10.37
C ALA B 115 -38.17 -16.20 -10.72
N VAL B 116 -38.21 -17.06 -9.69
CA VAL B 116 -38.67 -18.45 -9.85
C VAL B 116 -40.09 -18.50 -10.44
N GLU B 117 -40.96 -17.61 -9.95
CA GLU B 117 -42.37 -17.63 -10.32
C GLU B 117 -42.59 -17.12 -11.74
N ALA B 118 -41.83 -16.07 -12.11
CA ALA B 118 -41.91 -15.49 -13.47
C ALA B 118 -41.44 -16.48 -14.52
N LEU B 119 -40.43 -17.28 -14.17
CA LEU B 119 -39.86 -18.28 -15.08
C LEU B 119 -40.83 -19.45 -15.29
N LYS B 120 -41.47 -19.89 -14.21
CA LYS B 120 -42.49 -20.96 -14.28
C LYS B 120 -43.74 -20.49 -15.03
N ALA B 121 -44.04 -19.19 -14.91
CA ALA B 121 -45.25 -18.61 -15.51
C ALA B 121 -45.11 -18.51 -17.03
N GLN B 122 -43.91 -18.13 -17.49
CA GLN B 122 -43.77 -17.45 -18.77
C GLN B 122 -42.72 -18.13 -19.65
N CYS B 123 -42.09 -19.18 -19.13
CA CYS B 123 -41.14 -19.98 -19.91
C CYS B 123 -41.67 -21.36 -20.21
N VAL B 124 -41.31 -21.88 -21.38
CA VAL B 124 -41.74 -23.21 -21.79
C VAL B 124 -41.09 -24.30 -20.96
N ALA B 125 -41.84 -25.37 -20.70
CA ALA B 125 -41.43 -26.37 -19.75
C ALA B 125 -40.64 -27.47 -20.44
N ASN B 126 -39.60 -27.96 -19.76
CA ASN B 126 -38.70 -29.01 -20.31
C ASN B 126 -38.19 -28.73 -21.75
N PRO B 127 -37.37 -27.66 -21.91
CA PRO B 127 -36.64 -27.48 -23.16
C PRO B 127 -35.51 -28.49 -23.31
N ASP B 128 -35.15 -28.81 -24.54
CA ASP B 128 -33.89 -29.47 -24.83
C ASP B 128 -32.71 -28.52 -24.63
N VAL B 129 -32.82 -27.33 -25.23
CA VAL B 129 -31.82 -26.29 -25.02
C VAL B 129 -32.43 -25.01 -24.43
N GLN B 130 -31.78 -24.46 -23.42
CA GLN B 130 -32.24 -23.22 -22.78
C GLN B 130 -31.16 -22.16 -22.86
N VAL B 131 -31.48 -21.06 -23.53
CA VAL B 131 -30.53 -19.96 -23.66
C VAL B 131 -30.83 -18.84 -22.67
N VAL B 132 -29.86 -18.58 -21.79
CA VAL B 132 -29.97 -17.52 -20.80
C VAL B 132 -28.93 -16.42 -21.07
N ILE B 133 -29.33 -15.16 -20.91
CA ILE B 133 -28.43 -14.02 -21.10
C ILE B 133 -28.29 -13.23 -19.80
N SER B 134 -27.03 -12.93 -19.43
CA SER B 134 -26.77 -12.02 -18.32
C SER B 134 -25.76 -10.95 -18.67
N ASP B 135 -25.93 -9.76 -18.09
CA ASP B 135 -24.92 -8.70 -18.19
C ASP B 135 -23.60 -9.10 -17.52
N GLY B 136 -23.71 -9.79 -16.38
CA GLY B 136 -22.53 -10.26 -15.66
C GLY B 136 -21.67 -9.13 -15.17
N LEU B 137 -20.43 -9.09 -15.65
CA LEU B 137 -19.46 -8.09 -15.21
C LEU B 137 -19.16 -7.06 -16.30
N SER B 138 -19.73 -7.26 -17.49
CA SER B 138 -19.62 -6.28 -18.58
C SER B 138 -20.94 -6.15 -19.36
N THR B 139 -21.59 -5.00 -19.22
CA THR B 139 -22.78 -4.66 -20.01
C THR B 139 -22.48 -4.61 -21.51
N ASP B 140 -21.31 -4.04 -21.86
CA ASP B 140 -20.90 -3.91 -23.28
C ASP B 140 -20.80 -5.26 -23.99
N ALA B 141 -20.48 -6.30 -23.23
CA ALA B 141 -20.27 -7.63 -23.79
C ALA B 141 -21.55 -8.23 -24.39
N ILE B 142 -22.69 -7.93 -23.77
CA ILE B 142 -23.98 -8.35 -24.31
C ILE B 142 -24.63 -7.29 -25.19
N THR B 143 -24.39 -6.00 -24.87
CA THR B 143 -25.02 -4.88 -25.61
C THR B 143 -24.50 -4.78 -27.06
N VAL B 144 -23.18 -4.87 -27.22
CA VAL B 144 -22.56 -4.84 -28.56
C VAL B 144 -22.86 -6.12 -29.37
N ASN B 145 -22.86 -7.27 -28.70
CA ASN B 145 -22.77 -8.56 -29.39
C ASN B 145 -24.15 -9.21 -29.66
N TYR B 146 -25.20 -8.69 -29.01
CA TYR B 146 -26.48 -9.44 -28.82
C TYR B 146 -27.12 -9.79 -30.15
N GLU B 147 -27.41 -8.75 -30.95
CA GLU B 147 -28.15 -8.92 -32.21
C GLU B 147 -27.35 -9.77 -33.22
N GLU B 148 -26.04 -9.90 -32.97
CA GLU B 148 -25.15 -10.60 -33.87
C GLU B 148 -25.03 -12.10 -33.51
N ILE B 149 -25.28 -12.43 -32.25
CA ILE B 149 -25.11 -13.81 -31.76
C ILE B 149 -26.45 -14.56 -31.58
N LEU B 150 -27.50 -13.83 -31.20
CA LEU B 150 -28.72 -14.45 -30.64
C LEU B 150 -29.68 -15.03 -31.74
N PRO B 151 -29.98 -14.20 -32.82
CA PRO B 151 -30.74 -14.73 -33.97
C PRO B 151 -30.13 -16.05 -34.62
N PRO B 152 -28.79 -16.05 -34.96
CA PRO B 152 -28.23 -17.25 -35.61
C PRO B 152 -28.08 -18.44 -34.64
N LEU B 153 -28.04 -18.16 -33.33
CA LEU B 153 -28.10 -19.21 -32.30
C LEU B 153 -29.51 -19.81 -32.21
N MET B 154 -30.52 -18.94 -32.17
CA MET B 154 -31.92 -19.38 -32.02
C MET B 154 -32.39 -20.13 -33.24
N ALA B 155 -32.02 -19.65 -34.42
CA ALA B 155 -32.23 -20.36 -35.67
C ALA B 155 -31.47 -21.68 -35.67
N GLY B 156 -30.20 -21.64 -35.27
CA GLY B 156 -29.33 -22.83 -35.31
C GLY B 156 -29.92 -24.04 -34.59
N LEU B 157 -30.55 -23.79 -33.43
CA LEU B 157 -30.94 -24.86 -32.51
C LEU B 157 -32.27 -25.51 -32.93
N LYS B 158 -33.33 -24.69 -33.05
CA LYS B 158 -34.65 -25.17 -33.50
C LYS B 158 -34.64 -25.50 -34.99
N GLN B 159 -34.22 -24.52 -35.79
CA GLN B 159 -34.27 -24.66 -37.25
C GLN B 159 -33.10 -25.53 -37.75
N ALA B 160 -33.43 -26.69 -38.32
CA ALA B 160 -32.69 -27.96 -38.05
C ALA B 160 -32.42 -28.19 -36.54
N GLY B 161 -33.34 -28.89 -35.87
CA GLY B 161 -33.04 -29.55 -34.59
C GLY B 161 -34.29 -29.81 -33.77
N LEU B 162 -34.38 -29.16 -32.61
CA LEU B 162 -35.12 -29.72 -31.45
C LEU B 162 -35.87 -28.63 -30.67
N LYS B 163 -36.28 -28.97 -29.44
CA LYS B 163 -37.20 -28.13 -28.66
C LYS B 163 -36.44 -26.99 -27.97
N VAL B 164 -36.78 -25.76 -28.35
CA VAL B 164 -36.05 -24.59 -27.86
C VAL B 164 -36.87 -23.86 -26.78
N GLY B 165 -36.25 -23.69 -25.60
CA GLY B 165 -36.84 -22.87 -24.54
C GLY B 165 -36.83 -21.40 -24.86
N THR B 166 -37.74 -20.65 -24.25
CA THR B 166 -37.83 -19.23 -24.51
C THR B 166 -36.69 -18.44 -23.84
N PRO B 167 -35.99 -17.61 -24.63
CA PRO B 167 -34.85 -16.81 -24.17
C PRO B 167 -35.26 -15.74 -23.18
N PHE B 168 -34.47 -15.56 -22.13
CA PHE B 168 -34.70 -14.49 -21.17
C PHE B 168 -33.41 -13.89 -20.64
N PHE B 169 -33.49 -12.68 -20.13
CA PHE B 169 -32.33 -11.97 -19.61
C PHE B 169 -32.34 -11.98 -18.09
N VAL B 170 -31.20 -12.36 -17.49
CA VAL B 170 -30.99 -12.22 -16.05
C VAL B 170 -30.13 -10.99 -15.74
N ARG B 171 -30.69 -10.05 -14.99
CA ARG B 171 -29.91 -9.00 -14.37
C ARG B 171 -29.11 -9.54 -13.20
N TYR B 172 -27.83 -9.11 -13.12
CA TYR B 172 -26.96 -9.41 -11.96
C TYR B 172 -26.70 -10.91 -11.78
N GLY B 173 -26.44 -11.60 -12.89
CA GLY B 173 -26.23 -13.03 -12.88
C GLY B 173 -24.78 -13.41 -12.67
N ARG B 174 -24.55 -14.43 -11.86
CA ARG B 174 -23.31 -15.19 -11.92
C ARG B 174 -23.54 -16.56 -12.55
N VAL B 175 -22.45 -17.25 -12.88
CA VAL B 175 -22.52 -18.42 -13.77
C VAL B 175 -23.31 -19.59 -13.12
N LYS B 176 -23.19 -19.73 -11.80
CA LYS B 176 -23.81 -20.86 -11.06
C LYS B 176 -25.36 -20.75 -10.98
N ILE B 177 -25.90 -19.57 -11.34
CA ILE B 177 -27.37 -19.35 -11.35
C ILE B 177 -28.08 -20.21 -12.42
N GLU B 178 -27.31 -20.70 -13.39
CA GLU B 178 -27.85 -21.52 -14.46
C GLU B 178 -28.16 -22.96 -13.98
N ASP B 179 -27.66 -23.31 -12.80
CA ASP B 179 -28.02 -24.58 -12.16
C ASP B 179 -29.43 -24.52 -11.57
N GLN B 180 -29.79 -23.36 -11.01
CA GLN B 180 -31.15 -23.14 -10.54
C GLN B 180 -32.13 -23.01 -11.70
N ILE B 181 -31.70 -22.33 -12.75
CA ILE B 181 -32.53 -22.14 -13.95
C ILE B 181 -32.85 -23.49 -14.64
N GLY B 182 -31.84 -24.35 -14.74
CA GLY B 182 -32.00 -25.65 -15.39
C GLY B 182 -32.89 -26.61 -14.61
N GLU B 183 -32.93 -26.43 -13.29
CA GLU B 183 -33.78 -27.26 -12.42
C GLU B 183 -35.25 -26.85 -12.51
N ILE B 184 -35.49 -25.55 -12.43
CA ILE B 184 -36.85 -25.00 -12.43
C ILE B 184 -37.53 -25.22 -13.80
N LEU B 185 -36.77 -25.02 -14.87
CA LEU B 185 -37.29 -25.16 -16.23
C LEU B 185 -37.29 -26.62 -16.70
N GLY B 186 -36.54 -27.47 -15.99
CA GLY B 186 -36.40 -28.88 -16.37
C GLY B 186 -35.56 -29.07 -17.62
N ALA B 187 -34.57 -28.19 -17.79
CA ALA B 187 -33.84 -28.09 -19.05
C ALA B 187 -32.77 -29.17 -19.16
N LYS B 188 -32.61 -29.70 -20.36
CA LYS B 188 -31.57 -30.69 -20.63
C LYS B 188 -30.21 -30.02 -20.85
N VAL B 189 -30.21 -28.92 -21.59
CA VAL B 189 -29.00 -28.11 -21.78
C VAL B 189 -29.31 -26.63 -21.47
N VAL B 190 -28.51 -26.04 -20.59
CA VAL B 190 -28.58 -24.60 -20.33
C VAL B 190 -27.36 -23.88 -20.89
N ILE B 191 -27.59 -23.02 -21.88
CA ILE B 191 -26.55 -22.13 -22.40
C ILE B 191 -26.66 -20.73 -21.77
N LEU B 192 -25.61 -20.30 -21.09
CA LEU B 192 -25.53 -18.94 -20.57
C LEU B 192 -24.50 -18.10 -21.33
N LEU B 193 -24.96 -17.02 -21.95
CA LEU B 193 -24.07 -15.99 -22.47
C LEU B 193 -23.96 -14.82 -21.49
N VAL B 194 -22.74 -14.53 -21.07
CA VAL B 194 -22.50 -13.64 -19.93
C VAL B 194 -21.26 -12.74 -20.16
N GLY B 195 -21.34 -11.49 -19.71
CA GLY B 195 -20.18 -10.60 -19.69
C GLY B 195 -19.13 -11.00 -18.67
N GLU B 196 -17.98 -11.45 -19.16
CA GLU B 196 -16.80 -11.60 -18.31
C GLU B 196 -16.21 -10.23 -17.91
N ARG B 197 -15.39 -10.21 -16.86
CA ARG B 197 -14.81 -8.95 -16.33
C ARG B 197 -14.07 -8.16 -17.42
N PRO B 198 -14.21 -6.81 -17.43
CA PRO B 198 -13.65 -5.98 -18.49
C PRO B 198 -12.13 -5.97 -18.46
N GLY B 199 -11.52 -6.00 -19.64
CA GLY B 199 -10.09 -5.76 -19.76
C GLY B 199 -9.75 -4.29 -19.75
N LEU B 200 -8.48 -3.98 -19.97
CA LEU B 200 -8.00 -2.61 -19.88
C LEU B 200 -8.45 -1.79 -21.09
N GLY B 201 -8.25 -2.34 -22.28
CA GLY B 201 -8.58 -1.63 -23.52
C GLY B 201 -9.82 -2.19 -24.21
N GLN B 202 -10.63 -2.94 -23.45
CA GLN B 202 -11.60 -3.86 -24.04
C GLN B 202 -12.68 -4.23 -23.02
N SER B 203 -13.93 -4.19 -23.45
CA SER B 203 -15.06 -4.49 -22.58
C SER B 203 -16.14 -5.31 -23.28
N GLU B 204 -15.84 -5.77 -24.49
CA GLU B 204 -16.84 -6.39 -25.36
C GLU B 204 -16.85 -7.92 -25.20
N SER B 205 -16.01 -8.43 -24.30
CA SER B 205 -15.67 -9.86 -24.27
C SER B 205 -16.78 -10.68 -23.61
N LEU B 206 -17.34 -11.59 -24.39
CA LEU B 206 -18.46 -12.40 -23.94
C LEU B 206 -18.02 -13.87 -23.85
N SER B 207 -18.49 -14.58 -22.83
CA SER B 207 -18.28 -16.02 -22.75
C SER B 207 -19.59 -16.79 -22.72
N CYS B 208 -19.53 -18.04 -23.18
CA CYS B 208 -20.65 -18.96 -23.08
C CYS B 208 -20.34 -20.06 -22.07
N TYR B 209 -21.21 -20.20 -21.07
CA TYR B 209 -21.12 -21.32 -20.14
C TYR B 209 -22.30 -22.27 -20.30
N ALA B 210 -22.00 -23.50 -20.68
CA ALA B 210 -23.02 -24.46 -21.01
C ALA B 210 -22.87 -25.73 -20.18
N VAL B 211 -23.99 -26.19 -19.61
CA VAL B 211 -23.97 -27.39 -18.76
C VAL B 211 -25.15 -28.33 -19.08
N TYR B 212 -24.86 -29.62 -19.22
CA TYR B 212 -25.89 -30.62 -19.43
C TYR B 212 -26.60 -30.97 -18.13
N SER B 213 -27.89 -30.61 -18.06
CA SER B 213 -28.82 -31.17 -17.03
C SER B 213 -28.34 -30.91 -15.59
N PRO B 214 -28.30 -29.63 -15.18
CA PRO B 214 -27.59 -29.23 -13.97
C PRO B 214 -28.40 -29.52 -12.70
N ARG B 215 -27.70 -29.73 -11.59
CA ARG B 215 -28.35 -30.00 -10.31
C ARG B 215 -27.63 -29.29 -9.17
N MET B 216 -28.34 -28.41 -8.47
CA MET B 216 -27.71 -27.31 -7.69
C MET B 216 -26.68 -27.84 -6.69
N ALA B 217 -27.03 -28.94 -6.01
CA ALA B 217 -26.15 -29.54 -5.01
C ALA B 217 -25.46 -30.81 -5.56
N THR B 218 -25.02 -30.74 -6.83
CA THR B 218 -24.35 -31.88 -7.48
C THR B 218 -23.33 -31.42 -8.51
N THR B 219 -23.76 -30.57 -9.45
CA THR B 219 -22.89 -30.12 -10.55
C THR B 219 -21.75 -29.24 -10.06
N VAL B 220 -20.56 -29.52 -10.56
CA VAL B 220 -19.41 -28.68 -10.27
C VAL B 220 -19.02 -27.86 -11.49
N GLU B 221 -18.02 -27.00 -11.33
CA GLU B 221 -17.64 -26.06 -12.38
C GLU B 221 -17.06 -26.78 -13.59
N ALA B 222 -16.39 -27.92 -13.34
CA ALA B 222 -15.79 -28.72 -14.41
C ALA B 222 -16.84 -29.42 -15.29
N ASP B 223 -18.08 -29.51 -14.78
CA ASP B 223 -19.20 -30.06 -15.57
C ASP B 223 -19.68 -29.08 -16.65
N ARG B 224 -19.16 -27.86 -16.64
CA ARG B 224 -19.49 -26.87 -17.66
C ARG B 224 -18.48 -26.87 -18.79
N THR B 225 -18.95 -26.57 -20.00
CA THR B 225 -18.07 -26.18 -21.08
C THR B 225 -18.06 -24.65 -21.26
N CYS B 226 -16.85 -24.07 -21.24
CA CYS B 226 -16.67 -22.66 -21.49
C CYS B 226 -16.23 -22.42 -22.95
N ILE B 227 -16.93 -21.51 -23.63
CA ILE B 227 -16.36 -20.84 -24.82
C ILE B 227 -16.22 -19.34 -24.59
N SER B 228 -14.98 -18.87 -24.52
CA SER B 228 -14.69 -17.53 -24.02
C SER B 228 -14.25 -16.60 -25.14
N ASN B 229 -14.07 -15.31 -24.81
CA ASN B 229 -13.51 -14.31 -25.75
C ASN B 229 -14.30 -14.19 -27.06
N ILE B 230 -15.63 -14.31 -26.97
CA ILE B 230 -16.52 -13.97 -28.07
C ILE B 230 -16.65 -12.45 -28.22
N HIS B 231 -15.99 -11.92 -29.25
CA HIS B 231 -16.22 -10.54 -29.70
C HIS B 231 -15.53 -10.32 -31.06
N GLN B 232 -15.56 -9.08 -31.55
CA GLN B 232 -15.06 -8.77 -32.90
C GLN B 232 -13.53 -8.94 -33.01
N GLY B 233 -12.83 -8.76 -31.88
CA GLY B 233 -11.39 -9.01 -31.83
C GLY B 233 -11.06 -10.40 -31.29
N GLY B 234 -12.04 -11.29 -31.30
CA GLY B 234 -11.86 -12.67 -30.82
C GLY B 234 -12.35 -13.70 -31.81
N THR B 235 -13.09 -14.69 -31.32
CA THR B 235 -14.07 -15.40 -32.13
C THR B 235 -15.27 -14.49 -32.45
N PRO B 236 -15.51 -14.23 -33.76
CA PRO B 236 -16.65 -13.42 -34.22
C PRO B 236 -17.97 -13.96 -33.70
N PRO B 237 -18.84 -13.06 -33.19
CA PRO B 237 -20.13 -13.43 -32.56
C PRO B 237 -21.07 -14.22 -33.49
N VAL B 238 -20.89 -14.06 -34.81
CA VAL B 238 -21.68 -14.82 -35.80
C VAL B 238 -21.30 -16.30 -35.80
N GLU B 239 -20.01 -16.58 -35.87
CA GLU B 239 -19.52 -17.96 -36.02
C GLU B 239 -19.32 -18.64 -34.65
N ALA B 240 -19.37 -17.84 -33.59
CA ALA B 240 -19.49 -18.38 -32.23
C ALA B 240 -20.87 -18.98 -31.96
N ALA B 241 -21.90 -18.39 -32.59
CA ALA B 241 -23.27 -18.93 -32.50
C ALA B 241 -23.36 -20.34 -33.06
N ALA B 242 -22.65 -20.59 -34.18
CA ALA B 242 -22.62 -21.91 -34.81
C ALA B 242 -21.90 -22.95 -33.95
N VAL B 243 -20.83 -22.52 -33.27
CA VAL B 243 -20.01 -23.43 -32.46
C VAL B 243 -20.70 -23.80 -31.11
N ILE B 244 -21.62 -22.93 -30.67
CA ILE B 244 -22.43 -23.21 -29.46
C ILE B 244 -23.59 -24.18 -29.79
N VAL B 245 -24.27 -23.95 -30.92
CA VAL B 245 -25.29 -24.89 -31.44
C VAL B 245 -24.72 -26.32 -31.60
N ASP B 246 -23.55 -26.41 -32.24
CA ASP B 246 -22.86 -27.69 -32.41
C ASP B 246 -22.50 -28.34 -31.07
N LEU B 247 -22.07 -27.51 -30.11
CA LEU B 247 -21.76 -27.98 -28.75
C LEU B 247 -23.02 -28.52 -28.05
N ALA B 248 -24.15 -27.86 -28.27
CA ALA B 248 -25.43 -28.31 -27.72
C ALA B 248 -25.90 -29.61 -28.38
N LYS B 249 -25.65 -29.75 -29.68
CA LYS B 249 -25.94 -31.00 -30.42
C LYS B 249 -25.14 -32.18 -29.86
N ARG B 250 -23.83 -31.97 -29.68
CA ARG B 250 -22.95 -32.99 -29.09
C ARG B 250 -23.33 -33.29 -27.64
N MET B 251 -23.72 -32.24 -26.90
CA MET B 251 -24.09 -32.39 -25.49
C MET B 251 -25.28 -33.31 -25.29
N LEU B 252 -26.33 -33.08 -26.08
CA LEU B 252 -27.55 -33.89 -25.99
C LEU B 252 -27.34 -35.30 -26.52
N GLU B 253 -26.38 -35.45 -27.43
CA GLU B 253 -26.03 -36.75 -28.02
C GLU B 253 -25.39 -37.68 -26.98
N GLN B 254 -24.22 -37.29 -26.47
CA GLN B 254 -23.47 -38.13 -25.53
C GLN B 254 -23.91 -37.88 -24.07
N LYS B 255 -24.92 -37.01 -23.90
CA LYS B 255 -25.48 -36.69 -22.55
C LYS B 255 -24.39 -36.34 -21.54
N ALA B 256 -23.40 -35.58 -21.98
CA ALA B 256 -22.18 -35.43 -21.25
C ALA B 256 -21.87 -33.98 -21.03
N SER B 257 -21.30 -33.66 -19.88
CA SER B 257 -21.40 -32.35 -19.32
C SER B 257 -20.31 -31.43 -19.89
N GLY B 258 -19.11 -31.50 -19.29
CA GLY B 258 -18.03 -30.54 -19.59
C GLY B 258 -16.68 -31.20 -19.76
N ILE B 259 -16.03 -31.55 -18.65
CA ILE B 259 -14.90 -32.51 -18.66
C ILE B 259 -15.38 -33.95 -18.93
N ASN B 260 -16.68 -34.17 -18.79
CA ASN B 260 -17.27 -35.48 -19.06
C ASN B 260 -17.50 -35.73 -20.56
N MET B 261 -17.27 -34.70 -21.37
CA MET B 261 -17.36 -34.82 -22.84
C MET B 261 -16.10 -35.46 -23.44
N THR B 262 -16.25 -36.02 -24.65
CA THR B 262 -15.14 -36.74 -25.30
C THR B 262 -14.34 -35.82 -26.23
N ARG B 263 -13.16 -36.32 -26.68
CA ARG B 263 -12.26 -35.55 -27.59
C ARG B 263 -11.84 -34.20 -27.01
N MET C 1 1.50 28.09 -24.83
CA MET C 1 1.28 26.67 -24.42
C MET C 1 -0.13 26.20 -24.75
N LYS C 2 -0.31 24.89 -24.86
CA LYS C 2 -1.64 24.28 -24.82
C LYS C 2 -2.11 24.11 -23.37
N LEU C 3 -3.24 24.74 -23.05
CA LEU C 3 -3.95 24.47 -21.79
C LEU C 3 -5.16 23.55 -22.03
N LYS C 4 -5.07 22.70 -23.05
CA LYS C 4 -6.24 22.01 -23.60
C LYS C 4 -5.82 20.70 -24.28
N THR C 5 -6.56 19.63 -23.98
CA THR C 5 -6.47 18.40 -24.78
C THR C 5 -7.86 17.77 -24.97
N THR C 6 -7.96 16.86 -25.95
CA THR C 6 -9.17 16.06 -26.10
C THR C 6 -8.93 14.56 -25.80
N LEU C 7 -9.72 14.02 -24.87
CA LEU C 7 -9.59 12.61 -24.46
C LEU C 7 -10.90 11.86 -24.74
N PHE C 8 -10.80 10.81 -25.58
CA PHE C 8 -11.98 9.99 -25.99
C PHE C 8 -13.09 10.83 -26.67
N GLY C 9 -12.67 11.86 -27.41
CA GLY C 9 -13.62 12.71 -28.13
C GLY C 9 -14.02 13.96 -27.36
N ASN C 10 -13.63 14.01 -26.08
CA ASN C 10 -14.08 15.07 -25.17
C ASN C 10 -13.01 16.11 -24.91
N VAL C 11 -13.33 17.38 -25.16
CA VAL C 11 -12.40 18.49 -24.93
C VAL C 11 -12.28 18.79 -23.43
N TYR C 12 -11.06 18.68 -22.91
CA TYR C 12 -10.76 19.09 -21.54
C TYR C 12 -9.92 20.37 -21.50
N GLN C 13 -10.54 21.47 -21.07
CA GLN C 13 -9.89 22.77 -21.02
C GLN C 13 -9.56 23.15 -19.58
N PHE C 14 -8.35 23.64 -19.36
CA PHE C 14 -7.91 24.08 -18.04
C PHE C 14 -7.54 25.56 -18.03
N LYS C 15 -7.73 26.22 -16.89
CA LYS C 15 -7.67 27.69 -16.82
C LYS C 15 -6.24 28.20 -16.84
N ASP C 16 -5.37 27.55 -16.05
CA ASP C 16 -3.95 27.95 -15.97
C ASP C 16 -3.05 26.76 -15.62
N VAL C 17 -1.74 27.03 -15.53
CA VAL C 17 -0.74 26.04 -15.10
C VAL C 17 -1.08 25.47 -13.69
N LYS C 18 -1.50 26.36 -12.79
CA LYS C 18 -1.84 25.98 -11.41
C LYS C 18 -2.95 24.91 -11.36
N GLU C 19 -3.98 25.08 -12.19
CA GLU C 19 -5.08 24.09 -12.28
C GLU C 19 -4.60 22.76 -12.87
N VAL C 20 -3.76 22.84 -13.91
CA VAL C 20 -3.14 21.65 -14.52
C VAL C 20 -2.30 20.88 -13.50
N LEU C 21 -1.46 21.61 -12.74
CA LEU C 21 -0.64 21.01 -11.69
C LEU C 21 -1.48 20.34 -10.60
N ALA C 22 -2.57 21.00 -10.21
CA ALA C 22 -3.43 20.51 -9.13
C ALA C 22 -4.17 19.22 -9.52
N LYS C 23 -4.72 19.21 -10.73
CA LYS C 23 -5.67 18.17 -11.13
C LYS C 23 -4.95 16.94 -11.68
N ALA C 24 -3.66 17.08 -11.98
CA ALA C 24 -2.84 15.96 -12.47
C ALA C 24 -2.37 15.05 -11.34
N ASN C 25 -2.42 15.56 -10.10
CA ASN C 25 -2.19 14.73 -8.90
C ASN C 25 -3.02 13.47 -8.90
N GLU C 26 -2.44 12.36 -8.45
CA GLU C 26 -3.21 11.24 -7.90
C GLU C 26 -4.18 11.71 -6.83
N LEU C 27 -5.40 11.14 -6.84
CA LEU C 27 -6.46 11.49 -5.87
C LEU C 27 -5.93 11.49 -4.43
N ARG C 28 -6.11 12.60 -3.74
CA ARG C 28 -5.94 12.63 -2.28
C ARG C 28 -6.97 13.49 -1.58
N SER C 29 -7.07 13.32 -0.26
CA SER C 29 -8.10 13.96 0.54
C SER C 29 -7.97 15.50 0.52
N GLY C 30 -6.73 15.98 0.59
CA GLY C 30 -6.47 17.41 0.76
C GLY C 30 -6.72 18.22 -0.49
N ASP C 31 -6.45 17.61 -1.65
CA ASP C 31 -6.72 18.25 -2.94
C ASP C 31 -8.23 18.46 -3.16
N VAL C 32 -9.03 17.46 -2.76
CA VAL C 32 -10.50 17.60 -2.74
C VAL C 32 -10.93 18.71 -1.76
N LEU C 33 -10.27 18.73 -0.60
CA LEU C 33 -10.58 19.72 0.44
C LEU C 33 -10.22 21.15 0.00
N ALA C 34 -9.08 21.28 -0.71
CA ALA C 34 -8.66 22.59 -1.27
C ALA C 34 -9.56 23.02 -2.44
N GLY C 35 -10.35 22.08 -2.96
CA GLY C 35 -11.26 22.38 -4.05
C GLY C 35 -10.60 22.28 -5.42
N VAL C 36 -9.38 21.74 -5.44
CA VAL C 36 -8.50 21.89 -6.60
C VAL C 36 -8.34 20.57 -7.35
N ALA C 37 -8.97 19.51 -6.81
CA ALA C 37 -8.80 18.15 -7.36
C ALA C 37 -9.58 17.96 -8.65
N ALA C 38 -9.19 16.95 -9.44
CA ALA C 38 -9.90 16.62 -10.67
C ALA C 38 -11.31 16.08 -10.39
N ALA C 39 -12.24 16.38 -11.29
CA ALA C 39 -13.63 15.95 -11.13
C ALA C 39 -13.80 14.46 -11.43
N SER C 40 -12.95 13.94 -12.30
CA SER C 40 -13.02 12.53 -12.69
C SER C 40 -11.64 11.94 -12.99
N SER C 41 -11.58 10.61 -13.13
CA SER C 41 -10.37 9.93 -13.57
C SER C 41 -9.92 10.38 -14.97
N GLN C 42 -10.90 10.60 -15.86
CA GLN C 42 -10.62 11.03 -17.23
C GLN C 42 -9.98 12.42 -17.28
N GLU C 43 -10.43 13.32 -16.39
CA GLU C 43 -9.91 14.69 -16.33
C GLU C 43 -8.53 14.72 -15.69
N ARG C 44 -8.29 13.81 -14.74
CA ARG C 44 -6.95 13.61 -14.16
C ARG C 44 -5.91 13.26 -15.23
N VAL C 45 -6.25 12.27 -16.07
CA VAL C 45 -5.35 11.82 -17.16
C VAL C 45 -5.19 12.93 -18.22
N ALA C 46 -6.28 13.64 -18.50
CA ALA C 46 -6.24 14.82 -19.38
C ALA C 46 -5.29 15.90 -18.84
N ALA C 47 -5.35 16.14 -17.53
CA ALA C 47 -4.43 17.11 -16.87
C ALA C 47 -2.99 16.62 -16.91
N LYS C 48 -2.80 15.31 -16.71
CA LYS C 48 -1.47 14.68 -16.83
C LYS C 48 -0.91 14.84 -18.24
N GLN C 49 -1.78 14.66 -19.23
CA GLN C 49 -1.40 14.85 -20.64
C GLN C 49 -0.98 16.29 -20.91
N VAL C 50 -1.86 17.23 -20.60
CA VAL C 50 -1.57 18.67 -20.79
C VAL C 50 -0.26 19.07 -20.10
N LEU C 51 -0.09 18.63 -18.83
CA LEU C 51 1.16 18.87 -18.07
C LEU C 51 2.40 18.32 -18.78
N SER C 52 2.27 17.12 -19.36
CA SER C 52 3.39 16.45 -20.00
C SER C 52 3.83 17.18 -21.27
N GLU C 53 2.88 17.86 -21.92
CA GLU C 53 3.18 18.62 -23.15
C GLU C 53 3.69 20.01 -22.84
N MET C 54 3.41 20.48 -21.62
CA MET C 54 3.92 21.76 -21.17
C MET C 54 5.43 21.73 -21.05
N THR C 55 6.06 22.84 -21.36
CA THR C 55 7.47 22.90 -21.45
C THR C 55 8.07 23.39 -20.09
N VAL C 56 9.38 23.20 -19.90
CA VAL C 56 10.05 23.63 -18.66
C VAL C 56 9.90 25.15 -18.44
N ALA C 57 10.07 25.92 -19.52
CA ALA C 57 9.80 27.38 -19.51
C ALA C 57 8.36 27.71 -19.11
N ASP C 58 7.41 26.87 -19.54
CA ASP C 58 5.97 27.11 -19.28
C ASP C 58 5.67 27.14 -17.78
N ILE C 59 6.30 26.22 -17.05
CA ILE C 59 6.01 26.05 -15.63
C ILE C 59 6.91 26.93 -14.75
N ARG C 60 8.19 27.05 -15.15
CA ARG C 60 9.13 28.00 -14.50
C ARG C 60 8.60 29.45 -14.49
N ASN C 61 7.99 29.87 -15.61
CA ASN C 61 7.45 31.25 -15.75
C ASN C 61 6.03 31.38 -15.21
N ASN C 62 5.50 30.29 -14.65
CA ASN C 62 4.27 30.35 -13.88
C ASN C 62 4.39 29.67 -12.49
N PRO C 63 5.09 30.34 -11.53
CA PRO C 63 5.04 29.91 -10.14
C PRO C 63 3.66 30.15 -9.53
N VAL C 64 3.29 29.35 -8.55
CA VAL C 64 1.91 29.33 -8.05
C VAL C 64 1.60 30.56 -7.19
N ILE C 65 2.65 31.13 -6.57
CA ILE C 65 2.56 32.46 -5.99
C ILE C 65 3.63 33.38 -6.60
N ALA C 66 3.22 34.60 -6.98
CA ALA C 66 3.98 35.42 -7.92
C ALA C 66 5.27 35.94 -7.29
N TYR C 67 6.22 36.34 -8.15
CA TYR C 67 7.57 36.72 -7.71
C TYR C 67 7.51 37.88 -6.68
N GLU C 68 6.70 38.89 -6.97
CA GLU C 68 6.75 40.17 -6.23
C GLU C 68 6.13 40.05 -4.84
N ASP C 69 5.29 39.03 -4.65
CA ASP C 69 4.44 38.94 -3.47
C ASP C 69 4.96 37.93 -2.43
N ASP C 70 5.96 37.14 -2.84
CA ASP C 70 6.35 35.95 -2.08
C ASP C 70 7.87 35.76 -2.08
N CYS C 71 8.46 35.75 -0.89
CA CYS C 71 9.93 35.70 -0.75
C CYS C 71 10.48 34.29 -1.02
N VAL C 72 9.65 33.26 -0.84
CA VAL C 72 10.04 31.87 -1.15
C VAL C 72 10.15 31.66 -2.67
N THR C 73 9.17 32.17 -3.41
CA THR C 73 9.25 32.22 -4.88
C THR C 73 10.53 32.91 -5.35
N ARG C 74 10.81 34.09 -4.80
CA ARG C 74 12.02 34.86 -5.15
C ARG C 74 13.26 34.06 -4.91
N LEU C 75 13.33 33.42 -3.74
CA LEU C 75 14.48 32.61 -3.36
C LEU C 75 14.69 31.45 -4.34
N ILE C 76 13.60 30.77 -4.70
CA ILE C 76 13.66 29.65 -5.65
C ILE C 76 14.09 30.13 -7.06
N GLN C 77 13.55 31.28 -7.48
CA GLN C 77 13.85 31.83 -8.82
C GLN C 77 15.28 32.37 -8.91
N ASP C 78 15.74 33.03 -7.84
CA ASP C 78 17.11 33.62 -7.82
C ASP C 78 18.20 32.53 -7.78
N ASP C 79 17.84 31.34 -7.30
CA ASP C 79 18.81 30.24 -7.11
C ASP C 79 19.09 29.49 -8.41
N VAL C 80 18.19 29.66 -9.39
CA VAL C 80 18.33 29.02 -10.70
C VAL C 80 19.68 29.34 -11.36
N ASN C 81 20.44 28.30 -11.72
CA ASN C 81 21.45 28.39 -12.77
C ASN C 81 20.83 28.62 -14.15
N GLU C 82 21.07 29.81 -14.72
CA GLU C 82 20.38 30.24 -15.93
C GLU C 82 20.96 29.59 -17.19
N THR C 83 22.20 29.14 -17.10
CA THR C 83 22.82 28.35 -18.18
C THR C 83 22.24 26.92 -18.22
N ALA C 84 22.07 26.33 -17.03
CA ALA C 84 21.39 25.04 -16.91
C ALA C 84 19.93 25.13 -17.36
N TYR C 85 19.28 26.23 -17.03
CA TYR C 85 17.88 26.47 -17.41
C TYR C 85 17.73 26.61 -18.93
N ASN C 86 18.64 27.38 -19.54
CA ASN C 86 18.57 27.65 -20.99
C ASN C 86 18.80 26.41 -21.84
N GLN C 87 19.46 25.40 -21.25
CA GLN C 87 19.66 24.12 -21.92
C GLN C 87 18.36 23.31 -22.04
N ILE C 88 17.46 23.50 -21.06
CA ILE C 88 16.34 22.56 -20.86
C ILE C 88 14.97 23.23 -21.00
N LYS C 89 14.95 24.55 -21.19
CA LYS C 89 13.70 25.33 -21.08
C LYS C 89 12.65 24.93 -22.15
N ASN C 90 13.13 24.35 -23.26
CA ASN C 90 12.24 23.90 -24.34
C ASN C 90 11.92 22.39 -24.28
N TRP C 91 12.53 21.69 -23.32
CA TRP C 91 12.09 20.33 -22.95
C TRP C 91 10.65 20.36 -22.47
N SER C 92 9.82 19.48 -23.01
CA SER C 92 8.56 19.11 -22.37
C SER C 92 8.80 18.37 -21.05
N ILE C 93 7.82 18.44 -20.15
CA ILE C 93 7.88 17.73 -18.87
C ILE C 93 7.95 16.20 -19.08
N SER C 94 7.29 15.72 -20.14
CA SER C 94 7.42 14.33 -20.61
C SER C 94 8.89 13.94 -20.87
N GLU C 95 9.62 14.82 -21.57
CA GLU C 95 11.02 14.55 -21.92
C GLU C 95 11.93 14.63 -20.69
N LEU C 96 11.58 15.50 -19.75
CA LEU C 96 12.32 15.63 -18.49
C LEU C 96 12.11 14.40 -17.59
N ARG C 97 10.89 13.87 -17.58
CA ARG C 97 10.61 12.61 -16.88
C ARG C 97 11.44 11.46 -17.43
N GLU C 98 11.49 11.35 -18.75
CA GLU C 98 12.22 10.26 -19.41
C GLU C 98 13.74 10.45 -19.27
N TYR C 99 14.17 11.70 -19.19
CA TYR C 99 15.57 12.03 -18.96
C TYR C 99 16.02 11.60 -17.57
N VAL C 100 15.20 11.89 -16.55
CA VAL C 100 15.51 11.51 -15.16
C VAL C 100 15.56 9.97 -15.00
N LEU C 101 14.66 9.27 -15.68
CA LEU C 101 14.51 7.82 -15.50
C LEU C 101 15.53 7.04 -16.33
N SER C 102 16.15 7.72 -17.31
CA SER C 102 17.04 7.05 -18.28
C SER C 102 18.32 6.53 -17.61
N ASP C 103 18.70 5.30 -17.94
CA ASP C 103 19.98 4.72 -17.47
C ASP C 103 21.19 5.41 -18.09
N GLU C 104 20.97 6.15 -19.17
CA GLU C 104 22.04 6.89 -19.85
C GLU C 104 22.25 8.27 -19.21
N THR C 105 21.33 8.67 -18.34
CA THR C 105 21.53 9.84 -17.50
C THR C 105 22.25 9.48 -16.20
N SER C 106 23.43 10.07 -16.00
CA SER C 106 24.24 9.80 -14.82
C SER C 106 23.87 10.73 -13.67
N VAL C 107 24.41 10.44 -12.48
CA VAL C 107 24.26 11.31 -11.32
C VAL C 107 24.88 12.74 -11.56
N ASP C 108 25.93 12.80 -12.37
CA ASP C 108 26.60 14.08 -12.69
C ASP C 108 25.82 14.89 -13.74
N ASP C 109 25.13 14.19 -14.65
CA ASP C 109 24.21 14.83 -15.60
C ASP C 109 23.07 15.53 -14.87
N ILE C 110 22.45 14.82 -13.91
CA ILE C 110 21.35 15.38 -13.11
C ILE C 110 21.85 16.50 -12.17
N ALA C 111 23.11 16.37 -11.71
CA ALA C 111 23.73 17.39 -10.85
C ALA C 111 23.68 18.79 -11.47
N PHE C 112 23.88 18.87 -12.79
CA PHE C 112 23.80 20.14 -13.50
C PHE C 112 22.39 20.47 -13.94
N THR C 113 21.67 19.46 -14.43
CA THR C 113 20.30 19.66 -14.96
C THR C 113 19.34 20.21 -13.87
N ARG C 114 19.47 19.65 -12.65
CA ARG C 114 18.58 20.03 -11.53
C ARG C 114 18.73 21.52 -11.13
N LYS C 115 19.90 22.11 -11.43
CA LYS C 115 20.16 23.54 -11.15
C LYS C 115 19.36 24.48 -12.06
N GLY C 116 18.83 23.93 -13.16
CA GLY C 116 17.96 24.70 -14.07
C GLY C 116 16.49 24.53 -13.77
N LEU C 117 16.17 23.84 -12.68
CA LEU C 117 14.77 23.62 -12.27
C LEU C 117 14.31 24.66 -11.29
N THR C 118 13.00 24.90 -11.25
CA THR C 118 12.34 25.38 -10.06
C THR C 118 11.49 24.29 -9.43
N SER C 119 10.91 24.60 -8.27
CA SER C 119 10.18 23.61 -7.48
C SER C 119 8.92 23.15 -8.20
N GLU C 120 8.27 24.07 -8.91
CA GLU C 120 7.07 23.76 -9.66
C GLU C 120 7.34 22.75 -10.79
N VAL C 121 8.51 22.87 -11.42
CA VAL C 121 8.95 21.90 -12.43
C VAL C 121 9.26 20.51 -11.83
N VAL C 122 9.96 20.52 -10.68
CA VAL C 122 10.13 19.32 -9.85
C VAL C 122 8.78 18.63 -9.56
N ALA C 123 7.81 19.42 -9.09
CA ALA C 123 6.45 18.93 -8.84
C ALA C 123 5.81 18.34 -10.11
N ALA C 124 6.01 19.03 -11.25
CA ALA C 124 5.38 18.63 -12.52
C ALA C 124 5.86 17.25 -12.98
N VAL C 125 7.16 16.97 -12.81
CA VAL C 125 7.75 15.67 -13.17
C VAL C 125 7.15 14.54 -12.31
N ALA C 126 7.01 14.81 -11.01
CA ALA C 126 6.49 13.81 -10.06
C ALA C 126 5.03 13.43 -10.34
N LYS C 127 4.27 14.39 -10.88
CA LYS C 127 2.84 14.21 -11.08
C LYS C 127 2.54 13.21 -12.20
N ILE C 128 3.46 13.09 -13.15
CA ILE C 128 3.31 12.14 -14.25
C ILE C 128 4.22 10.91 -14.07
N CYS C 129 4.67 10.70 -12.83
CA CYS C 129 5.42 9.50 -12.47
C CYS C 129 4.54 8.49 -11.76
N SER C 130 4.61 7.23 -12.19
CA SER C 130 4.05 6.11 -11.42
C SER C 130 4.86 5.84 -10.15
N ASN C 131 4.34 4.98 -9.28
CA ASN C 131 4.99 4.71 -7.99
C ASN C 131 6.39 4.14 -8.13
N ALA C 132 6.57 3.26 -9.12
CA ALA C 132 7.88 2.69 -9.41
C ALA C 132 8.81 3.69 -10.11
N ASP C 133 8.22 4.62 -10.88
CA ASP C 133 8.98 5.77 -11.43
C ASP C 133 9.59 6.62 -10.32
N LEU C 134 8.79 6.92 -9.29
CA LEU C 134 9.25 7.72 -8.15
C LEU C 134 10.36 7.01 -7.39
N ILE C 135 10.21 5.70 -7.22
CA ILE C 135 11.18 4.91 -6.48
C ILE C 135 12.52 4.76 -7.26
N TYR C 136 12.44 4.34 -8.53
CA TYR C 136 13.63 4.18 -9.38
C TYR C 136 14.27 5.54 -9.73
N GLY C 137 13.43 6.55 -9.96
CA GLY C 137 13.92 7.92 -10.19
C GLY C 137 14.71 8.48 -9.02
N ALA C 138 14.15 8.34 -7.81
CA ALA C 138 14.83 8.81 -6.59
C ALA C 138 16.14 8.05 -6.33
N LYS C 139 16.13 6.74 -6.63
CA LYS C 139 17.27 5.86 -6.32
C LYS C 139 18.53 6.24 -7.12
N LYS C 140 18.34 6.68 -8.36
CA LYS C 140 19.46 7.08 -9.21
C LYS C 140 19.84 8.58 -9.03
N MET C 141 19.21 9.24 -8.05
CA MET C 141 19.65 10.57 -7.61
C MET C 141 20.03 10.60 -6.11
N PRO C 142 21.20 9.99 -5.76
CA PRO C 142 21.69 10.07 -4.39
C PRO C 142 22.10 11.50 -4.01
N VAL C 143 21.80 11.90 -2.78
CA VAL C 143 22.33 13.14 -2.24
C VAL C 143 23.10 12.88 -0.95
N ILE C 144 24.37 13.29 -0.95
CA ILE C 144 25.27 12.98 0.14
C ILE C 144 25.63 14.24 0.91
N LYS C 145 25.39 14.22 2.23
CA LYS C 145 25.85 15.30 3.12
C LYS C 145 26.66 14.75 4.30
N LYS C 146 27.35 15.63 5.00
CA LYS C 146 28.16 15.23 6.14
C LYS C 146 28.03 16.20 7.30
N ALA C 147 27.70 15.67 8.48
CA ALA C 147 27.92 16.37 9.73
C ALA C 147 29.13 15.78 10.49
N ASN C 148 28.86 15.07 11.59
CA ASN C 148 29.83 14.10 12.14
C ASN C 148 29.63 12.70 11.57
N THR C 149 28.48 12.48 10.95
CA THR C 149 28.29 11.31 10.09
C THR C 149 28.06 11.71 8.64
N THR C 150 28.44 10.84 7.72
CA THR C 150 28.06 10.97 6.35
C THR C 150 26.74 10.25 6.08
N ILE C 151 25.79 10.97 5.48
CA ILE C 151 24.50 10.42 5.13
C ILE C 151 24.31 10.38 3.61
N GLY C 152 23.67 9.32 3.12
CA GLY C 152 23.08 9.33 1.79
C GLY C 152 23.89 8.60 0.75
N ILE C 153 25.04 8.03 1.18
CA ILE C 153 25.81 7.11 0.32
C ILE C 153 24.99 5.88 -0.03
N PRO C 154 24.88 5.57 -1.35
CA PRO C 154 24.24 4.35 -1.82
C PRO C 154 24.80 3.11 -1.11
N GLY C 155 23.91 2.27 -0.59
CA GLY C 155 24.31 1.12 0.21
C GLY C 155 24.30 1.42 1.70
N THR C 156 24.01 2.66 2.07
CA THR C 156 23.81 3.02 3.46
C THR C 156 22.36 3.45 3.76
N PHE C 157 22.01 3.48 5.04
CA PHE C 157 20.67 3.82 5.48
C PHE C 157 20.72 4.27 6.93
N SER C 158 20.24 5.48 7.18
CA SER C 158 20.39 6.10 8.48
C SER C 158 19.07 6.21 9.21
N ALA C 159 19.12 6.73 10.44
CA ALA C 159 17.94 6.81 11.28
C ALA C 159 18.09 7.92 12.31
N ARG C 160 17.07 8.77 12.42
CA ARG C 160 16.92 9.62 13.58
C ARG C 160 16.42 8.84 14.79
N LEU C 161 17.22 8.84 15.87
CA LEU C 161 16.71 8.58 17.21
C LEU C 161 15.85 9.74 17.68
N GLN C 162 14.58 9.43 17.99
CA GLN C 162 13.63 10.44 18.43
C GLN C 162 13.11 10.11 19.84
N PRO C 163 13.88 10.48 20.89
CA PRO C 163 13.61 10.03 22.24
C PRO C 163 12.71 11.02 23.00
N ASN C 164 11.45 11.14 22.57
CA ASN C 164 10.54 12.16 23.10
C ASN C 164 9.89 11.74 24.41
N ASP C 165 9.55 12.73 25.25
CA ASP C 165 8.90 12.47 26.54
C ASP C 165 7.85 13.53 26.89
N THR C 166 6.85 13.13 27.68
CA THR C 166 5.71 14.00 28.03
C THR C 166 6.11 15.16 28.97
N ARG C 167 7.15 14.92 29.77
CA ARG C 167 7.58 15.91 30.78
C ARG C 167 8.95 16.50 30.45
N ASP C 168 9.50 16.10 29.29
CA ASP C 168 10.97 16.18 29.02
C ASP C 168 11.81 15.57 30.17
N ASP C 169 11.28 14.52 30.79
CA ASP C 169 12.03 13.77 31.81
C ASP C 169 13.32 13.20 31.22
N VAL C 170 14.43 13.58 31.82
CA VAL C 170 15.75 13.29 31.26
C VAL C 170 16.15 11.82 31.48
N GLN C 171 15.46 11.15 32.40
CA GLN C 171 15.60 9.71 32.59
C GLN C 171 14.89 8.95 31.49
N SER C 172 13.73 9.46 31.09
CA SER C 172 12.92 8.81 30.06
C SER C 172 13.51 9.04 28.67
N ILE C 173 14.08 10.23 28.46
CA ILE C 173 14.82 10.54 27.24
C ILE C 173 16.07 9.65 27.10
N ALA C 174 16.85 9.54 28.18
CA ALA C 174 18.09 8.72 28.18
C ALA C 174 17.79 7.24 27.94
N ALA C 175 16.74 6.73 28.60
CA ALA C 175 16.34 5.32 28.44
C ALA C 175 16.04 4.97 26.97
N GLN C 176 15.37 5.90 26.28
CA GLN C 176 15.03 5.70 24.87
C GLN C 176 16.26 5.81 23.96
N ILE C 177 17.22 6.66 24.36
CA ILE C 177 18.48 6.80 23.62
C ILE C 177 19.30 5.50 23.66
N TYR C 178 19.55 4.98 24.86
CA TYR C 178 20.27 3.70 25.04
C TYR C 178 19.57 2.55 24.30
N GLU C 179 18.25 2.62 24.21
CA GLU C 179 17.47 1.64 23.50
C GLU C 179 17.69 1.74 21.97
N GLY C 180 17.62 2.96 21.44
CA GLY C 180 17.81 3.19 20.01
C GLY C 180 19.20 2.85 19.52
N LEU C 181 20.21 3.24 20.30
CA LEU C 181 21.60 2.96 19.97
C LEU C 181 21.88 1.46 19.89
N SER C 182 21.20 0.69 20.75
CA SER C 182 21.37 -0.77 20.80
C SER C 182 20.77 -1.47 19.57
N PHE C 183 19.93 -0.74 18.82
CA PHE C 183 19.44 -1.22 17.52
C PHE C 183 20.20 -0.59 16.35
N GLY C 184 21.14 0.31 16.67
CA GLY C 184 21.93 0.99 15.65
C GLY C 184 21.24 2.22 15.09
N VAL C 185 20.31 2.77 15.87
CA VAL C 185 19.60 3.99 15.47
C VAL C 185 20.30 5.23 16.04
N GLY C 186 20.53 6.23 15.19
CA GLY C 186 20.93 7.55 15.65
C GLY C 186 22.09 8.14 14.86
N ASP C 187 22.36 7.58 13.67
CA ASP C 187 23.43 8.11 12.81
C ASP C 187 23.03 9.36 12.04
N ALA C 188 21.74 9.52 11.77
CA ALA C 188 21.22 10.78 11.26
C ALA C 188 21.31 11.88 12.32
N VAL C 189 20.60 11.68 13.42
CA VAL C 189 20.64 12.60 14.57
C VAL C 189 19.97 11.95 15.81
N ILE C 190 20.34 12.40 16.99
CA ILE C 190 19.52 12.22 18.17
C ILE C 190 18.71 13.49 18.50
N GLY C 191 17.41 13.46 18.21
CA GLY C 191 16.61 14.67 18.06
C GLY C 191 15.34 14.65 18.90
N VAL C 192 15.27 15.54 19.89
CA VAL C 192 14.11 15.64 20.78
C VAL C 192 13.25 16.84 20.40
N ASN C 193 11.97 16.61 20.12
CA ASN C 193 10.94 17.62 20.32
C ASN C 193 10.64 17.84 21.79
N PRO C 194 10.95 19.05 22.30
CA PRO C 194 10.72 19.36 23.71
C PRO C 194 9.26 19.73 23.97
N VAL C 195 8.87 19.67 25.23
CA VAL C 195 7.55 20.14 25.64
C VAL C 195 7.57 21.66 25.90
N THR C 196 8.63 22.14 26.55
CA THR C 196 8.73 23.56 26.89
C THR C 196 9.79 24.28 26.06
N ASP C 197 9.42 25.44 25.54
CA ASP C 197 10.24 26.16 24.59
C ASP C 197 11.04 27.25 25.31
N ASP C 198 11.97 26.83 26.18
CA ASP C 198 12.79 27.78 26.98
C ASP C 198 14.21 27.28 27.22
N VAL C 199 15.11 28.21 27.52
CA VAL C 199 16.54 28.03 27.23
C VAL C 199 17.18 26.98 28.16
N GLU C 200 16.87 27.09 29.46
CA GLU C 200 17.43 26.16 30.45
C GLU C 200 16.89 24.73 30.29
N ASN C 201 15.65 24.61 29.82
CA ASN C 201 15.09 23.30 29.45
C ASN C 201 15.74 22.72 28.21
N LEU C 202 15.95 23.56 27.19
CA LEU C 202 16.69 23.16 25.98
C LEU C 202 18.11 22.75 26.32
N SER C 203 18.75 23.51 27.22
CA SER C 203 20.12 23.22 27.64
C SER C 203 20.20 21.91 28.41
N ARG C 204 19.18 21.62 29.21
CA ARG C 204 19.16 20.38 30.01
C ARG C 204 18.95 19.14 29.12
N VAL C 205 18.04 19.25 28.14
CA VAL C 205 17.81 18.16 27.18
C VAL C 205 19.06 17.92 26.30
N LEU C 206 19.70 19.00 25.86
CA LEU C 206 20.96 18.91 25.08
C LEU C 206 22.10 18.30 25.91
N ASP C 207 22.17 18.68 27.20
CA ASP C 207 23.15 18.09 28.13
C ASP C 207 22.92 16.59 28.33
N THR C 208 21.65 16.19 28.32
CA THR C 208 21.28 14.77 28.42
C THR C 208 21.72 13.97 27.17
N ILE C 209 21.40 14.50 25.99
CA ILE C 209 21.80 13.88 24.73
C ILE C 209 23.34 13.76 24.63
N TYR C 210 24.04 14.86 24.93
CA TYR C 210 25.47 14.92 24.74
C TYR C 210 26.26 14.27 25.87
N GLY C 211 25.60 14.13 27.03
CA GLY C 211 26.08 13.24 28.09
C GLY C 211 26.34 11.82 27.60
N VAL C 212 25.41 11.27 26.83
CA VAL C 212 25.56 9.94 26.22
C VAL C 212 26.61 9.96 25.07
N ILE C 213 26.53 10.99 24.22
CA ILE C 213 27.47 11.15 23.11
C ILE C 213 28.94 11.24 23.60
N ASP C 214 29.17 12.05 24.62
CA ASP C 214 30.54 12.27 25.14
C ASP C 214 31.08 11.05 25.89
N LYS C 215 30.21 10.39 26.67
CA LYS C 215 30.60 9.22 27.47
C LYS C 215 31.12 8.07 26.58
N PHE C 216 30.43 7.83 25.46
CA PHE C 216 30.71 6.69 24.61
C PHE C 216 31.41 7.09 23.30
N ASN C 217 31.76 8.38 23.20
CA ASN C 217 32.41 8.95 21.97
C ASN C 217 31.67 8.58 20.69
N ILE C 218 30.35 8.79 20.69
CA ILE C 218 29.53 8.47 19.53
C ILE C 218 29.70 9.53 18.44
N PRO C 219 30.12 9.09 17.23
CA PRO C 219 30.04 9.95 16.05
C PRO C 219 28.60 10.19 15.65
N THR C 220 28.04 11.31 16.11
CA THR C 220 26.68 11.72 15.73
C THR C 220 26.38 13.15 16.16
N GLN C 221 25.10 13.55 16.03
CA GLN C 221 24.67 14.93 16.29
C GLN C 221 23.52 14.90 17.29
N GLY C 222 23.47 15.91 18.14
CA GLY C 222 22.27 16.20 18.92
C GLY C 222 21.42 17.29 18.31
N CYS C 223 20.14 17.28 18.64
CA CYS C 223 19.22 18.35 18.22
C CYS C 223 18.05 18.46 19.19
N VAL C 224 17.65 19.68 19.48
CA VAL C 224 16.37 19.93 20.13
C VAL C 224 15.45 20.74 19.24
N LEU C 225 14.30 20.18 18.93
CA LEU C 225 13.50 20.64 17.81
C LEU C 225 12.45 21.66 18.26
N ALA C 226 12.88 22.61 19.09
CA ALA C 226 12.11 23.80 19.38
C ALA C 226 12.18 24.80 18.22
N HIS C 227 11.54 25.95 18.39
CA HIS C 227 11.68 27.06 17.43
C HIS C 227 13.13 27.47 17.27
N VAL C 228 13.51 27.78 16.02
CA VAL C 228 14.93 28.06 15.68
C VAL C 228 15.51 29.22 16.53
N THR C 229 14.63 30.16 16.93
CA THR C 229 15.03 31.31 17.76
C THR C 229 15.56 30.87 19.13
N THR C 230 14.89 29.90 19.74
CA THR C 230 15.23 29.44 21.09
C THR C 230 16.46 28.54 21.08
N GLN C 231 16.60 27.74 20.01
CA GLN C 231 17.83 26.97 19.76
C GLN C 231 19.05 27.87 19.71
N ILE C 232 18.96 28.93 18.90
CA ILE C 232 20.07 29.85 18.70
C ILE C 232 20.47 30.51 20.03
N GLU C 233 19.48 30.98 20.79
CA GLU C 233 19.70 31.47 22.15
C GLU C 233 20.44 30.44 23.01
N ALA C 234 19.86 29.24 23.12
CA ALA C 234 20.47 28.14 23.92
C ALA C 234 21.96 27.94 23.56
N ILE C 235 22.24 27.83 22.26
CA ILE C 235 23.61 27.59 21.78
C ILE C 235 24.54 28.79 22.05
N ARG C 236 24.03 30.01 21.84
CA ARG C 236 24.79 31.26 22.13
C ARG C 236 25.22 31.34 23.58
N ARG C 237 24.37 30.83 24.48
CA ARG C 237 24.61 30.94 25.92
C ARG C 237 25.20 29.65 26.49
N GLY C 238 25.59 28.73 25.60
CA GLY C 238 26.70 27.81 25.86
C GLY C 238 26.31 26.34 25.80
N ALA C 239 25.04 26.08 25.43
CA ALA C 239 24.58 24.70 25.18
C ALA C 239 25.27 24.09 23.95
N PRO C 240 25.54 22.76 24.00
CA PRO C 240 26.19 22.06 22.86
C PRO C 240 25.35 22.12 21.59
N GLY C 241 25.95 22.65 20.52
CA GLY C 241 25.27 22.77 19.24
C GLY C 241 25.60 21.61 18.32
N GLY C 242 24.56 20.97 17.79
CA GLY C 242 24.73 19.93 16.79
C GLY C 242 24.08 20.28 15.48
N LEU C 243 22.86 19.78 15.28
CA LEU C 243 22.01 20.26 14.22
C LEU C 243 21.07 21.35 14.72
N ILE C 244 20.78 22.32 13.85
CA ILE C 244 19.80 23.34 14.15
C ILE C 244 18.54 23.18 13.28
N PHE C 245 17.38 23.13 13.93
CA PHE C 245 16.15 22.68 13.28
C PHE C 245 15.21 23.84 13.00
N GLN C 246 14.49 23.75 11.89
CA GLN C 246 13.26 24.54 11.71
C GLN C 246 12.27 23.80 10.81
N SER C 247 11.00 23.74 11.25
CA SER C 247 9.87 23.47 10.36
C SER C 247 9.69 24.61 9.36
N ILE C 248 9.54 24.26 8.08
CA ILE C 248 9.39 25.27 7.04
C ILE C 248 8.07 25.09 6.26
N CYS C 249 7.66 26.15 5.58
CA CYS C 249 6.53 26.10 4.68
C CYS C 249 6.87 26.79 3.35
N GLY C 250 6.10 26.46 2.30
CA GLY C 250 6.52 26.74 0.92
C GLY C 250 6.01 28.08 0.40
N SER C 251 5.45 28.89 1.29
CA SER C 251 5.07 30.26 0.97
C SER C 251 5.50 31.22 2.08
N GLU C 252 5.55 32.52 1.75
CA GLU C 252 5.81 33.56 2.74
C GLU C 252 4.70 33.61 3.81
N LYS C 253 3.45 33.49 3.36
CA LYS C 253 2.29 33.38 4.28
C LYS C 253 2.44 32.20 5.24
N GLY C 254 2.92 31.07 4.72
CA GLY C 254 3.11 29.86 5.51
C GLY C 254 4.24 29.97 6.51
N LEU C 255 5.32 30.65 6.11
CA LEU C 255 6.42 30.96 7.03
C LEU C 255 5.98 31.91 8.14
N LYS C 256 5.19 32.92 7.77
CA LYS C 256 4.59 33.85 8.73
C LYS C 256 3.73 33.12 9.74
N GLU C 257 2.97 32.13 9.26
CA GLU C 257 2.17 31.27 10.12
C GLU C 257 3.03 30.50 11.16
N PHE C 258 4.22 30.05 10.73
CA PHE C 258 5.13 29.29 11.60
C PHE C 258 5.96 30.24 12.50
N GLY C 259 5.91 31.54 12.19
CA GLY C 259 6.67 32.53 12.94
C GLY C 259 8.13 32.55 12.56
N VAL C 260 8.43 32.21 11.31
CA VAL C 260 9.80 32.22 10.82
C VAL C 260 10.03 33.27 9.76
N GLU C 261 11.10 34.04 9.93
CA GLU C 261 11.66 34.81 8.84
C GLU C 261 12.83 34.08 8.21
N LEU C 262 13.12 34.42 6.94
CA LEU C 262 14.27 33.86 6.22
C LEU C 262 15.59 34.20 6.93
N ALA C 263 15.62 35.36 7.59
CA ALA C 263 16.86 35.88 8.21
C ALA C 263 17.27 35.06 9.44
N MET C 264 16.29 34.43 10.10
CA MET C 264 16.56 33.46 11.19
C MET C 264 17.34 32.25 10.68
N LEU C 265 17.05 31.82 9.46
CA LEU C 265 17.69 30.67 8.85
C LEU C 265 19.13 30.99 8.44
N ASP C 266 19.35 32.24 8.03
CA ASP C 266 20.71 32.76 7.78
C ASP C 266 21.50 32.85 9.08
N GLU C 267 20.82 33.26 10.16
CA GLU C 267 21.45 33.38 11.47
C GLU C 267 21.81 32.01 12.04
N ALA C 268 20.93 31.02 11.80
CA ALA C 268 21.18 29.64 12.22
C ALA C 268 22.44 29.06 11.56
N ARG C 269 22.61 29.32 10.27
CA ARG C 269 23.80 28.91 9.55
C ARG C 269 25.07 29.59 10.09
N ALA C 270 24.95 30.88 10.43
CA ALA C 270 26.07 31.66 10.98
C ALA C 270 26.41 31.22 12.41
N VAL C 271 25.38 30.94 13.22
CA VAL C 271 25.56 30.41 14.57
C VAL C 271 26.17 29.01 14.55
N GLY C 272 25.71 28.18 13.60
CA GLY C 272 26.28 26.85 13.39
C GLY C 272 27.78 26.87 13.10
N ALA C 273 28.19 27.75 12.19
CA ALA C 273 29.61 27.87 11.81
C ALA C 273 30.48 28.40 12.96
N GLU C 274 29.88 29.20 13.83
CA GLU C 274 30.59 29.76 14.97
C GLU C 274 30.72 28.74 16.12
N PHE C 275 29.67 27.94 16.34
CA PHE C 275 29.43 27.34 17.66
C PHE C 275 29.39 25.81 17.62
N ASN C 276 28.90 25.25 16.52
CA ASN C 276 28.36 23.90 16.54
C ASN C 276 29.44 22.83 16.42
N ARG C 277 29.24 21.71 17.11
CA ARG C 277 30.24 20.67 17.22
C ARG C 277 30.14 19.71 16.03
N ILE C 278 30.51 20.19 14.86
CA ILE C 278 30.24 19.49 13.61
C ILE C 278 31.51 19.46 12.76
N ALA C 279 31.97 18.26 12.41
CA ALA C 279 33.20 18.10 11.64
C ALA C 279 33.00 18.45 10.15
N GLY C 280 31.86 18.04 9.59
CA GLY C 280 31.52 18.36 8.19
C GLY C 280 30.92 19.76 8.04
N GLU C 281 30.33 20.02 6.88
CA GLU C 281 29.98 21.39 6.50
C GLU C 281 28.46 21.63 6.55
N ASN C 282 27.70 20.57 6.81
CA ASN C 282 26.25 20.67 6.91
C ASN C 282 25.76 20.48 8.33
N CYS C 283 24.84 21.36 8.77
CA CYS C 283 24.45 21.41 10.18
C CYS C 283 23.00 21.88 10.38
N LEU C 284 22.29 22.12 9.28
CA LEU C 284 20.87 22.47 9.35
C LEU C 284 19.96 21.25 9.15
N TYR C 285 18.74 21.33 9.68
CA TYR C 285 17.79 20.23 9.65
C TYR C 285 16.37 20.77 9.50
N PHE C 286 15.74 20.47 8.38
CA PHE C 286 14.35 20.91 8.14
C PHE C 286 13.37 19.75 8.17
N GLU C 287 12.14 20.04 8.57
CA GLU C 287 11.04 19.11 8.37
C GLU C 287 9.89 19.74 7.63
N THR C 288 9.23 18.92 6.82
CA THR C 288 8.20 19.41 5.91
C THR C 288 6.98 18.48 5.99
N GLY C 289 6.01 18.68 5.09
CA GLY C 289 4.93 17.69 4.91
C GLY C 289 3.74 18.27 4.19
N GLN C 290 3.07 17.41 3.41
CA GLN C 290 1.92 17.84 2.60
C GLN C 290 0.74 18.26 3.48
N GLY C 291 0.19 19.44 3.20
CA GLY C 291 -1.04 19.89 3.85
C GLY C 291 -0.83 21.10 4.76
N SER C 292 0.44 21.38 5.08
CA SER C 292 0.78 22.46 6.02
C SER C 292 0.42 23.84 5.46
N ALA C 293 0.60 24.01 4.15
CA ALA C 293 0.27 25.26 3.46
C ALA C 293 -1.25 25.46 3.35
N LEU C 294 -1.96 24.38 2.98
CA LEU C 294 -3.44 24.35 3.02
C LEU C 294 -3.96 24.77 4.39
N SER C 295 -3.39 24.19 5.44
CA SER C 295 -3.84 24.44 6.82
C SER C 295 -3.69 25.90 7.21
N ALA C 296 -2.73 26.58 6.60
CA ALA C 296 -2.36 27.93 6.99
C ALA C 296 -3.15 28.98 6.19
N GLY C 297 -3.93 28.51 5.22
CA GLY C 297 -4.54 29.39 4.20
C GLY C 297 -3.52 29.94 3.21
N ALA C 298 -2.41 29.20 3.04
CA ALA C 298 -1.19 29.76 2.50
C ALA C 298 -0.80 29.07 1.19
N ASN C 299 -1.73 28.28 0.66
CA ASN C 299 -1.48 27.52 -0.57
C ASN C 299 -1.89 28.30 -1.81
N PHE C 300 -2.73 29.33 -1.61
CA PHE C 300 -3.16 30.24 -2.71
C PHE C 300 -3.79 29.49 -3.89
N GLY C 301 -4.54 28.44 -3.58
CA GLY C 301 -5.24 27.66 -4.61
C GLY C 301 -4.34 26.66 -5.34
N ALA C 302 -3.10 26.50 -4.85
CA ALA C 302 -2.22 25.43 -5.31
C ALA C 302 -2.47 24.14 -4.54
N ASP C 303 -2.17 23.01 -5.18
CA ASP C 303 -2.26 21.70 -4.53
C ASP C 303 -1.09 21.49 -3.57
N GLN C 304 -1.23 20.49 -2.70
CA GLN C 304 -0.28 20.29 -1.59
C GLN C 304 1.07 19.70 -2.07
N VAL C 305 1.03 18.96 -3.18
CA VAL C 305 2.26 18.37 -3.76
C VAL C 305 3.18 19.45 -4.34
N THR C 306 2.59 20.40 -5.07
CA THR C 306 3.33 21.56 -5.59
C THR C 306 3.90 22.44 -4.44
N MET C 307 3.08 22.65 -3.40
CA MET C 307 3.50 23.46 -2.25
C MET C 307 4.63 22.78 -1.46
N GLU C 308 4.58 21.45 -1.43
CA GLU C 308 5.59 20.66 -0.73
C GLU C 308 6.94 20.67 -1.47
N ALA C 309 6.88 20.68 -2.81
CA ALA C 309 8.09 20.86 -3.63
C ALA C 309 8.77 22.22 -3.36
N ARG C 310 7.96 23.24 -3.08
CA ARG C 310 8.46 24.59 -2.80
C ARG C 310 9.21 24.67 -1.47
N ASN C 311 8.85 23.78 -0.54
CA ASN C 311 9.65 23.53 0.65
C ASN C 311 11.07 23.11 0.33
N TYR C 312 11.21 22.21 -0.65
CA TYR C 312 12.49 21.64 -0.99
C TYR C 312 13.35 22.63 -1.77
N GLY C 313 12.68 23.52 -2.50
CA GLY C 313 13.35 24.67 -3.11
C GLY C 313 13.88 25.66 -2.08
N LEU C 314 13.10 25.87 -1.01
CA LEU C 314 13.53 26.70 0.11
C LEU C 314 14.70 26.07 0.88
N ALA C 315 14.52 24.79 1.23
CA ALA C 315 15.55 24.05 1.98
C ALA C 315 16.88 24.02 1.23
N ARG C 316 16.81 23.80 -0.10
CA ARG C 316 18.02 23.67 -0.96
C ARG C 316 18.96 24.86 -0.82
N HIS C 317 18.38 26.06 -0.68
CA HIS C 317 19.17 27.30 -0.52
C HIS C 317 20.17 27.23 0.65
N TYR C 318 19.81 26.46 1.68
CA TYR C 318 20.52 26.50 2.94
C TYR C 318 21.40 25.27 3.13
N ASP C 319 21.41 24.38 2.12
CA ASP C 319 22.29 23.19 2.10
C ASP C 319 22.32 22.44 3.45
N PRO C 320 21.14 21.94 3.89
CA PRO C 320 21.01 21.33 5.21
C PRO C 320 21.64 19.93 5.24
N PHE C 321 21.93 19.43 6.43
CA PHE C 321 22.43 18.07 6.59
C PHE C 321 21.37 17.06 6.25
N ILE C 322 20.14 17.31 6.71
CA ILE C 322 19.03 16.40 6.49
C ILE C 322 17.70 17.17 6.33
N VAL C 323 16.85 16.72 5.41
CA VAL C 323 15.42 17.09 5.41
C VAL C 323 14.56 15.83 5.38
N ASN C 324 13.50 15.82 6.18
CA ASN C 324 12.43 14.83 6.00
C ASN C 324 11.03 15.42 5.99
N THR C 325 10.21 14.95 5.05
CA THR C 325 8.78 15.02 5.19
C THR C 325 8.30 14.24 6.40
N VAL C 326 7.26 14.74 7.05
CA VAL C 326 6.53 13.97 8.02
C VAL C 326 5.16 13.56 7.49
N VAL C 327 5.11 12.39 6.86
CA VAL C 327 4.24 12.18 5.69
C VAL C 327 2.75 12.21 6.07
N GLY C 328 2.38 11.45 7.10
CA GLY C 328 1.01 11.45 7.61
C GLY C 328 0.92 11.97 9.03
N PHE C 329 1.51 13.14 9.27
CA PHE C 329 1.65 13.67 10.62
C PHE C 329 0.39 14.36 11.07
N ILE C 330 -0.40 14.86 10.13
CA ILE C 330 -1.47 15.81 10.46
C ILE C 330 -2.83 15.13 10.60
N GLY C 331 -3.30 14.52 9.51
CA GLY C 331 -4.37 13.52 9.59
C GLY C 331 -5.09 13.32 8.27
N PRO C 332 -6.30 12.71 8.33
CA PRO C 332 -7.02 12.21 7.14
C PRO C 332 -7.60 13.35 6.30
N GLU C 333 -7.55 14.57 6.83
CA GLU C 333 -7.98 15.76 6.10
C GLU C 333 -7.15 15.98 4.81
N TYR C 334 -5.85 15.66 4.87
CA TYR C 334 -4.95 15.97 3.78
C TYR C 334 -4.47 14.72 3.07
N LEU C 335 -4.21 13.65 3.84
CA LEU C 335 -3.99 12.32 3.29
C LEU C 335 -4.74 11.25 4.07
N TYR C 336 -5.66 10.56 3.39
CA TYR C 336 -6.75 9.86 4.07
C TYR C 336 -6.34 8.45 4.54
N ASN C 337 -5.70 7.68 3.65
CA ASN C 337 -5.53 6.22 3.87
C ASN C 337 -4.13 5.71 3.50
N ASP C 338 -3.97 4.37 3.55
CA ASP C 338 -2.69 3.72 3.18
C ASP C 338 -2.20 4.16 1.81
N ARG C 339 -3.08 4.07 0.82
CA ARG C 339 -2.72 4.34 -0.58
C ARG C 339 -2.19 5.77 -0.76
N GLN C 340 -2.86 6.73 -0.12
CA GLN C 340 -2.53 8.14 -0.26
C GLN C 340 -1.24 8.48 0.47
N ILE C 341 -1.05 7.89 1.65
CA ILE C 341 0.14 8.16 2.47
C ILE C 341 1.42 7.59 1.82
N ILE C 342 1.32 6.35 1.29
CA ILE C 342 2.42 5.75 0.49
C ILE C 342 2.79 6.63 -0.71
N ARG C 343 1.76 7.02 -1.49
CA ARG C 343 1.96 7.85 -2.68
C ARG C 343 2.62 9.20 -2.34
N ALA C 344 2.15 9.83 -1.26
CA ALA C 344 2.74 11.08 -0.78
C ALA C 344 4.21 10.90 -0.43
N GLY C 345 4.50 9.88 0.39
CA GLY C 345 5.88 9.59 0.81
C GLY C 345 6.82 9.36 -0.35
N LEU C 346 6.35 8.65 -1.37
CA LEU C 346 7.15 8.40 -2.57
C LEU C 346 7.34 9.67 -3.40
N GLU C 347 6.27 10.48 -3.53
CA GLU C 347 6.34 11.81 -4.17
C GLU C 347 7.33 12.72 -3.45
N ASP C 348 7.17 12.84 -2.12
CA ASP C 348 7.95 13.78 -1.31
C ASP C 348 9.43 13.47 -1.39
N HIS C 349 9.75 12.18 -1.35
CA HIS C 349 11.14 11.73 -1.39
C HIS C 349 11.77 11.98 -2.77
N PHE C 350 11.01 11.64 -3.83
CA PHE C 350 11.48 11.87 -5.20
C PHE C 350 11.74 13.34 -5.47
N MET C 351 10.83 14.19 -4.99
CA MET C 351 10.92 15.62 -5.21
C MET C 351 12.07 16.23 -4.43
N GLY C 352 12.27 15.74 -3.19
CA GLY C 352 13.43 16.13 -2.39
C GLY C 352 14.75 15.81 -3.06
N LYS C 353 14.88 14.57 -3.54
CA LYS C 353 16.11 14.12 -4.20
C LYS C 353 16.35 14.86 -5.52
N LEU C 354 15.29 15.10 -6.28
CA LEU C 354 15.38 15.86 -7.54
C LEU C 354 15.78 17.33 -7.29
N SER C 355 15.31 17.89 -6.16
CA SER C 355 15.71 19.24 -5.74
C SER C 355 17.14 19.28 -5.19
N GLY C 356 17.70 18.09 -4.92
CA GLY C 356 19.12 17.98 -4.54
C GLY C 356 19.36 18.23 -3.06
N ILE C 357 18.39 17.84 -2.24
CA ILE C 357 18.55 17.90 -0.78
C ILE C 357 18.59 16.52 -0.15
N SER C 358 19.07 16.45 1.08
CA SER C 358 19.38 15.19 1.72
C SER C 358 18.13 14.58 2.32
N MET C 359 17.32 13.95 1.49
CA MET C 359 15.92 13.77 1.76
C MET C 359 15.67 12.43 2.45
N GLY C 360 15.09 12.47 3.64
CA GLY C 360 14.52 11.30 4.26
C GLY C 360 13.02 11.42 4.42
N CYS C 361 12.45 10.56 5.27
CA CYS C 361 11.01 10.53 5.49
C CYS C 361 10.67 9.94 6.86
N ASP C 362 9.93 10.70 7.66
CA ASP C 362 9.17 10.14 8.77
C ASP C 362 7.97 9.35 8.26
N CYS C 363 8.15 8.04 8.08
CA CYS C 363 7.05 7.13 7.70
C CYS C 363 6.10 6.92 8.88
N CYS C 364 4.90 7.51 8.80
CA CYS C 364 4.09 7.75 9.97
C CYS C 364 2.61 7.94 9.63
N TYR C 365 1.77 7.80 10.65
CA TYR C 365 0.33 7.99 10.49
C TYR C 365 -0.27 8.45 11.82
N THR C 366 -1.52 8.90 11.77
CA THR C 366 -2.25 9.26 12.98
C THR C 366 -3.39 8.29 13.24
N ASN C 367 -3.95 8.36 14.44
CA ASN C 367 -4.94 7.40 14.89
C ASN C 367 -6.35 7.73 14.41
N HIS C 368 -6.56 8.98 13.98
CA HIS C 368 -7.82 9.35 13.36
C HIS C 368 -7.78 9.26 11.82
N ALA C 369 -6.65 8.79 11.29
CA ALA C 369 -6.56 8.43 9.86
C ALA C 369 -6.78 6.92 9.62
N ASP C 370 -7.19 6.57 8.40
CA ASP C 370 -7.44 5.16 8.02
C ASP C 370 -6.13 4.43 7.71
N ALA C 371 -5.36 4.12 8.74
CA ALA C 371 -4.02 3.57 8.58
C ALA C 371 -3.60 2.79 9.81
N ASP C 372 -2.59 1.94 9.66
CA ASP C 372 -2.02 1.21 10.80
C ASP C 372 -0.51 0.99 10.63
N GLN C 373 0.06 0.13 11.47
CA GLN C 373 1.51 -0.01 11.54
C GLN C 373 2.07 -0.77 10.32
N ASN C 374 1.24 -1.63 9.73
CA ASN C 374 1.57 -2.30 8.47
C ASN C 374 1.77 -1.30 7.30
N LEU C 375 1.03 -0.18 7.35
CA LEU C 375 1.27 0.96 6.43
C LEU C 375 2.70 1.52 6.57
N ASN C 376 3.10 1.81 7.81
CA ASN C 376 4.48 2.28 8.09
C ASN C 376 5.54 1.33 7.55
N GLU C 377 5.27 0.04 7.66
CA GLU C 377 6.24 -0.98 7.30
C GLU C 377 6.30 -1.23 5.79
N ASN C 378 5.13 -1.11 5.12
CA ASN C 378 5.10 -1.00 3.65
C ASN C 378 5.91 0.18 3.14
N LEU C 379 5.66 1.36 3.69
CA LEU C 379 6.22 2.60 3.16
C LEU C 379 7.72 2.70 3.42
N MET C 380 8.15 2.28 4.62
CA MET C 380 9.56 2.37 5.01
C MET C 380 10.45 1.50 4.12
N ILE C 381 9.92 0.36 3.67
CA ILE C 381 10.68 -0.56 2.85
C ILE C 381 10.73 -0.09 1.38
N LEU C 382 9.58 0.38 0.87
CA LEU C 382 9.53 1.02 -0.46
C LEU C 382 10.50 2.19 -0.58
N LEU C 383 10.54 3.04 0.44
CA LEU C 383 11.39 4.20 0.45
C LEU C 383 12.85 3.82 0.62
N ALA C 384 13.11 2.80 1.42
CA ALA C 384 14.47 2.27 1.56
C ALA C 384 15.05 1.81 0.22
N THR C 385 14.22 1.14 -0.60
CA THR C 385 14.63 0.77 -1.98
C THR C 385 14.81 1.98 -2.87
N ALA C 386 14.07 3.05 -2.58
CA ALA C 386 14.23 4.33 -3.28
C ALA C 386 15.49 5.09 -2.81
N GLY C 387 16.20 4.52 -1.84
CA GLY C 387 17.43 5.13 -1.32
C GLY C 387 17.14 6.31 -0.41
N CYS C 388 15.94 6.31 0.22
CA CYS C 388 15.64 7.22 1.33
C CYS C 388 16.77 7.31 2.32
N ASN C 389 17.19 8.54 2.62
CA ASN C 389 18.41 8.77 3.39
C ASN C 389 18.27 8.34 4.84
N TYR C 390 17.07 8.49 5.40
CA TYR C 390 16.80 8.10 6.80
C TYR C 390 15.30 8.03 7.14
N ILE C 391 14.97 7.25 8.17
CA ILE C 391 13.65 7.32 8.83
C ILE C 391 13.80 7.72 10.31
N MET C 392 12.67 7.80 11.03
CA MET C 392 12.70 7.93 12.49
C MET C 392 12.88 6.59 13.17
N GLY C 393 13.34 6.63 14.41
CA GLY C 393 13.24 5.50 15.30
C GLY C 393 12.66 5.87 16.63
N MET C 394 11.62 5.16 17.04
CA MET C 394 11.12 5.22 18.42
C MET C 394 10.82 3.79 18.91
N PRO C 395 10.72 3.60 20.26
CA PRO C 395 10.37 2.27 20.80
C PRO C 395 9.03 1.77 20.27
N LEU C 396 9.08 0.76 19.40
CA LEU C 396 7.88 0.28 18.63
C LEU C 396 7.17 1.38 17.80
N GLY C 397 7.77 2.57 17.73
CA GLY C 397 7.22 3.68 16.95
C GLY C 397 6.14 4.48 17.69
N ASP C 398 5.93 4.16 18.97
CA ASP C 398 4.94 4.85 19.80
C ASP C 398 5.52 6.15 20.38
N ASP C 399 5.13 7.28 19.81
CA ASP C 399 5.39 8.60 20.43
C ASP C 399 4.38 8.92 21.50
N ILE C 400 4.87 9.09 22.73
CA ILE C 400 4.00 9.19 23.91
C ILE C 400 3.50 10.62 24.13
N MET C 401 3.74 11.49 23.14
CA MET C 401 3.83 12.91 23.39
C MET C 401 3.43 13.73 22.15
N LEU C 402 3.90 13.29 20.98
CA LEU C 402 3.44 13.86 19.70
C LEU C 402 2.17 13.17 19.19
N ASN C 403 1.77 12.09 19.88
CA ASN C 403 0.45 11.43 19.66
C ASN C 403 0.28 10.90 18.24
N TYR C 404 1.28 10.14 17.78
CA TYR C 404 1.23 9.48 16.49
C TYR C 404 2.14 8.26 16.51
N GLN C 405 2.09 7.47 15.44
CA GLN C 405 2.95 6.31 15.32
C GLN C 405 3.90 6.41 14.15
N THR C 406 5.20 6.41 14.46
CA THR C 406 6.22 6.37 13.44
C THR C 406 6.82 4.93 13.33
N THR C 407 8.04 4.83 12.82
CA THR C 407 8.70 3.53 12.67
C THR C 407 9.51 3.14 13.92
N ALA C 408 9.59 1.83 14.18
CA ALA C 408 10.32 1.30 15.34
C ALA C 408 11.84 1.36 15.11
N PHE C 409 12.60 1.35 16.22
CA PHE C 409 14.04 0.96 16.18
C PHE C 409 14.24 -0.35 15.41
N HIS C 410 13.35 -1.32 15.67
CA HIS C 410 13.35 -2.61 14.95
C HIS C 410 13.37 -2.45 13.43
N ASP C 411 12.69 -1.43 12.94
CA ASP C 411 12.41 -1.30 11.53
C ASP C 411 13.66 -0.91 10.74
N THR C 412 14.50 -0.06 11.35
CA THR C 412 15.78 0.32 10.74
C THR C 412 16.73 -0.88 10.63
N ALA C 413 16.85 -1.64 11.73
CA ALA C 413 17.61 -2.89 11.73
C ALA C 413 17.05 -3.91 10.72
N THR C 414 15.72 -3.98 10.63
CA THR C 414 15.05 -4.84 9.65
C THR C 414 15.42 -4.43 8.22
N VAL C 415 15.27 -3.14 7.93
CA VAL C 415 15.53 -2.61 6.59
C VAL C 415 17.00 -2.81 6.18
N ARG C 416 17.90 -2.58 7.14
CA ARG C 416 19.34 -2.73 6.88
C ARG C 416 19.70 -4.17 6.56
N GLN C 417 19.13 -5.09 7.31
CA GLN C 417 19.48 -6.50 7.18
C GLN C 417 18.69 -7.17 6.04
N LEU C 418 17.49 -6.65 5.76
CA LEU C 418 16.71 -7.06 4.58
C LEU C 418 17.44 -6.71 3.27
N LEU C 419 17.93 -5.48 3.18
CA LEU C 419 18.38 -4.92 1.90
C LEU C 419 19.91 -4.86 1.81
N ASN C 420 20.58 -5.50 2.79
CA ASN C 420 22.05 -5.37 2.95
CA ASN C 420 22.05 -5.37 2.95
C ASN C 420 22.54 -3.92 2.84
N LEU C 421 21.97 -3.04 3.67
CA LEU C 421 22.47 -1.68 3.79
C LEU C 421 23.21 -1.49 5.12
N ARG C 422 24.20 -0.60 5.10
CA ARG C 422 24.96 -0.28 6.30
C ARG C 422 24.47 1.04 6.92
N PRO C 423 24.84 1.30 8.20
CA PRO C 423 24.75 2.67 8.73
C PRO C 423 25.67 3.62 7.99
N SER C 424 25.58 4.91 8.31
CA SER C 424 26.69 5.84 8.14
C SER C 424 28.03 5.21 8.56
N PRO C 425 29.05 5.28 7.68
CA PRO C 425 30.35 4.58 7.86
C PRO C 425 31.00 4.88 9.22
N GLU C 426 30.92 6.14 9.67
CA GLU C 426 31.50 6.55 10.96
C GLU C 426 30.75 5.91 12.14
N PHE C 427 29.43 5.91 12.05
CA PHE C 427 28.57 5.38 13.11
C PHE C 427 28.63 3.85 13.15
N GLU C 428 28.70 3.23 11.97
CA GLU C 428 28.87 1.77 11.87
C GLU C 428 30.13 1.29 12.58
N ARG C 429 31.24 2.01 12.37
CA ARG C 429 32.50 1.72 13.06
C ARG C 429 32.34 1.76 14.58
N TRP C 430 31.58 2.73 15.06
CA TRP C 430 31.28 2.84 16.50
C TRP C 430 30.43 1.66 16.99
N LEU C 431 29.45 1.25 16.18
CA LEU C 431 28.59 0.09 16.52
C LEU C 431 29.40 -1.20 16.59
N GLU C 432 30.37 -1.33 15.70
CA GLU C 432 31.29 -2.49 15.72
C GLU C 432 32.19 -2.47 16.94
N SER C 433 32.56 -1.26 17.38
CA SER C 433 33.39 -1.08 18.59
C SER C 433 32.60 -1.44 19.86
N MET C 434 31.30 -1.20 19.84
CA MET C 434 30.44 -1.46 20.99
C MET C 434 30.00 -2.93 21.05
N GLY C 435 30.31 -3.68 19.99
CA GLY C 435 29.88 -5.07 19.87
C GLY C 435 28.39 -5.20 19.55
N ILE C 436 27.82 -4.14 18.98
CA ILE C 436 26.40 -4.11 18.63
C ILE C 436 26.17 -4.60 17.18
N MET C 437 27.13 -4.27 16.30
CA MET C 437 27.04 -4.66 14.88
C MET C 437 28.27 -5.47 14.44
N ALA C 438 28.03 -6.55 13.70
CA ALA C 438 29.05 -7.16 12.86
C ALA C 438 28.53 -7.42 11.45
N ASN C 439 29.28 -6.96 10.44
CA ASN C 439 28.92 -7.15 9.00
C ASN C 439 27.51 -6.62 8.64
N GLY C 440 27.15 -5.47 9.20
CA GLY C 440 25.86 -4.83 8.90
C GLY C 440 24.71 -5.41 9.69
N ARG C 441 25.03 -6.28 10.64
CA ARG C 441 24.03 -7.13 11.26
C ARG C 441 24.11 -6.97 12.77
N LEU C 442 22.95 -6.89 13.41
CA LEU C 442 22.87 -6.91 14.87
C LEU C 442 23.49 -8.20 15.44
N THR C 443 24.40 -8.04 16.39
CA THR C 443 24.96 -9.18 17.14
C THR C 443 23.89 -9.78 18.08
N LYS C 444 24.27 -10.87 18.76
CA LYS C 444 23.42 -11.45 19.82
C LYS C 444 23.14 -10.43 20.95
N ARG C 445 24.15 -9.63 21.30
CA ARG C 445 24.06 -8.73 22.45
C ARG C 445 23.26 -7.45 22.13
N ALA C 446 22.93 -7.26 20.85
CA ALA C 446 22.24 -6.05 20.39
C ALA C 446 20.76 -6.04 20.80
N GLY C 447 20.13 -4.87 20.73
CA GLY C 447 18.73 -4.71 21.10
C GLY C 447 18.53 -4.63 22.61
N ASP C 448 19.62 -4.45 23.34
CA ASP C 448 19.61 -4.54 24.79
C ASP C 448 20.28 -3.29 25.40
N PRO C 449 19.46 -2.37 25.94
CA PRO C 449 19.96 -1.05 26.37
C PRO C 449 20.79 -1.11 27.67
N SER C 450 20.72 -2.24 28.38
CA SER C 450 21.58 -2.46 29.56
C SER C 450 23.04 -2.78 29.17
N LEU C 451 23.28 -2.93 27.86
CA LEU C 451 24.66 -3.09 27.33
C LEU C 451 25.55 -1.88 27.65
N PHE C 452 24.92 -0.73 27.85
CA PHE C 452 25.64 0.52 28.08
C PHE C 452 25.95 0.73 29.57
N PHE C 453 25.68 -0.29 30.39
CA PHE C 453 25.74 -0.15 31.85
C PHE C 453 26.63 -1.23 32.47
N ALA D 12 -2.30 -16.89 31.52
CA ALA D 12 -3.46 -15.95 31.40
C ALA D 12 -3.00 -14.49 31.54
N LEU D 13 -3.12 -13.73 30.44
CA LEU D 13 -2.60 -12.36 30.40
C LEU D 13 -3.53 -11.44 29.60
N ASP D 14 -3.98 -10.36 30.26
CA ASP D 14 -4.60 -9.23 29.55
C ASP D 14 -3.53 -8.31 29.00
N LEU D 15 -3.65 -7.95 27.72
CA LEU D 15 -2.69 -7.05 27.07
C LEU D 15 -2.89 -5.59 27.51
N GLY D 16 -4.05 -5.31 28.10
CA GLY D 16 -4.33 -3.98 28.66
C GLY D 16 -3.89 -3.84 30.12
N SER D 17 -3.44 -4.95 30.72
CA SER D 17 -3.11 -4.97 32.16
C SER D 17 -1.79 -4.26 32.46
N ALA D 18 -1.52 -4.02 33.74
CA ALA D 18 -0.30 -3.34 34.17
C ALA D 18 0.91 -4.28 34.09
N GLU D 19 0.67 -5.58 34.24
CA GLU D 19 1.71 -6.59 34.06
C GLU D 19 2.22 -6.63 32.61
N ALA D 20 1.29 -6.52 31.66
CA ALA D 20 1.64 -6.50 30.24
C ALA D 20 2.37 -5.24 29.85
N LYS D 21 1.98 -4.11 30.45
CA LYS D 21 2.62 -2.82 30.20
C LYS D 21 4.08 -2.81 30.66
N ALA D 22 4.36 -3.54 31.74
CA ALA D 22 5.67 -3.51 32.38
C ALA D 22 6.57 -4.67 31.92
N TRP D 23 6.09 -5.44 30.93
CA TRP D 23 6.75 -6.68 30.52
C TRP D 23 8.10 -6.42 29.88
N ILE D 24 9.13 -7.13 30.36
CA ILE D 24 10.46 -7.03 29.79
C ILE D 24 10.81 -8.29 29.00
N GLY D 25 11.23 -8.10 27.75
CA GLY D 25 11.28 -9.19 26.78
C GLY D 25 12.68 -9.46 26.25
N VAL D 26 13.64 -8.66 26.71
CA VAL D 26 15.05 -8.88 26.38
C VAL D 26 15.55 -10.21 26.97
N GLU D 27 16.20 -11.03 26.13
CA GLU D 27 16.27 -12.47 26.36
C GLU D 27 17.40 -12.83 27.30
N ASN D 28 18.63 -12.47 26.92
CA ASN D 28 19.80 -12.65 27.78
C ASN D 28 20.48 -11.32 28.11
N PRO D 29 19.89 -10.55 29.06
CA PRO D 29 20.29 -9.17 29.30
C PRO D 29 21.70 -9.08 29.85
N HIS D 30 22.41 -8.01 29.51
CA HIS D 30 23.66 -7.68 30.17
C HIS D 30 23.44 -7.44 31.66
N ARG D 31 22.43 -6.61 31.98
CA ARG D 31 22.13 -6.25 33.36
C ARG D 31 20.63 -6.05 33.56
N ALA D 32 19.97 -7.06 34.13
CA ALA D 32 18.50 -7.14 34.13
C ALA D 32 17.87 -6.19 35.16
N ASP D 33 18.66 -5.81 36.17
CA ASP D 33 18.24 -4.80 37.14
C ASP D 33 18.17 -3.41 36.53
N VAL D 34 19.09 -3.13 35.61
CA VAL D 34 19.08 -1.88 34.84
C VAL D 34 17.87 -1.81 33.89
N LEU D 35 17.51 -2.96 33.32
CA LEU D 35 16.34 -3.04 32.42
C LEU D 35 15.04 -2.65 33.13
N THR D 36 14.90 -3.08 34.38
CA THR D 36 13.69 -2.80 35.18
C THR D 36 13.57 -1.30 35.50
N GLU D 37 14.70 -0.68 35.84
CA GLU D 37 14.75 0.78 36.10
C GLU D 37 14.53 1.59 34.80
N LEU D 38 15.00 1.05 33.67
CA LEU D 38 14.76 1.66 32.35
C LEU D 38 13.28 1.65 31.98
N ARG D 39 12.62 0.50 32.21
CA ARG D 39 11.16 0.37 31.98
C ARG D 39 10.36 1.25 32.95
N ARG D 40 10.87 1.39 34.18
CA ARG D 40 10.24 2.25 35.20
C ARG D 40 10.38 3.74 34.87
N SER D 41 11.41 4.08 34.07
CA SER D 41 11.76 5.48 33.82
C SER D 41 10.78 6.17 32.87
N THR D 42 10.13 5.37 32.02
CA THR D 42 9.43 5.89 30.85
C THR D 42 8.10 5.16 30.60
N VAL D 43 7.18 5.82 29.90
CA VAL D 43 5.96 5.17 29.41
C VAL D 43 6.08 4.82 27.89
N ALA D 44 7.22 5.19 27.29
CA ALA D 44 7.64 4.62 26.01
C ALA D 44 7.93 3.12 26.11
N ARG D 45 7.73 2.41 25.01
CA ARG D 45 7.65 0.96 25.03
C ARG D 45 9.04 0.32 24.90
N VAL D 46 9.92 0.64 25.86
CA VAL D 46 11.29 0.14 25.84
C VAL D 46 11.38 -1.29 26.37
N CYS D 47 12.52 -1.95 26.12
CA CYS D 47 12.94 -3.17 26.87
C CYS D 47 12.11 -4.41 26.53
N THR D 48 11.42 -4.37 25.38
CA THR D 48 10.60 -5.52 24.92
C THR D 48 11.43 -6.53 24.14
N GLY D 49 12.69 -6.18 23.86
CA GLY D 49 13.60 -7.07 23.14
C GLY D 49 13.23 -7.22 21.67
N ARG D 50 13.56 -8.37 21.11
CA ARG D 50 13.46 -8.57 19.67
C ARG D 50 13.38 -10.06 19.29
N ALA D 51 12.78 -10.34 18.15
CA ALA D 51 12.97 -11.62 17.48
C ALA D 51 13.62 -11.43 16.11
N GLY D 52 14.90 -11.77 16.01
CA GLY D 52 15.78 -11.15 15.02
C GLY D 52 15.80 -9.64 15.13
N PRO D 53 15.52 -8.94 14.02
CA PRO D 53 15.36 -7.49 14.04
C PRO D 53 13.89 -7.07 14.20
N ARG D 54 13.00 -8.03 14.40
CA ARG D 54 11.57 -7.76 14.50
C ARG D 54 11.14 -7.66 15.96
N PRO D 55 9.98 -6.99 16.22
CA PRO D 55 9.36 -7.02 17.56
C PRO D 55 9.07 -8.44 18.03
N ARG D 56 9.13 -8.63 19.35
CA ARG D 56 8.63 -9.85 19.97
C ARG D 56 7.11 -9.92 19.90
N THR D 57 6.57 -11.13 19.98
CA THR D 57 5.15 -11.38 19.65
C THR D 57 4.22 -10.61 20.60
N GLN D 58 4.52 -10.68 21.91
CA GLN D 58 3.68 -10.01 22.92
C GLN D 58 3.68 -8.50 22.74
N ALA D 59 4.83 -7.93 22.41
CA ALA D 59 4.96 -6.49 22.18
C ALA D 59 4.15 -6.05 20.97
N LEU D 60 4.17 -6.86 19.91
CA LEU D 60 3.31 -6.64 18.74
C LEU D 60 1.81 -6.76 19.11
N LEU D 61 1.48 -7.77 19.92
CA LEU D 61 0.09 -8.00 20.34
C LEU D 61 -0.44 -6.86 21.20
N ARG D 62 0.40 -6.37 22.12
CA ARG D 62 0.04 -5.25 22.98
C ARG D 62 -0.07 -3.95 22.20
N PHE D 63 0.84 -3.77 21.23
CA PHE D 63 0.74 -2.68 20.23
C PHE D 63 -0.61 -2.70 19.52
N LEU D 64 -1.00 -3.88 19.03
CA LEU D 64 -2.22 -4.05 18.25
C LEU D 64 -3.46 -3.83 19.12
N ALA D 65 -3.41 -4.35 20.36
CA ALA D 65 -4.47 -4.12 21.36
C ALA D 65 -4.69 -2.65 21.63
N ASP D 66 -3.59 -1.92 21.84
CA ASP D 66 -3.66 -0.51 22.19
C ASP D 66 -4.18 0.34 21.04
N HIS D 67 -3.91 -0.11 19.81
CA HIS D 67 -4.34 0.61 18.61
C HIS D 67 -5.85 0.45 18.36
N SER D 68 -6.39 -0.71 18.72
CA SER D 68 -7.84 -0.96 18.63
C SER D 68 -8.62 -0.06 19.60
N ARG D 69 -8.06 0.16 20.79
CA ARG D 69 -8.62 1.10 21.75
C ARG D 69 -8.46 2.55 21.30
N SER D 70 -7.33 2.85 20.66
CA SER D 70 -7.00 4.22 20.26
C SER D 70 -7.88 4.71 19.13
N LYS D 71 -8.20 3.81 18.18
CA LYS D 71 -9.15 4.10 17.11
C LYS D 71 -10.53 4.49 17.66
N ASP D 72 -10.95 3.80 18.72
CA ASP D 72 -12.30 4.01 19.30
C ASP D 72 -12.43 5.39 19.98
N THR D 73 -11.30 5.95 20.41
CA THR D 73 -11.31 7.18 21.22
C THR D 73 -11.50 8.43 20.36
N VAL D 74 -11.14 8.34 19.08
CA VAL D 74 -11.20 9.51 18.17
C VAL D 74 -12.64 9.88 17.79
N LEU D 75 -13.53 8.88 17.80
CA LEU D 75 -14.91 9.08 17.37
C LEU D 75 -15.90 8.84 18.50
N LYS D 76 -15.37 8.59 19.71
CA LYS D 76 -16.12 8.83 20.95
C LYS D 76 -16.54 10.28 21.08
N GLU D 77 -17.78 10.50 21.50
CA GLU D 77 -18.32 11.85 21.65
C GLU D 77 -18.84 12.08 23.06
N VAL D 78 -18.77 13.31 23.52
CA VAL D 78 -19.42 13.72 24.78
C VAL D 78 -20.94 13.63 24.66
N PRO D 79 -21.60 13.04 25.66
CA PRO D 79 -23.01 13.33 25.92
C PRO D 79 -23.23 14.82 26.20
N GLU D 80 -24.27 15.37 25.59
CA GLU D 80 -24.62 16.78 25.77
C GLU D 80 -25.31 17.01 27.12
N GLU D 81 -25.78 15.93 27.73
CA GLU D 81 -26.34 15.98 29.08
C GLU D 81 -25.26 15.96 30.17
N TRP D 82 -24.07 15.47 29.82
CA TRP D 82 -22.84 15.79 30.56
C TRP D 82 -22.52 17.28 30.47
N VAL D 83 -22.60 17.82 29.25
CA VAL D 83 -22.29 19.24 28.99
C VAL D 83 -23.31 20.17 29.66
N LYS D 84 -24.60 19.81 29.56
CA LYS D 84 -25.68 20.58 30.20
C LYS D 84 -25.57 20.58 31.73
N ALA D 85 -25.06 19.48 32.29
CA ALA D 85 -24.97 19.33 33.74
C ALA D 85 -23.57 19.68 34.27
N GLN D 86 -22.69 20.15 33.39
CA GLN D 86 -21.51 20.93 33.81
C GLN D 86 -21.87 22.39 34.12
N GLY D 87 -23.11 22.78 33.78
CA GLY D 87 -23.53 24.18 33.86
C GLY D 87 -23.14 24.98 32.62
N LEU D 88 -22.75 24.27 31.56
CA LEU D 88 -22.21 24.90 30.36
C LEU D 88 -23.29 25.09 29.30
N LEU D 89 -23.34 26.30 28.73
CA LEU D 89 -23.76 26.48 27.32
C LEU D 89 -23.01 25.53 26.40
N GLU D 90 -23.76 24.66 25.72
CA GLU D 90 -23.27 24.00 24.51
C GLU D 90 -23.53 24.83 23.27
N VAL D 91 -22.47 25.16 22.55
CA VAL D 91 -22.57 25.76 21.24
C VAL D 91 -21.84 24.88 20.18
N ARG D 92 -22.13 25.14 18.90
CA ARG D 92 -21.77 24.22 17.84
C ARG D 92 -21.10 24.94 16.68
N SER D 93 -20.05 24.35 16.13
CA SER D 93 -19.42 24.86 14.90
C SER D 93 -20.30 24.60 13.66
N GLU D 94 -19.71 24.70 12.47
CA GLU D 94 -20.45 24.50 11.21
C GLU D 94 -20.70 23.02 10.94
N ILE D 95 -19.84 22.16 11.50
CA ILE D 95 -19.88 20.73 11.20
C ILE D 95 -21.02 20.03 11.96
N SER D 96 -21.69 19.09 11.28
CA SER D 96 -22.76 18.28 11.92
C SER D 96 -22.25 16.89 12.38
N ASP D 97 -21.46 16.22 11.54
CA ASP D 97 -21.00 14.84 11.80
C ASP D 97 -19.65 14.82 12.53
N LYS D 98 -19.35 13.72 13.21
CA LYS D 98 -17.96 13.39 13.55
C LYS D 98 -17.15 13.01 12.31
N ASN D 99 -17.82 12.38 11.34
CA ASN D 99 -17.18 11.99 10.08
C ASN D 99 -16.82 13.21 9.21
N LEU D 100 -17.65 14.25 9.27
CA LEU D 100 -17.43 15.47 8.51
C LEU D 100 -16.45 16.41 9.21
N TYR D 101 -16.35 16.27 10.54
CA TYR D 101 -15.31 16.98 11.31
C TYR D 101 -13.91 16.50 10.93
N LEU D 102 -13.78 15.19 10.73
CA LEU D 102 -12.47 14.56 10.53
C LEU D 102 -11.89 14.90 9.16
N THR D 103 -12.71 15.51 8.30
CA THR D 103 -12.39 15.64 6.89
C THR D 103 -12.54 17.11 6.38
N ARG D 104 -13.18 17.96 7.21
CA ARG D 104 -13.28 19.41 6.89
C ARG D 104 -12.83 20.29 8.08
N PRO D 105 -11.52 20.64 8.12
CA PRO D 105 -10.98 21.56 9.15
C PRO D 105 -11.52 23.00 9.02
N ASP D 106 -11.90 23.38 7.80
CA ASP D 106 -12.31 24.77 7.52
C ASP D 106 -13.67 25.10 8.14
N MET D 107 -14.57 24.12 8.16
CA MET D 107 -15.88 24.27 8.80
C MET D 107 -15.76 24.17 10.33
N GLY D 108 -14.68 23.54 10.79
CA GLY D 108 -14.45 23.36 12.22
C GLY D 108 -13.96 24.62 12.90
N ARG D 109 -13.42 25.54 12.11
CA ARG D 109 -12.84 26.77 12.65
C ARG D 109 -13.67 28.01 12.32
N ARG D 110 -14.94 27.79 11.98
CA ARG D 110 -15.94 28.85 12.09
C ARG D 110 -17.26 28.35 12.66
N LEU D 111 -17.99 29.24 13.32
CA LEU D 111 -19.24 28.88 13.97
C LEU D 111 -20.38 28.85 12.96
N CYS D 112 -21.42 28.06 13.27
CA CYS D 112 -22.65 28.06 12.47
C CYS D 112 -23.52 29.30 12.76
N ALA D 113 -24.69 29.37 12.12
CA ALA D 113 -25.44 30.62 12.04
C ALA D 113 -26.12 30.97 13.36
N GLU D 114 -26.54 29.94 14.10
CA GLU D 114 -27.19 30.13 15.40
C GLU D 114 -26.16 30.24 16.53
N ALA D 115 -24.90 29.93 16.23
CA ALA D 115 -23.84 29.93 17.22
C ALA D 115 -23.36 31.34 17.53
N VAL D 116 -23.28 32.17 16.49
CA VAL D 116 -23.11 33.63 16.65
C VAL D 116 -24.25 34.25 17.49
N GLU D 117 -25.47 33.74 17.25
CA GLU D 117 -26.67 34.32 17.86
C GLU D 117 -26.80 33.97 19.35
N ALA D 118 -26.51 32.70 19.68
CA ALA D 118 -26.57 32.24 21.07
C ALA D 118 -25.50 32.91 21.93
N LEU D 119 -24.32 33.12 21.34
CA LEU D 119 -23.18 33.68 22.07
C LEU D 119 -23.33 35.19 22.31
N LYS D 120 -23.99 35.88 21.38
CA LYS D 120 -24.21 37.32 21.51
C LYS D 120 -25.30 37.64 22.52
N ALA D 121 -26.25 36.72 22.67
CA ALA D 121 -27.45 36.96 23.49
C ALA D 121 -27.26 36.50 24.93
N GLN D 122 -26.33 35.56 25.14
CA GLN D 122 -26.27 34.79 26.40
C GLN D 122 -24.91 34.95 27.11
N CYS D 123 -23.88 35.32 26.35
CA CYS D 123 -22.55 35.54 26.92
C CYS D 123 -22.22 37.02 27.05
N VAL D 124 -21.41 37.36 28.06
CA VAL D 124 -21.09 38.76 28.38
C VAL D 124 -20.16 39.38 27.33
N ALA D 125 -20.28 40.69 27.15
CA ALA D 125 -19.58 41.39 26.09
C ALA D 125 -18.33 42.06 26.61
N ASN D 126 -17.27 42.06 25.79
CA ASN D 126 -15.94 42.58 26.20
C ASN D 126 -15.45 42.07 27.58
N PRO D 127 -15.06 40.76 27.65
CA PRO D 127 -14.31 40.27 28.80
C PRO D 127 -12.81 40.51 28.66
N ASP D 128 -12.11 40.53 29.80
CA ASP D 128 -10.65 40.54 29.80
C ASP D 128 -10.09 39.16 29.47
N VAL D 129 -10.70 38.12 30.04
CA VAL D 129 -10.33 36.74 29.73
C VAL D 129 -11.57 35.89 29.42
N GLN D 130 -11.47 35.12 28.32
CA GLN D 130 -12.60 34.31 27.85
C GLN D 130 -12.18 32.85 27.67
N VAL D 131 -12.89 31.95 28.33
CA VAL D 131 -12.54 30.53 28.32
C VAL D 131 -13.49 29.74 27.43
N VAL D 132 -12.92 29.01 26.47
CA VAL D 132 -13.69 28.18 25.56
C VAL D 132 -13.26 26.70 25.67
N ILE D 133 -14.24 25.80 25.69
CA ILE D 133 -13.95 24.37 25.75
C ILE D 133 -14.44 23.66 24.48
N SER D 134 -13.57 22.84 23.88
CA SER D 134 -13.95 22.02 22.74
C SER D 134 -13.51 20.58 22.89
N ASP D 135 -14.31 19.66 22.34
CA ASP D 135 -13.94 18.24 22.29
C ASP D 135 -12.75 18.01 21.35
N GLY D 136 -12.72 18.73 20.23
CA GLY D 136 -11.62 18.63 19.27
C GLY D 136 -11.48 17.23 18.71
N LEU D 137 -10.30 16.64 18.89
CA LEU D 137 -10.01 15.33 18.33
C LEU D 137 -10.03 14.23 19.40
N SER D 138 -10.17 14.63 20.68
CA SER D 138 -10.35 13.67 21.78
C SER D 138 -11.38 14.14 22.80
N THR D 139 -12.49 13.41 22.89
CA THR D 139 -13.49 13.61 23.95
C THR D 139 -12.91 13.32 25.35
N ASP D 140 -12.06 12.28 25.44
CA ASP D 140 -11.51 11.83 26.72
C ASP D 140 -10.60 12.87 27.38
N ALA D 141 -10.03 13.76 26.56
CA ALA D 141 -9.10 14.79 27.04
C ALA D 141 -9.80 15.85 27.89
N ILE D 142 -11.03 16.17 27.53
CA ILE D 142 -11.80 17.18 28.25
C ILE D 142 -12.71 16.56 29.32
N THR D 143 -13.01 15.26 29.17
CA THR D 143 -13.99 14.60 30.04
C THR D 143 -13.33 14.00 31.31
N VAL D 144 -12.05 13.63 31.19
CA VAL D 144 -11.25 13.20 32.34
C VAL D 144 -10.77 14.41 33.17
N ASN D 145 -10.39 15.49 32.48
CA ASN D 145 -9.59 16.53 33.09
C ASN D 145 -10.42 17.74 33.57
N TYR D 146 -11.75 17.70 33.31
CA TYR D 146 -12.59 18.92 33.36
C TYR D 146 -12.74 19.44 34.78
N GLU D 147 -13.25 18.59 35.68
CA GLU D 147 -13.48 18.97 37.09
C GLU D 147 -12.17 19.41 37.78
N GLU D 148 -11.04 19.00 37.20
CA GLU D 148 -9.75 19.27 37.79
C GLU D 148 -9.06 20.49 37.17
N ILE D 149 -9.52 20.90 35.97
CA ILE D 149 -8.99 22.11 35.31
C ILE D 149 -9.86 23.34 35.62
N LEU D 150 -11.17 23.20 35.47
CA LEU D 150 -12.02 24.33 35.11
C LEU D 150 -12.37 25.24 36.32
N PRO D 151 -12.91 24.63 37.45
CA PRO D 151 -13.13 25.43 38.68
C PRO D 151 -11.85 26.21 39.21
N PRO D 152 -10.64 25.52 39.31
CA PRO D 152 -9.48 26.24 39.87
C PRO D 152 -8.83 27.22 38.88
N LEU D 153 -9.07 27.02 37.58
CA LEU D 153 -8.76 28.06 36.57
C LEU D 153 -9.69 29.25 36.70
N MET D 154 -10.99 28.99 36.77
CA MET D 154 -12.01 30.04 36.75
C MET D 154 -12.17 30.71 38.12
N ALA D 155 -11.64 30.04 39.15
CA ALA D 155 -11.18 30.74 40.36
C ALA D 155 -10.16 31.81 40.01
N GLY D 156 -8.94 31.38 39.67
CA GLY D 156 -7.76 32.26 39.75
C GLY D 156 -7.79 33.42 38.75
N LEU D 157 -8.68 33.33 37.76
CA LEU D 157 -8.98 34.46 36.88
C LEU D 157 -9.78 35.56 37.60
N LYS D 158 -10.94 35.17 38.17
CA LYS D 158 -11.76 36.10 38.97
C LYS D 158 -11.10 36.40 40.32
N GLN D 159 -10.62 35.34 40.99
CA GLN D 159 -9.88 35.48 42.25
C GLN D 159 -8.57 36.23 42.04
N ALA D 160 -8.54 37.50 42.47
CA ALA D 160 -7.53 38.49 42.00
C ALA D 160 -7.28 38.41 40.48
N GLY D 161 -8.23 38.91 39.70
CA GLY D 161 -7.94 39.55 38.43
C GLY D 161 -8.91 40.67 38.12
N LEU D 162 -9.65 40.51 37.02
CA LEU D 162 -10.77 41.41 36.70
C LEU D 162 -11.90 40.65 35.98
N LYS D 163 -12.34 41.18 34.84
CA LYS D 163 -13.59 40.75 34.21
C LYS D 163 -13.42 39.43 33.49
N VAL D 164 -13.84 38.35 34.14
CA VAL D 164 -13.84 37.03 33.52
C VAL D 164 -15.13 36.78 32.71
N GLY D 165 -14.95 36.35 31.45
CA GLY D 165 -16.08 35.99 30.61
C GLY D 165 -16.73 34.69 31.01
N THR D 166 -17.95 34.46 30.52
CA THR D 166 -18.69 33.25 30.86
C THR D 166 -18.32 32.09 29.94
N PRO D 167 -17.93 30.94 30.53
CA PRO D 167 -17.37 29.82 29.79
C PRO D 167 -18.45 29.02 29.06
N PHE D 168 -18.06 28.35 27.97
CA PHE D 168 -19.00 27.58 27.16
C PHE D 168 -18.29 26.48 26.37
N PHE D 169 -19.08 25.60 25.76
CA PHE D 169 -18.55 24.44 25.05
C PHE D 169 -18.82 24.57 23.54
N VAL D 170 -17.75 24.61 22.75
CA VAL D 170 -17.85 24.42 21.28
C VAL D 170 -17.74 22.94 20.90
N ARG D 171 -18.77 22.43 20.23
CA ARG D 171 -18.68 21.12 19.60
C ARG D 171 -18.04 21.20 18.21
N TYR D 172 -17.23 20.18 17.90
CA TYR D 172 -16.56 20.08 16.57
C TYR D 172 -15.67 21.29 16.25
N GLY D 173 -14.87 21.71 17.23
CA GLY D 173 -14.04 22.90 17.09
C GLY D 173 -12.62 22.58 16.63
N ARG D 174 -12.12 23.38 15.68
CA ARG D 174 -10.68 23.60 15.54
C ARG D 174 -10.26 24.87 16.28
N VAL D 175 -8.94 25.07 16.44
CA VAL D 175 -8.43 26.11 17.35
C VAL D 175 -8.53 27.52 16.73
N LYS D 176 -8.67 27.58 15.41
CA LYS D 176 -8.81 28.86 14.70
C LYS D 176 -10.22 29.45 14.83
N ILE D 177 -11.13 28.68 15.44
CA ILE D 177 -12.49 29.16 15.77
C ILE D 177 -12.47 30.24 16.88
N GLU D 178 -11.38 30.26 17.65
CA GLU D 178 -11.26 31.20 18.78
C GLU D 178 -10.92 32.63 18.30
N ASP D 179 -10.51 32.75 17.02
CA ASP D 179 -10.42 34.06 16.35
C ASP D 179 -11.79 34.69 16.17
N GLN D 180 -12.75 33.90 15.70
CA GLN D 180 -14.12 34.37 15.49
C GLN D 180 -14.81 34.63 16.83
N ILE D 181 -14.55 33.78 17.81
CA ILE D 181 -15.12 33.93 19.16
C ILE D 181 -14.59 35.22 19.84
N GLY D 182 -13.30 35.50 19.66
CA GLY D 182 -12.68 36.70 20.22
C GLY D 182 -13.20 37.99 19.62
N GLU D 183 -13.65 37.92 18.36
CA GLU D 183 -14.17 39.08 17.66
C GLU D 183 -15.64 39.34 18.00
N ILE D 184 -16.42 38.27 18.11
CA ILE D 184 -17.86 38.37 18.41
C ILE D 184 -18.09 38.93 19.83
N LEU D 185 -17.33 38.43 20.79
CA LEU D 185 -17.49 38.83 22.19
C LEU D 185 -16.61 40.03 22.55
N GLY D 186 -15.73 40.41 21.62
CA GLY D 186 -14.83 41.55 21.84
C GLY D 186 -13.73 41.25 22.85
N ALA D 187 -13.29 39.98 22.88
CA ALA D 187 -12.58 39.45 24.02
C ALA D 187 -11.08 39.74 23.93
N LYS D 188 -10.50 40.18 25.05
CA LYS D 188 -9.13 40.69 25.07
C LYS D 188 -8.13 39.55 25.12
N VAL D 189 -8.43 38.53 25.94
CA VAL D 189 -7.72 37.25 25.86
C VAL D 189 -8.71 36.09 25.70
N VAL D 190 -8.54 35.32 24.62
CA VAL D 190 -9.29 34.07 24.45
C VAL D 190 -8.40 32.88 24.70
N ILE D 191 -8.76 32.07 25.69
CA ILE D 191 -8.09 30.80 25.94
C ILE D 191 -8.99 29.60 25.61
N LEU D 192 -8.43 28.62 24.91
CA LEU D 192 -9.20 27.47 24.45
C LEU D 192 -8.58 26.16 24.92
N LEU D 193 -9.32 25.43 25.75
CA LEU D 193 -8.92 24.10 26.15
C LEU D 193 -9.58 23.04 25.25
N VAL D 194 -8.74 22.22 24.62
CA VAL D 194 -9.19 21.38 23.51
C VAL D 194 -8.45 20.02 23.49
N GLY D 195 -9.16 18.96 23.10
CA GLY D 195 -8.56 17.65 22.92
C GLY D 195 -7.71 17.57 21.66
N GLU D 196 -6.42 17.32 21.84
CA GLU D 196 -5.54 16.97 20.73
C GLU D 196 -5.77 15.53 20.25
N ARG D 197 -5.24 15.22 19.06
CA ARG D 197 -5.30 13.84 18.51
C ARG D 197 -4.89 12.78 19.55
N PRO D 198 -5.65 11.67 19.61
CA PRO D 198 -5.31 10.54 20.49
C PRO D 198 -3.99 9.89 20.11
N GLY D 199 -3.16 9.60 21.11
CA GLY D 199 -2.00 8.75 20.92
C GLY D 199 -2.33 7.28 21.00
N LEU D 200 -1.29 6.44 20.93
CA LEU D 200 -1.46 4.98 21.01
C LEU D 200 -1.99 4.56 22.38
N GLY D 201 -1.31 4.98 23.43
CA GLY D 201 -1.48 4.39 24.76
C GLY D 201 -2.44 5.18 25.64
N GLN D 202 -2.88 6.34 25.13
CA GLN D 202 -3.46 7.38 25.99
C GLN D 202 -4.29 8.36 25.15
N SER D 203 -5.45 8.74 25.66
CA SER D 203 -6.39 9.58 24.92
C SER D 203 -6.64 10.94 25.61
N GLU D 204 -6.10 11.11 26.82
CA GLU D 204 -6.59 12.16 27.73
C GLU D 204 -5.68 13.41 27.75
N SER D 205 -4.89 13.60 26.68
CA SER D 205 -3.98 14.75 26.58
C SER D 205 -4.71 16.00 26.13
N LEU D 206 -4.65 17.06 26.95
CA LEU D 206 -5.33 18.33 26.65
C LEU D 206 -4.31 19.41 26.26
N SER D 207 -4.69 20.27 25.32
CA SER D 207 -3.89 21.47 25.01
C SER D 207 -4.66 22.75 25.34
N CYS D 208 -3.93 23.81 25.66
CA CYS D 208 -4.50 25.14 25.71
C CYS D 208 -3.90 26.06 24.63
N TYR D 209 -4.77 26.60 23.78
CA TYR D 209 -4.36 27.62 22.79
C TYR D 209 -4.97 28.98 23.14
N ALA D 210 -4.15 30.04 23.02
CA ALA D 210 -4.44 31.32 23.69
C ALA D 210 -3.95 32.51 22.87
N VAL D 211 -4.89 33.37 22.45
CA VAL D 211 -4.53 34.67 21.82
C VAL D 211 -4.90 35.85 22.72
N TYR D 212 -4.05 36.88 22.70
CA TYR D 212 -4.49 38.25 22.97
C TYR D 212 -5.22 38.85 21.77
N SER D 213 -6.51 39.15 21.95
CA SER D 213 -7.27 40.04 21.03
C SER D 213 -7.19 39.58 19.55
N PRO D 214 -7.77 38.40 19.24
CA PRO D 214 -7.55 37.76 17.95
C PRO D 214 -8.41 38.39 16.84
N ARG D 215 -7.94 38.30 15.60
CA ARG D 215 -8.66 38.86 14.46
C ARG D 215 -8.51 37.96 13.23
N MET D 216 -9.65 37.55 12.67
CA MET D 216 -9.68 36.40 11.72
C MET D 216 -8.81 36.65 10.50
N ALA D 217 -8.63 37.92 10.14
CA ALA D 217 -7.87 38.30 8.95
C ALA D 217 -6.44 38.74 9.31
N THR D 218 -6.07 38.60 10.59
CA THR D 218 -4.81 39.17 11.10
C THR D 218 -3.95 38.13 11.82
N THR D 219 -4.53 37.50 12.86
CA THR D 219 -3.75 36.64 13.75
C THR D 219 -3.29 35.35 13.04
N VAL D 220 -1.98 35.17 12.97
CA VAL D 220 -1.40 33.93 12.49
C VAL D 220 -1.34 32.90 13.62
N GLU D 221 -0.94 31.67 13.27
CA GLU D 221 -0.85 30.58 14.26
C GLU D 221 0.24 30.85 15.29
N ALA D 222 1.28 31.57 14.87
CA ALA D 222 2.41 31.90 15.75
C ALA D 222 2.04 32.97 16.80
N ASP D 223 0.90 33.63 16.59
CA ASP D 223 0.39 34.61 17.56
C ASP D 223 -0.22 33.95 18.80
N ARG D 224 -0.52 32.65 18.71
CA ARG D 224 -1.03 31.90 19.85
C ARG D 224 0.10 31.43 20.78
N THR D 225 -0.17 31.43 22.09
CA THR D 225 0.60 30.61 23.02
C THR D 225 -0.02 29.22 23.18
N CYS D 226 0.78 28.20 22.90
CA CYS D 226 0.39 26.82 23.18
C CYS D 226 0.99 26.34 24.51
N ILE D 227 0.17 25.67 25.31
CA ILE D 227 0.68 24.74 26.32
C ILE D 227 0.00 23.38 26.20
N SER D 228 0.79 22.34 25.98
CA SER D 228 0.29 21.05 25.53
C SER D 228 0.44 20.01 26.62
N ASN D 229 0.04 18.76 26.30
CA ASN D 229 0.29 17.60 27.17
C ASN D 229 -0.23 17.80 28.61
N ILE D 230 -1.43 18.38 28.72
CA ILE D 230 -2.09 18.52 30.02
C ILE D 230 -2.89 17.27 30.36
N HIS D 231 -2.33 16.45 31.25
CA HIS D 231 -3.06 15.36 31.89
C HIS D 231 -2.26 14.85 33.08
N GLN D 232 -2.71 13.74 33.67
CA GLN D 232 -2.05 13.16 34.86
C GLN D 232 -0.61 12.69 34.55
N GLY D 233 -0.38 12.27 33.31
CA GLY D 233 0.95 11.82 32.88
C GLY D 233 1.76 12.91 32.20
N GLY D 234 1.27 14.15 32.25
CA GLY D 234 2.01 15.30 31.75
C GLY D 234 2.25 16.34 32.82
N THR D 235 1.91 17.60 32.52
CA THR D 235 1.58 18.58 33.56
C THR D 235 0.16 18.35 34.13
N PRO D 236 0.07 18.09 35.46
CA PRO D 236 -1.19 17.77 36.14
C PRO D 236 -2.21 18.91 36.05
N PRO D 237 -3.48 18.58 35.75
CA PRO D 237 -4.53 19.55 35.37
C PRO D 237 -4.83 20.59 36.48
N VAL D 238 -4.58 20.22 37.74
CA VAL D 238 -4.59 21.20 38.87
C VAL D 238 -3.57 22.33 38.62
N GLU D 239 -2.31 21.98 38.48
CA GLU D 239 -1.23 22.97 38.47
C GLU D 239 -1.02 23.57 37.07
N ALA D 240 -1.62 22.93 36.06
CA ALA D 240 -1.67 23.50 34.72
C ALA D 240 -2.69 24.63 34.61
N ALA D 241 -3.71 24.59 35.46
CA ALA D 241 -4.67 25.70 35.58
C ALA D 241 -4.02 26.95 36.19
N ALA D 242 -3.04 26.73 37.08
CA ALA D 242 -2.28 27.83 37.68
C ALA D 242 -1.37 28.50 36.66
N VAL D 243 -0.81 27.70 35.74
CA VAL D 243 0.16 28.20 34.76
C VAL D 243 -0.53 28.93 33.58
N ILE D 244 -1.83 28.66 33.39
CA ILE D 244 -2.64 29.40 32.40
C ILE D 244 -3.13 30.75 32.96
N VAL D 245 -3.58 30.74 34.21
CA VAL D 245 -3.92 32.00 34.95
C VAL D 245 -2.73 32.97 34.97
N ASP D 246 -1.54 32.45 35.25
CA ASP D 246 -0.30 33.23 35.19
C ASP D 246 -0.05 33.77 33.77
N LEU D 247 -0.25 32.90 32.77
CA LEU D 247 -0.08 33.29 31.36
C LEU D 247 -1.11 34.34 30.93
N ALA D 248 -2.33 34.23 31.46
CA ALA D 248 -3.40 35.20 31.18
C ALA D 248 -3.07 36.59 31.75
N LYS D 249 -2.40 36.62 32.91
CA LYS D 249 -1.90 37.87 33.50
C LYS D 249 -0.81 38.49 32.64
N ARG D 250 0.18 37.68 32.25
CA ARG D 250 1.32 38.15 31.44
C ARG D 250 0.87 38.61 30.05
N MET D 251 -0.20 37.99 29.53
CA MET D 251 -0.75 38.36 28.22
C MET D 251 -1.40 39.75 28.23
N LEU D 252 -2.20 40.01 29.27
CA LEU D 252 -2.97 41.27 29.36
C LEU D 252 -2.05 42.47 29.66
N GLU D 253 -0.92 42.19 30.30
CA GLU D 253 -0.04 43.25 30.79
C GLU D 253 0.83 43.83 29.66
N GLN D 254 1.34 42.96 28.80
CA GLN D 254 2.24 43.39 27.72
C GLN D 254 1.53 43.39 26.35
N LYS D 255 0.21 43.13 26.37
CA LYS D 255 -0.66 43.28 25.16
C LYS D 255 -0.16 42.42 23.98
N ALA D 256 0.44 41.29 24.29
CA ALA D 256 1.22 40.53 23.32
C ALA D 256 0.90 39.06 23.41
N SER D 257 0.78 38.42 22.26
CA SER D 257 -0.13 37.30 22.10
C SER D 257 0.59 35.97 22.40
N GLY D 258 1.67 35.69 21.65
CA GLY D 258 2.26 34.34 21.63
C GLY D 258 3.76 34.35 21.38
N ILE D 259 4.16 34.55 20.13
CA ILE D 259 5.56 34.79 19.79
C ILE D 259 6.00 36.24 20.14
N ASN D 260 5.00 37.10 20.39
CA ASN D 260 5.26 38.49 20.75
C ASN D 260 5.47 38.67 22.26
N MET D 261 5.17 37.62 23.04
CA MET D 261 5.46 37.60 24.48
C MET D 261 6.96 37.67 24.75
N THR D 262 7.33 38.36 25.82
CA THR D 262 8.75 38.57 26.15
C THR D 262 9.36 37.31 26.78
N ARG D 263 10.64 37.05 26.44
CA ARG D 263 11.48 36.09 27.20
C ARG D 263 10.96 34.63 27.12
C 2A1 E . -2.20 -16.92 -15.69
N 2A1 E . -0.86 -15.60 -14.20
O 2A1 E . -1.80 -18.26 -15.50
CA 2A1 E . -2.17 -16.19 -14.38
C3 2A1 E . -3.23 -15.13 -14.35
CO B12 F . -10.58 -19.61 -15.29
N21 B12 F . -10.64 -20.02 -17.13
N22 B12 F . -9.96 -21.36 -14.83
N23 B12 F . -10.45 -18.99 -13.49
N24 B12 F . -11.01 -17.89 -15.93
C1 B12 F . -11.09 -18.96 -18.05
C20 B12 F . -12.62 -19.06 -18.26
C2 B12 F . -10.31 -19.28 -19.36
C25 B12 F . -11.13 -18.90 -20.59
C26 B12 F . -8.95 -18.56 -19.38
C27 B12 F . -7.97 -19.23 -20.33
O28 B12 F . -8.14 -19.15 -21.53
N29 B12 F . -6.95 -19.89 -19.80
C3 B12 F . -10.07 -20.87 -19.27
C30 B12 F . -11.25 -21.70 -19.84
C31 B12 F . -10.82 -22.49 -21.07
C32 B12 F . -12.01 -23.27 -21.62
O34 B12 F . -12.33 -24.34 -21.13
N33 B12 F . -12.65 -22.71 -22.64
C4 B12 F . -9.94 -21.03 -17.78
C5 B12 F . -9.37 -22.19 -17.13
C35 B12 F . -8.83 -23.31 -18.01
C6 B12 F . -9.38 -22.31 -15.74
C7 B12 F . -8.85 -23.56 -14.96
C36 B12 F . -9.44 -24.89 -15.50
C37 B12 F . -7.28 -23.51 -14.98
C38 B12 F . -6.66 -24.87 -15.24
O39 B12 F . -6.62 -25.71 -14.37
N40 B12 F . -6.13 -25.04 -16.46
C8 B12 F . -9.31 -23.28 -13.49
C41 B12 F . -10.47 -24.22 -13.03
C42 B12 F . -11.87 -23.65 -13.30
C43 B12 F . -12.89 -24.48 -12.60
O44 B12 F . -13.38 -24.11 -11.55
N45 B12 F . -13.24 -25.63 -13.20
C9 B12 F . -9.76 -21.83 -13.54
C10 B12 F . -9.85 -21.04 -12.35
C11 B12 F . -10.20 -19.78 -12.35
C12 B12 F . -10.26 -19.00 -11.10
C46 B12 F . -8.97 -18.41 -10.76
C47 B12 F . -10.88 -19.70 -9.98
C13 B12 F . -11.22 -17.81 -11.55
C48 B12 F . -12.69 -18.11 -11.21
C49 B12 F . -13.44 -16.85 -10.76
C50 B12 F . -14.18 -17.12 -9.48
O51 B12 F . -14.99 -16.32 -9.06
N52 B12 F . -13.89 -18.25 -8.85
C14 B12 F . -11.04 -17.81 -13.05
C15 B12 F . -11.30 -16.62 -13.88
C53 B12 F . -11.58 -15.28 -13.19
C16 B12 F . -11.22 -16.71 -15.24
C17 B12 F . -11.45 -15.56 -16.27
C54 B12 F . -10.24 -14.62 -16.25
C55 B12 F . -12.76 -14.75 -16.02
C56 B12 F . -14.05 -15.53 -16.28
C57 B12 F . -15.24 -14.62 -15.94
O58 B12 F . -15.09 -13.41 -15.89
N59 B12 F . -16.40 -15.22 -15.73
C18 B12 F . -11.48 -16.34 -17.65
C60 B12 F . -10.72 -15.60 -18.76
C61 B12 F . -11.70 -14.73 -19.54
O63 B12 F . -12.91 -14.91 -19.47
N62 B12 F . -11.16 -13.76 -20.28
C19 B12 F . -10.82 -17.68 -17.29
C1P B12 F . -17.67 -14.49 -15.82
C2P B12 F . -18.18 -14.12 -14.44
C3P B12 F . -19.21 -13.01 -14.51
O3 B12 F . -18.77 -15.27 -13.85
O4 B12 F . -19.73 -16.35 -11.74
O5 B12 F . -18.15 -14.45 -11.49
P B12 F . -18.51 -15.67 -12.31
O2 B12 F . -17.27 -16.70 -12.40
C3R B12 F . -17.50 -18.05 -12.79
C2R B12 F . -16.70 -18.40 -14.01
O7R B12 F . -15.59 -17.52 -14.11
C1R B12 F . -16.25 -19.83 -13.76
O6R B12 F . -16.18 -19.98 -12.32
C4R B12 F . -17.05 -19.01 -11.69
C5R B12 F . -18.24 -19.72 -11.09
O8R B12 F . -18.04 -19.90 -9.70
N1B B12 F . -14.95 -20.22 -14.41
C8B B12 F . -14.77 -21.27 -15.21
C2B B12 F . -13.74 -19.59 -14.26
N3B B12 F . -12.78 -20.24 -15.00
C9B B12 F . -13.37 -21.28 -15.60
C4B B12 F . -12.88 -22.28 -16.45
C5B B12 F . -13.73 -23.26 -16.93
C5M B12 F . -13.19 -24.33 -17.86
C6B B12 F . -15.16 -23.26 -16.55
C6M B12 F . -16.09 -24.31 -17.07
C7B B12 F . -15.65 -22.26 -15.69
C 2A1 G . 9.23 15.32 14.89
N 2A1 G . 9.51 13.61 13.21
O 2A1 G . 10.34 16.13 14.53
CA 2A1 G . 8.65 14.69 13.65
C3 2A1 G . 7.28 14.16 13.94
NA NA H . 15.43 15.70 -24.86
CO B12 I . 2.89 21.42 15.89
N21 B12 I . 3.38 21.72 17.69
N22 B12 I . 4.19 22.67 15.25
N23 B12 I . 2.36 20.91 14.13
N24 B12 I . 1.81 20.08 16.66
C1 B12 I . 2.63 20.91 18.72
C20 B12 I . 1.40 21.71 19.18
C2 B12 I . 3.69 20.78 19.88
C25 B12 I . 2.98 20.86 21.24
C26 B12 I . 4.49 19.47 19.77
C27 B12 I . 5.81 19.57 20.54
O28 B12 I . 5.82 19.60 21.76
N29 B12 I . 6.94 19.60 19.81
C3 B12 I . 4.66 22.01 19.65
C30 B12 I . 4.20 23.31 20.38
C31 B12 I . 5.20 23.72 21.48
C32 B12 I . 4.66 24.89 22.27
O34 B12 I . 4.77 26.03 21.85
N33 B12 I . 4.09 24.60 23.44
C4 B12 I . 4.58 22.14 18.15
C5 B12 I . 5.53 22.91 17.36
C35 B12 I . 6.70 23.56 18.08
C6 B12 I . 5.32 23.14 15.99
C7 B12 I . 6.25 24.01 15.09
C36 B12 I . 6.45 25.44 15.67
C37 B12 I . 7.59 23.23 14.86
C38 B12 I . 8.81 24.13 14.96
O39 B12 I . 9.11 24.87 14.02
N40 B12 I . 9.54 24.03 16.08
C8 B12 I . 5.46 24.04 13.74
C41 B12 I . 4.82 25.44 13.44
C42 B12 I . 3.39 25.60 14.04
C43 B12 I . 2.90 27.02 13.88
O44 B12 I . 2.02 27.29 13.08
N45 B12 I . 3.47 27.94 14.66
C9 B12 I . 4.39 22.98 13.93
C10 B12 I . 3.71 22.42 12.82
C11 B12 I . 2.79 21.51 12.93
C12 B12 I . 2.10 21.03 11.75
C46 B12 I . 2.72 19.85 11.13
C47 B12 I . 1.92 22.22 10.81
C13 B12 I . 0.71 20.59 12.40
C48 B12 I . -0.32 21.73 12.29
C49 B12 I . -1.63 21.42 12.99
C50 B12 I . -2.65 20.85 12.04
O51 B12 I . -3.40 19.95 12.41
N52 B12 I . -2.67 21.35 10.81
C14 B12 I . 1.14 20.34 13.85
C15 B12 I . 0.50 19.35 14.74
C53 B12 I . -0.54 18.40 14.14
C16 B12 I . 0.90 19.24 16.06
C17 B12 I . 0.34 18.24 17.13
C54 B12 I . 0.93 16.85 16.87
C55 B12 I . -1.21 18.16 17.17
C56 B12 I . -1.90 19.35 17.83
C57 B12 I . -3.39 19.06 17.89
O58 B12 I . -3.81 17.92 17.78
N59 B12 I . -4.21 20.11 18.05
C18 B12 I . 0.98 18.81 18.48
C60 B12 I . 1.50 17.70 19.38
C61 B12 I . 0.57 17.52 20.57
O63 B12 I . -0.59 17.92 20.54
N62 B12 I . 1.08 16.92 21.65
C19 B12 I . 2.12 19.70 17.95
C1P B12 I . -5.64 19.95 18.29
C2P B12 I . -6.41 20.07 16.99
C3P B12 I . -7.86 19.67 17.18
O3 B12 I . -6.35 21.42 16.53
O4 B12 I . -7.10 22.94 14.62
O5 B12 I . -6.56 20.58 14.11
P B12 I . -6.22 21.78 14.97
O2 B12 I . -4.66 22.18 14.81
C3R B12 I . -4.22 23.50 15.14
C2R B12 I . -3.14 23.47 16.18
O7R B12 I . -2.54 22.19 16.22
C1R B12 I . -2.14 24.53 15.71
O6R B12 I . -2.33 24.68 14.29
C4R B12 I . -3.64 24.18 13.91
C5R B12 I . -4.51 25.34 13.46
O8R B12 I . -4.66 25.27 12.03
N1B B12 I . -0.70 24.23 16.04
C8B B12 I . 0.10 25.01 16.75
C2B B12 I . 0.02 23.14 15.62
N3B B12 I . 1.30 23.23 16.09
C9B B12 I . 1.42 24.35 16.80
C4B B12 I . 2.47 24.93 17.51
C5B B12 I . 2.28 26.15 18.16
C5M B12 I . 3.41 26.77 18.92
C6B B12 I . 0.94 26.81 18.12
C6M B12 I . 0.72 28.11 18.83
C7B B12 I . -0.10 26.22 17.41
#